data_2EBM
#
_entry.id   2EBM
#
_entity_poly.entity_id   1
_entity_poly.type   'polypeptide(L)'
_entity_poly.pdbx_seq_one_letter_code
;GSSGSSGMTDYGEEQRNELEALESIYPDSFTVLSENPPSFTITVTSEAGENDETVQTTLKFTYSEKYPDEAPLYEIFSQE
NLEDNDVSDILKLLALQAEENLGMVMIFTLVTAVQEKLNEIVDQIKTR
;
_entity_poly.pdbx_strand_id   A
#
# COMPACT_ATOMS: atom_id res chain seq x y z
N GLY A 1 3.61 2.24 24.47
CA GLY A 1 3.05 0.93 24.70
C GLY A 1 2.14 0.89 25.91
N SER A 2 0.84 0.70 25.67
CA SER A 2 -0.12 0.65 26.76
C SER A 2 0.04 -0.63 27.58
N SER A 3 -0.25 -0.52 28.87
CA SER A 3 -0.13 -1.67 29.77
C SER A 3 -1.19 -2.72 29.46
N GLY A 4 -0.80 -3.74 28.72
CA GLY A 4 -1.74 -4.80 28.36
C GLY A 4 -1.80 -5.04 26.86
N SER A 5 -2.79 -4.43 26.22
CA SER A 5 -2.97 -4.57 24.78
C SER A 5 -2.65 -6.00 24.33
N SER A 6 -3.10 -6.97 25.12
CA SER A 6 -2.86 -8.37 24.81
C SER A 6 -4.17 -9.15 24.76
N GLY A 7 -4.46 -9.76 23.61
CA GLY A 7 -5.68 -10.53 23.45
C GLY A 7 -6.68 -9.85 22.55
N MET A 8 -7.77 -9.38 23.13
CA MET A 8 -8.81 -8.70 22.35
C MET A 8 -8.20 -7.65 21.43
N THR A 9 -8.43 -7.81 20.13
CA THR A 9 -7.91 -6.87 19.15
C THR A 9 -9.03 -6.28 18.29
N ASP A 10 -9.28 -4.99 18.45
CA ASP A 10 -10.32 -4.31 17.71
C ASP A 10 -9.91 -4.12 16.25
N TYR A 11 -10.68 -4.70 15.34
CA TYR A 11 -10.39 -4.58 13.92
C TYR A 11 -11.09 -3.38 13.30
N GLY A 12 -12.34 -3.15 13.71
CA GLY A 12 -13.09 -2.03 13.19
C GLY A 12 -12.51 -0.69 13.61
N GLU A 13 -11.94 -0.65 14.81
CA GLU A 13 -11.35 0.57 15.34
C GLU A 13 -10.00 0.85 14.69
N GLU A 14 -9.12 -0.15 14.72
CA GLU A 14 -7.80 -0.01 14.13
C GLU A 14 -7.86 0.70 12.79
N GLN A 15 -8.59 0.12 11.85
CA GLN A 15 -8.74 0.69 10.52
C GLN A 15 -9.11 2.16 10.61
N ARG A 16 -10.34 2.43 11.07
CA ARG A 16 -10.82 3.80 11.20
C ARG A 16 -9.69 4.74 11.63
N ASN A 17 -9.09 4.44 12.77
CA ASN A 17 -8.00 5.26 13.30
C ASN A 17 -6.99 5.57 12.20
N GLU A 18 -6.34 4.53 11.69
CA GLU A 18 -5.34 4.69 10.65
C GLU A 18 -5.84 5.65 9.56
N LEU A 19 -6.93 5.28 8.92
CA LEU A 19 -7.51 6.10 7.86
C LEU A 19 -7.42 7.58 8.20
N GLU A 20 -8.07 7.97 9.30
CA GLU A 20 -8.06 9.36 9.74
C GLU A 20 -6.70 10.00 9.49
N ALA A 21 -5.64 9.26 9.78
CA ALA A 21 -4.28 9.75 9.58
C ALA A 21 -3.96 9.88 8.11
N LEU A 22 -4.21 8.82 7.35
CA LEU A 22 -3.95 8.80 5.92
C LEU A 22 -4.66 9.96 5.23
N GLU A 23 -5.62 10.56 5.91
CA GLU A 23 -6.38 11.67 5.36
C GLU A 23 -5.56 12.97 5.44
N SER A 24 -4.72 13.07 6.45
CA SER A 24 -3.88 14.26 6.63
C SER A 24 -2.55 14.09 5.91
N ILE A 25 -1.97 12.89 6.01
CA ILE A 25 -0.70 12.61 5.37
C ILE A 25 -0.82 12.64 3.84
N TYR A 26 -1.88 12.02 3.34
CA TYR A 26 -2.11 11.98 1.90
C TYR A 26 -3.38 12.75 1.52
N PRO A 27 -3.25 14.09 1.46
CA PRO A 27 -4.37 14.97 1.12
C PRO A 27 -4.80 14.84 -0.33
N ASP A 28 -3.83 14.55 -1.20
CA ASP A 28 -4.10 14.39 -2.63
C ASP A 28 -3.62 13.04 -3.13
N SER A 29 -2.85 12.34 -2.29
CA SER A 29 -2.31 11.03 -2.65
C SER A 29 -3.10 9.92 -1.97
N PHE A 30 -4.41 10.13 -1.83
CA PHE A 30 -5.28 9.14 -1.20
C PHE A 30 -6.75 9.44 -1.49
N THR A 31 -7.40 8.54 -2.21
CA THR A 31 -8.81 8.70 -2.57
C THR A 31 -9.63 7.50 -2.12
N VAL A 32 -10.63 7.75 -1.27
CA VAL A 32 -11.49 6.70 -0.77
C VAL A 32 -12.51 6.28 -1.81
N LEU A 33 -12.34 5.08 -2.36
CA LEU A 33 -13.25 4.56 -3.38
C LEU A 33 -14.58 4.15 -2.75
N SER A 34 -14.51 3.35 -1.70
CA SER A 34 -15.70 2.88 -1.01
C SER A 34 -15.58 3.08 0.50
N GLU A 35 -16.67 2.79 1.22
CA GLU A 35 -16.67 2.95 2.67
C GLU A 35 -17.06 1.63 3.35
N ASN A 36 -18.04 0.94 2.78
CA ASN A 36 -18.49 -0.33 3.34
C ASN A 36 -18.68 -1.37 2.23
N PRO A 37 -17.65 -2.21 2.05
CA PRO A 37 -16.41 -2.15 2.84
C PRO A 37 -15.58 -0.91 2.54
N PRO A 38 -14.84 -0.43 3.54
CA PRO A 38 -13.98 0.75 3.40
C PRO A 38 -12.78 0.49 2.50
N SER A 39 -12.89 0.88 1.24
CA SER A 39 -11.82 0.70 0.27
C SER A 39 -11.23 2.03 -0.16
N PHE A 40 -9.93 2.03 -0.46
CA PHE A 40 -9.25 3.24 -0.89
C PHE A 40 -7.97 2.91 -1.66
N THR A 41 -7.52 3.85 -2.49
CA THR A 41 -6.32 3.65 -3.29
C THR A 41 -5.32 4.77 -3.05
N ILE A 42 -4.04 4.45 -3.19
CA ILE A 42 -2.98 5.44 -2.98
C ILE A 42 -2.25 5.73 -4.29
N THR A 43 -1.56 6.86 -4.34
CA THR A 43 -0.81 7.26 -5.52
C THR A 43 0.66 7.46 -5.21
N VAL A 44 1.51 6.61 -5.76
CA VAL A 44 2.95 6.70 -5.55
C VAL A 44 3.70 6.91 -6.85
N THR A 45 4.50 7.97 -6.90
CA THR A 45 5.28 8.29 -8.10
C THR A 45 6.76 8.35 -7.80
N SER A 46 7.55 7.56 -8.51
CA SER A 46 9.00 7.52 -8.32
C SER A 46 9.63 8.84 -8.73
N GLU A 47 10.87 9.05 -8.30
CA GLU A 47 11.60 10.28 -8.62
C GLU A 47 12.19 10.22 -10.03
N ALA A 48 12.48 11.38 -10.59
CA ALA A 48 13.06 11.45 -11.94
C ALA A 48 14.27 10.54 -12.06
N GLY A 49 14.15 9.50 -12.88
CA GLY A 49 15.25 8.57 -13.07
C GLY A 49 16.44 9.22 -13.73
N GLU A 50 17.20 8.43 -14.50
CA GLU A 50 18.38 8.93 -15.19
C GLU A 50 17.97 9.87 -16.32
N ASN A 51 16.92 9.51 -17.04
CA ASN A 51 16.43 10.33 -18.14
C ASN A 51 15.08 10.94 -17.82
N ASP A 52 14.91 11.37 -16.57
CA ASP A 52 13.65 11.96 -16.14
C ASP A 52 12.50 10.98 -16.26
N GLU A 53 12.75 9.72 -15.89
CA GLU A 53 11.74 8.68 -15.96
C GLU A 53 10.98 8.56 -14.64
N THR A 54 9.65 8.49 -14.74
CA THR A 54 8.81 8.38 -13.56
C THR A 54 7.69 7.35 -13.77
N VAL A 55 7.52 6.45 -12.80
CA VAL A 55 6.49 5.43 -12.89
C VAL A 55 5.43 5.63 -11.81
N GLN A 56 4.23 5.14 -12.09
CA GLN A 56 3.12 5.27 -11.13
C GLN A 56 2.24 4.02 -11.16
N THR A 57 1.90 3.53 -9.97
CA THR A 57 1.06 2.34 -9.85
C THR A 57 -0.04 2.54 -8.80
N THR A 58 -1.28 2.63 -9.26
CA THR A 58 -2.40 2.82 -8.36
C THR A 58 -2.73 1.53 -7.61
N LEU A 59 -2.41 1.51 -6.32
CA LEU A 59 -2.66 0.34 -5.49
C LEU A 59 -4.04 0.42 -4.84
N LYS A 60 -4.70 -0.73 -4.72
CA LYS A 60 -6.03 -0.79 -4.12
C LYS A 60 -6.00 -1.58 -2.82
N PHE A 61 -6.15 -0.88 -1.70
CA PHE A 61 -6.15 -1.52 -0.39
C PHE A 61 -7.56 -1.67 0.15
N THR A 62 -7.95 -2.91 0.45
CA THR A 62 -9.29 -3.19 0.98
C THR A 62 -9.21 -3.85 2.34
N TYR A 63 -9.93 -3.29 3.30
CA TYR A 63 -9.94 -3.84 4.66
C TYR A 63 -10.84 -5.07 4.74
N SER A 64 -10.25 -6.18 5.14
CA SER A 64 -10.99 -7.43 5.26
C SER A 64 -11.52 -7.62 6.69
N GLU A 65 -12.14 -8.78 6.94
CA GLU A 65 -12.67 -9.08 8.26
C GLU A 65 -11.56 -9.35 9.25
N LYS A 66 -10.43 -9.82 8.74
CA LYS A 66 -9.28 -10.12 9.59
C LYS A 66 -8.15 -9.13 9.35
N TYR A 67 -8.21 -7.99 10.06
CA TYR A 67 -7.20 -6.96 9.91
C TYR A 67 -7.22 -6.02 11.12
N PRO A 68 -6.02 -5.60 11.56
CA PRO A 68 -4.75 -6.00 10.93
C PRO A 68 -4.43 -7.47 11.18
N ASP A 69 -5.29 -8.14 11.96
CA ASP A 69 -5.09 -9.55 12.27
C ASP A 69 -4.48 -10.29 11.09
N GLU A 70 -5.14 -10.19 9.94
CA GLU A 70 -4.66 -10.86 8.72
C GLU A 70 -4.27 -9.83 7.66
N ALA A 71 -3.37 -10.23 6.77
CA ALA A 71 -2.92 -9.35 5.69
C ALA A 71 -4.09 -8.84 4.87
N PRO A 72 -4.09 -7.52 4.58
CA PRO A 72 -5.15 -6.89 3.79
C PRO A 72 -5.13 -7.32 2.33
N LEU A 73 -6.03 -6.75 1.54
CA LEU A 73 -6.11 -7.06 0.12
C LEU A 73 -5.35 -6.03 -0.72
N TYR A 74 -4.31 -6.49 -1.41
CA TYR A 74 -3.50 -5.59 -2.25
C TYR A 74 -3.62 -5.98 -3.71
N GLU A 75 -4.04 -5.02 -4.54
CA GLU A 75 -4.19 -5.26 -5.97
C GLU A 75 -3.77 -4.03 -6.77
N ILE A 76 -3.40 -4.25 -8.03
CA ILE A 76 -2.97 -3.16 -8.90
C ILE A 76 -4.05 -2.82 -9.92
N PHE A 77 -4.79 -1.75 -9.65
CA PHE A 77 -5.86 -1.31 -10.55
C PHE A 77 -5.29 -0.82 -11.88
N SER A 78 -4.31 0.07 -11.80
CA SER A 78 -3.68 0.63 -13.00
C SER A 78 -2.20 0.88 -12.76
N GLN A 79 -1.41 0.79 -13.83
CA GLN A 79 0.03 1.02 -13.73
C GLN A 79 0.56 1.66 -15.01
N GLU A 80 1.69 2.37 -14.88
CA GLU A 80 2.30 3.03 -16.03
C GLU A 80 3.79 2.71 -16.12
N ASN A 81 4.33 2.76 -17.33
CA ASN A 81 5.74 2.47 -17.54
C ASN A 81 6.17 1.24 -16.75
N LEU A 82 5.38 0.18 -16.82
CA LEU A 82 5.68 -1.05 -16.10
C LEU A 82 5.23 -2.27 -16.92
N GLU A 83 6.01 -3.34 -16.84
CA GLU A 83 5.69 -4.57 -17.56
C GLU A 83 5.21 -5.65 -16.60
N ASP A 84 4.56 -6.68 -17.15
CA ASP A 84 4.04 -7.78 -16.34
C ASP A 84 5.06 -8.19 -15.28
N ASN A 85 6.33 -8.21 -15.65
CA ASN A 85 7.40 -8.59 -14.72
C ASN A 85 7.56 -7.53 -13.64
N ASP A 86 7.92 -6.32 -14.05
CA ASP A 86 8.11 -5.22 -13.10
C ASP A 86 6.94 -5.14 -12.12
N VAL A 87 5.73 -5.29 -12.63
CA VAL A 87 4.54 -5.23 -11.80
C VAL A 87 4.50 -6.39 -10.81
N SER A 88 4.94 -7.56 -11.26
CA SER A 88 4.95 -8.75 -10.42
C SER A 88 5.94 -8.58 -9.27
N ASP A 89 7.14 -8.11 -9.59
CA ASP A 89 8.18 -7.90 -8.58
C ASP A 89 7.66 -7.05 -7.43
N ILE A 90 6.88 -6.03 -7.77
CA ILE A 90 6.32 -5.14 -6.75
C ILE A 90 5.31 -5.88 -5.87
N LEU A 91 4.79 -7.00 -6.37
CA LEU A 91 3.83 -7.79 -5.63
C LEU A 91 4.53 -8.76 -4.69
N LYS A 92 5.29 -9.69 -5.26
CA LYS A 92 6.02 -10.68 -4.47
C LYS A 92 6.69 -10.03 -3.26
N LEU A 93 7.08 -8.77 -3.43
CA LEU A 93 7.73 -8.02 -2.36
C LEU A 93 6.78 -7.83 -1.17
N LEU A 94 5.64 -7.20 -1.42
CA LEU A 94 4.65 -6.95 -0.38
C LEU A 94 4.39 -8.22 0.42
N ALA A 95 4.09 -9.31 -0.28
CA ALA A 95 3.82 -10.58 0.37
C ALA A 95 4.73 -10.79 1.58
N LEU A 96 6.02 -10.57 1.39
CA LEU A 96 6.99 -10.73 2.46
C LEU A 96 6.85 -9.61 3.50
N GLN A 97 6.60 -8.41 3.02
CA GLN A 97 6.45 -7.25 3.90
C GLN A 97 5.20 -7.40 4.78
N ALA A 98 4.03 -7.40 4.15
CA ALA A 98 2.77 -7.54 4.87
C ALA A 98 2.77 -8.80 5.73
N GLU A 99 3.38 -9.86 5.21
CA GLU A 99 3.45 -11.13 5.94
C GLU A 99 4.16 -10.96 7.28
N GLU A 100 5.25 -10.20 7.27
CA GLU A 100 6.02 -9.95 8.48
C GLU A 100 5.35 -8.90 9.35
N ASN A 101 4.54 -8.04 8.72
CA ASN A 101 3.84 -6.99 9.44
C ASN A 101 2.55 -7.51 10.05
N LEU A 102 2.10 -8.66 9.55
CA LEU A 102 0.87 -9.28 10.05
C LEU A 102 0.71 -9.05 11.54
N GLY A 103 -0.48 -8.62 11.95
CA GLY A 103 -0.75 -8.37 13.36
C GLY A 103 -1.00 -6.91 13.65
N MET A 104 -0.71 -6.04 12.68
CA MET A 104 -0.91 -4.61 12.84
C MET A 104 -1.00 -3.92 11.49
N VAL A 105 -1.74 -2.82 11.43
CA VAL A 105 -1.90 -2.06 10.21
C VAL A 105 -0.57 -1.95 9.44
N MET A 106 -0.59 -2.36 8.17
CA MET A 106 0.61 -2.31 7.34
C MET A 106 0.35 -1.48 6.09
N ILE A 107 -0.39 -0.39 6.24
CA ILE A 107 -0.70 0.49 5.12
C ILE A 107 0.46 1.45 4.84
N PHE A 108 0.81 2.25 5.83
CA PHE A 108 1.89 3.21 5.70
C PHE A 108 3.23 2.50 5.43
N THR A 109 3.30 1.24 5.85
CA THR A 109 4.50 0.44 5.66
C THR A 109 4.65 0.00 4.21
N LEU A 110 3.64 -0.69 3.70
CA LEU A 110 3.66 -1.17 2.33
C LEU A 110 4.08 -0.07 1.37
N VAL A 111 3.34 1.03 1.36
CA VAL A 111 3.64 2.16 0.49
C VAL A 111 5.14 2.46 0.50
N THR A 112 5.73 2.52 1.69
CA THR A 112 7.15 2.80 1.83
C THR A 112 7.98 1.81 1.04
N ALA A 113 7.81 0.53 1.33
CA ALA A 113 8.55 -0.52 0.63
C ALA A 113 8.34 -0.43 -0.88
N VAL A 114 7.12 -0.13 -1.28
CA VAL A 114 6.79 -0.01 -2.71
C VAL A 114 7.56 1.14 -3.35
N GLN A 115 7.45 2.32 -2.75
CA GLN A 115 8.13 3.50 -3.26
C GLN A 115 9.56 3.18 -3.68
N GLU A 116 10.33 2.61 -2.75
CA GLU A 116 11.71 2.25 -3.03
C GLU A 116 11.81 1.38 -4.28
N LYS A 117 10.91 0.41 -4.39
CA LYS A 117 10.89 -0.49 -5.53
C LYS A 117 10.81 0.30 -6.84
N LEU A 118 9.78 1.14 -6.96
CA LEU A 118 9.58 1.94 -8.15
C LEU A 118 10.84 2.74 -8.49
N ASN A 119 11.43 3.37 -7.48
CA ASN A 119 12.64 4.16 -7.66
C ASN A 119 13.78 3.28 -8.19
N GLU A 120 13.81 2.04 -7.74
CA GLU A 120 14.85 1.10 -8.17
C GLU A 120 14.64 0.67 -9.62
N ILE A 121 13.38 0.37 -9.96
CA ILE A 121 13.04 -0.06 -11.31
C ILE A 121 13.22 1.09 -12.30
N VAL A 122 12.52 2.18 -12.08
CA VAL A 122 12.60 3.35 -12.96
C VAL A 122 14.05 3.74 -13.20
N ASP A 123 14.88 3.55 -12.19
CA ASP A 123 16.31 3.88 -12.31
C ASP A 123 17.05 2.82 -13.11
N GLN A 124 16.70 1.56 -12.90
CA GLN A 124 17.33 0.45 -13.61
C GLN A 124 17.18 0.61 -15.11
N ILE A 125 16.06 1.19 -15.53
CA ILE A 125 15.79 1.40 -16.95
C ILE A 125 16.93 2.17 -17.62
N LYS A 126 17.49 3.14 -16.89
CA LYS A 126 18.58 3.94 -17.41
C LYS A 126 19.60 3.07 -18.15
N THR A 127 19.64 1.79 -17.80
CA THR A 127 20.56 0.85 -18.41
C THR A 127 20.27 0.70 -19.90
N ARG A 128 19.03 0.35 -20.23
CA ARG A 128 18.62 0.19 -21.61
C ARG A 128 19.28 1.23 -22.51
N GLY A 1 -5.44 12.11 25.26
CA GLY A 1 -4.29 11.26 25.04
C GLY A 1 -4.65 9.79 25.03
N SER A 2 -3.64 8.93 25.12
CA SER A 2 -3.86 7.48 25.12
C SER A 2 -4.15 6.98 26.53
N SER A 3 -5.20 6.19 26.66
CA SER A 3 -5.59 5.64 27.96
C SER A 3 -6.58 4.49 27.79
N GLY A 4 -6.86 3.79 28.89
CA GLY A 4 -7.78 2.67 28.84
C GLY A 4 -7.07 1.33 28.79
N SER A 5 -7.74 0.29 29.27
CA SER A 5 -7.15 -1.05 29.28
C SER A 5 -8.11 -2.06 28.64
N SER A 6 -7.61 -2.80 27.65
CA SER A 6 -8.42 -3.79 26.96
C SER A 6 -7.54 -4.94 26.45
N GLY A 7 -7.86 -6.16 26.89
CA GLY A 7 -7.10 -7.32 26.47
C GLY A 7 -7.15 -7.54 24.97
N MET A 8 -8.36 -7.65 24.42
CA MET A 8 -8.53 -7.86 23.00
C MET A 8 -8.13 -6.61 22.21
N THR A 9 -7.88 -6.80 20.92
CA THR A 9 -7.49 -5.69 20.05
C THR A 9 -8.59 -5.33 19.07
N ASP A 10 -9.33 -4.28 19.36
CA ASP A 10 -10.42 -3.83 18.50
C ASP A 10 -9.90 -3.54 17.10
N TYR A 11 -9.97 -4.53 16.22
CA TYR A 11 -9.52 -4.38 14.85
C TYR A 11 -10.26 -3.24 14.15
N GLY A 12 -11.59 -3.27 14.22
CA GLY A 12 -12.38 -2.23 13.60
C GLY A 12 -11.94 -0.84 13.99
N GLU A 13 -11.34 -0.72 15.17
CA GLU A 13 -10.88 0.56 15.66
C GLU A 13 -9.57 0.97 14.98
N GLU A 14 -8.65 0.01 14.87
CA GLU A 14 -7.37 0.26 14.24
C GLU A 14 -7.53 0.55 12.75
N GLN A 15 -8.61 0.02 12.17
CA GLN A 15 -8.87 0.21 10.75
C GLN A 15 -9.29 1.65 10.47
N ARG A 16 -9.92 2.28 11.46
CA ARG A 16 -10.37 3.66 11.32
C ARG A 16 -9.32 4.63 11.83
N ASN A 17 -8.81 4.38 13.03
CA ASN A 17 -7.79 5.24 13.64
C ASN A 17 -6.63 5.45 12.67
N GLU A 18 -6.55 4.60 11.66
CA GLU A 18 -5.47 4.70 10.67
C GLU A 18 -5.89 5.59 9.50
N LEU A 19 -7.17 5.52 9.15
CA LEU A 19 -7.70 6.32 8.05
C LEU A 19 -7.63 7.80 8.36
N GLU A 20 -7.93 8.16 9.61
CA GLU A 20 -7.89 9.55 10.03
C GLU A 20 -6.51 10.15 9.82
N ALA A 21 -5.48 9.38 10.16
CA ALA A 21 -4.10 9.82 10.01
C ALA A 21 -3.65 9.76 8.55
N LEU A 22 -4.13 8.74 7.85
CA LEU A 22 -3.77 8.56 6.43
C LEU A 22 -4.34 9.71 5.59
N GLU A 23 -5.44 10.29 6.05
CA GLU A 23 -6.08 11.39 5.33
C GLU A 23 -5.14 12.60 5.27
N SER A 24 -4.37 12.81 6.32
CA SER A 24 -3.45 13.93 6.38
C SER A 24 -2.20 13.65 5.55
N ILE A 25 -1.55 12.53 5.84
CA ILE A 25 -0.34 12.15 5.12
C ILE A 25 -0.60 12.05 3.62
N TYR A 26 -1.85 11.73 3.27
CA TYR A 26 -2.22 11.60 1.87
C TYR A 26 -3.54 12.34 1.58
N PRO A 27 -3.44 13.66 1.38
CA PRO A 27 -4.60 14.50 1.10
C PRO A 27 -5.19 14.23 -0.28
N ASP A 28 -4.38 13.73 -1.19
CA ASP A 28 -4.82 13.42 -2.54
C ASP A 28 -4.57 11.95 -2.88
N SER A 29 -3.31 11.54 -2.81
CA SER A 29 -2.93 10.16 -3.10
C SER A 29 -3.97 9.19 -2.56
N PHE A 30 -4.64 9.59 -1.48
CA PHE A 30 -5.65 8.74 -0.85
C PHE A 30 -7.04 9.04 -1.45
N THR A 31 -7.41 8.26 -2.46
CA THR A 31 -8.70 8.43 -3.11
C THR A 31 -9.63 7.28 -2.78
N VAL A 32 -10.69 7.57 -2.02
CA VAL A 32 -11.65 6.55 -1.63
C VAL A 32 -12.45 6.08 -2.84
N LEU A 33 -12.56 4.76 -2.98
CA LEU A 33 -13.31 4.17 -4.09
C LEU A 33 -14.77 3.97 -3.73
N SER A 34 -15.00 3.39 -2.55
CA SER A 34 -16.37 3.14 -2.08
C SER A 34 -16.46 3.32 -0.57
N GLU A 35 -17.48 4.03 -0.12
CA GLU A 35 -17.68 4.27 1.30
C GLU A 35 -17.80 2.95 2.06
N ASN A 36 -18.43 1.97 1.43
CA ASN A 36 -18.63 0.65 2.03
C ASN A 36 -18.66 -0.44 0.98
N PRO A 37 -17.73 -1.40 1.10
CA PRO A 37 -16.75 -1.42 2.18
C PRO A 37 -15.71 -0.32 2.03
N PRO A 38 -14.94 -0.09 3.10
CA PRO A 38 -13.89 0.95 3.11
C PRO A 38 -12.71 0.59 2.22
N SER A 39 -12.84 0.86 0.93
CA SER A 39 -11.79 0.57 -0.03
C SER A 39 -11.25 1.85 -0.65
N PHE A 40 -9.93 2.02 -0.61
CA PHE A 40 -9.29 3.19 -1.17
C PHE A 40 -8.03 2.81 -1.96
N THR A 41 -7.45 3.79 -2.64
CA THR A 41 -6.25 3.56 -3.43
C THR A 41 -5.20 4.63 -3.17
N ILE A 42 -3.93 4.22 -3.15
CA ILE A 42 -2.83 5.14 -2.91
C ILE A 42 -1.97 5.31 -4.16
N THR A 43 -1.75 6.57 -4.55
CA THR A 43 -0.94 6.86 -5.73
C THR A 43 0.50 7.17 -5.34
N VAL A 44 1.43 6.43 -5.93
CA VAL A 44 2.85 6.63 -5.65
C VAL A 44 3.65 6.80 -6.94
N THR A 45 4.44 7.85 -6.99
CA THR A 45 5.26 8.15 -8.17
C THR A 45 6.74 7.99 -7.87
N SER A 46 7.49 7.48 -8.84
CA SER A 46 8.93 7.27 -8.67
C SER A 46 9.70 8.57 -8.93
N GLU A 47 10.97 8.58 -8.56
CA GLU A 47 11.82 9.75 -8.75
C GLU A 47 12.19 9.92 -10.21
N ALA A 48 12.10 11.14 -10.71
CA ALA A 48 12.43 11.43 -12.10
C ALA A 48 13.85 10.98 -12.43
N GLY A 49 13.97 10.14 -13.46
CA GLY A 49 15.28 9.64 -13.86
C GLY A 49 16.01 10.61 -14.76
N GLU A 50 16.80 10.07 -15.69
CA GLU A 50 17.56 10.90 -16.62
C GLU A 50 16.63 11.79 -17.44
N ASN A 51 15.73 11.17 -18.19
CA ASN A 51 14.78 11.91 -19.02
C ASN A 51 13.49 12.16 -18.27
N ASP A 52 13.60 12.47 -16.98
CA ASP A 52 12.43 12.73 -16.14
C ASP A 52 11.51 11.52 -16.10
N GLU A 53 12.08 10.34 -16.29
CA GLU A 53 11.30 9.11 -16.28
C GLU A 53 10.62 8.92 -14.92
N THR A 54 9.30 8.79 -14.95
CA THR A 54 8.52 8.60 -13.73
C THR A 54 7.47 7.51 -13.90
N VAL A 55 7.41 6.60 -12.94
CA VAL A 55 6.44 5.50 -12.99
C VAL A 55 5.40 5.64 -11.89
N GLN A 56 4.19 5.15 -12.16
CA GLN A 56 3.11 5.22 -11.19
C GLN A 56 2.31 3.92 -11.18
N THR A 57 1.79 3.56 -10.01
CA THR A 57 1.00 2.34 -9.87
C THR A 57 -0.09 2.51 -8.82
N THR A 58 -1.34 2.47 -9.27
CA THR A 58 -2.48 2.62 -8.36
C THR A 58 -2.63 1.40 -7.47
N LEU A 59 -2.23 1.54 -6.21
CA LEU A 59 -2.33 0.45 -5.24
C LEU A 59 -3.65 0.51 -4.49
N LYS A 60 -4.52 -0.47 -4.74
CA LYS A 60 -5.82 -0.54 -4.08
C LYS A 60 -5.74 -1.42 -2.84
N PHE A 61 -6.17 -0.88 -1.70
CA PHE A 61 -6.16 -1.61 -0.45
C PHE A 61 -7.56 -1.69 0.14
N THR A 62 -7.89 -2.86 0.69
CA THR A 62 -9.20 -3.08 1.29
C THR A 62 -9.08 -3.61 2.72
N TYR A 63 -9.78 -2.96 3.64
CA TYR A 63 -9.74 -3.36 5.04
C TYR A 63 -10.50 -4.68 5.25
N SER A 64 -9.76 -5.71 5.66
CA SER A 64 -10.36 -7.03 5.89
C SER A 64 -11.08 -7.06 7.24
N GLU A 65 -11.73 -8.20 7.52
CA GLU A 65 -12.46 -8.36 8.77
C GLU A 65 -11.50 -8.63 9.93
N LYS A 66 -10.55 -9.54 9.70
CA LYS A 66 -9.56 -9.89 10.72
C LYS A 66 -8.45 -8.84 10.78
N TYR A 67 -7.98 -8.41 9.63
CA TYR A 67 -6.91 -7.42 9.55
C TYR A 67 -7.04 -6.40 10.69
N PRO A 68 -5.89 -5.91 11.17
CA PRO A 68 -4.57 -6.31 10.64
C PRO A 68 -4.23 -7.74 11.01
N ASP A 69 -5.00 -8.33 11.92
CA ASP A 69 -4.77 -9.70 12.35
C ASP A 69 -4.29 -10.57 11.19
N GLU A 70 -4.95 -10.43 10.04
CA GLU A 70 -4.59 -11.21 8.85
C GLU A 70 -4.16 -10.28 7.72
N ALA A 71 -3.38 -10.83 6.79
CA ALA A 71 -2.90 -10.05 5.65
C ALA A 71 -4.06 -9.41 4.90
N PRO A 72 -3.92 -8.10 4.59
CA PRO A 72 -4.95 -7.35 3.87
C PRO A 72 -5.07 -7.78 2.41
N LEU A 73 -5.73 -6.95 1.62
CA LEU A 73 -5.91 -7.24 0.20
C LEU A 73 -5.33 -6.12 -0.67
N TYR A 74 -4.33 -6.46 -1.46
CA TYR A 74 -3.69 -5.49 -2.34
C TYR A 74 -3.90 -5.86 -3.81
N GLU A 75 -4.01 -4.84 -4.66
CA GLU A 75 -4.21 -5.06 -6.08
C GLU A 75 -3.95 -3.78 -6.87
N ILE A 76 -3.33 -3.93 -8.04
CA ILE A 76 -3.02 -2.78 -8.90
C ILE A 76 -4.13 -2.54 -9.92
N PHE A 77 -4.86 -1.44 -9.75
CA PHE A 77 -5.95 -1.09 -10.66
C PHE A 77 -5.40 -0.62 -12.00
N SER A 78 -4.31 0.14 -11.96
CA SER A 78 -3.69 0.66 -13.17
C SER A 78 -2.18 0.78 -12.99
N GLN A 79 -1.45 0.50 -14.07
CA GLN A 79 0.01 0.58 -14.04
C GLN A 79 0.56 1.15 -15.34
N GLU A 80 1.75 1.74 -15.28
CA GLU A 80 2.37 2.32 -16.46
C GLU A 80 3.88 2.14 -16.41
N ASN A 81 4.50 1.96 -17.58
CA ASN A 81 5.94 1.78 -17.67
C ASN A 81 6.40 0.62 -16.79
N LEU A 82 5.61 -0.45 -16.76
CA LEU A 82 5.94 -1.62 -15.95
C LEU A 82 5.43 -2.89 -16.62
N GLU A 83 6.35 -3.79 -16.94
CA GLU A 83 6.01 -5.05 -17.58
C GLU A 83 5.51 -6.07 -16.56
N ASP A 84 4.74 -7.04 -17.02
CA ASP A 84 4.21 -8.08 -16.14
C ASP A 84 5.21 -8.43 -15.05
N ASN A 85 6.45 -8.69 -15.46
CA ASN A 85 7.49 -9.05 -14.51
C ASN A 85 7.59 -8.01 -13.38
N ASP A 86 7.78 -6.76 -13.76
CA ASP A 86 7.88 -5.67 -12.78
C ASP A 86 6.68 -5.67 -11.85
N VAL A 87 5.48 -5.64 -12.43
CA VAL A 87 4.27 -5.63 -11.64
C VAL A 87 4.19 -6.84 -10.71
N SER A 88 4.68 -7.97 -11.19
CA SER A 88 4.68 -9.20 -10.41
C SER A 88 5.71 -9.14 -9.28
N ASP A 89 6.85 -8.53 -9.58
CA ASP A 89 7.91 -8.39 -8.60
C ASP A 89 7.49 -7.48 -7.45
N ILE A 90 6.72 -6.44 -7.78
CA ILE A 90 6.24 -5.50 -6.78
C ILE A 90 5.15 -6.12 -5.91
N LEU A 91 4.29 -6.92 -6.54
CA LEU A 91 3.19 -7.58 -5.83
C LEU A 91 3.73 -8.45 -4.70
N LYS A 92 4.72 -9.27 -5.02
CA LYS A 92 5.31 -10.16 -4.03
C LYS A 92 5.86 -9.37 -2.84
N LEU A 93 6.61 -8.32 -3.13
CA LEU A 93 7.19 -7.47 -2.09
C LEU A 93 6.16 -7.13 -1.04
N LEU A 94 5.03 -6.57 -1.47
CA LEU A 94 3.96 -6.19 -0.56
C LEU A 94 3.56 -7.37 0.32
N ALA A 95 3.31 -8.52 -0.31
CA ALA A 95 2.93 -9.71 0.42
C ALA A 95 3.85 -9.96 1.61
N LEU A 96 5.10 -10.33 1.31
CA LEU A 96 6.08 -10.60 2.36
C LEU A 96 5.96 -9.59 3.49
N GLN A 97 6.17 -8.31 3.15
CA GLN A 97 6.08 -7.25 4.15
C GLN A 97 4.84 -7.41 5.01
N ALA A 98 3.68 -7.45 4.36
CA ALA A 98 2.41 -7.60 5.08
C ALA A 98 2.46 -8.77 6.05
N GLU A 99 2.79 -9.95 5.51
CA GLU A 99 2.87 -11.16 6.33
C GLU A 99 3.74 -10.93 7.57
N GLU A 100 4.91 -10.32 7.35
CA GLU A 100 5.83 -10.03 8.45
C GLU A 100 5.21 -9.07 9.45
N ASN A 101 4.40 -8.15 8.95
CA ASN A 101 3.73 -7.15 9.79
C ASN A 101 2.37 -7.65 10.25
N LEU A 102 2.23 -8.96 10.34
CA LEU A 102 0.96 -9.57 10.76
C LEU A 102 0.70 -9.30 12.23
N GLY A 103 -0.40 -8.61 12.52
CA GLY A 103 -0.75 -8.30 13.89
C GLY A 103 -1.01 -6.82 14.10
N MET A 104 -0.84 -6.04 13.04
CA MET A 104 -1.06 -4.60 13.12
C MET A 104 -1.14 -3.98 11.73
N VAL A 105 -1.77 -2.81 11.64
CA VAL A 105 -1.92 -2.12 10.36
C VAL A 105 -0.57 -1.92 9.69
N MET A 106 -0.50 -2.25 8.40
CA MET A 106 0.74 -2.10 7.63
C MET A 106 0.47 -1.37 6.32
N ILE A 107 -0.25 -0.25 6.40
CA ILE A 107 -0.56 0.54 5.22
C ILE A 107 0.61 1.44 4.84
N PHE A 108 1.20 2.10 5.83
CA PHE A 108 2.33 2.98 5.59
C PHE A 108 3.56 2.20 5.16
N THR A 109 3.89 1.16 5.93
CA THR A 109 5.04 0.32 5.64
C THR A 109 4.96 -0.26 4.24
N LEU A 110 3.78 -0.73 3.87
CA LEU A 110 3.57 -1.31 2.55
C LEU A 110 3.93 -0.32 1.45
N VAL A 111 3.27 0.84 1.46
CA VAL A 111 3.53 1.88 0.47
C VAL A 111 5.00 2.27 0.45
N THR A 112 5.59 2.39 1.64
CA THR A 112 6.99 2.77 1.77
C THR A 112 7.88 1.82 0.97
N ALA A 113 7.74 0.52 1.23
CA ALA A 113 8.53 -0.49 0.55
C ALA A 113 8.38 -0.36 -0.97
N VAL A 114 7.16 -0.09 -1.42
CA VAL A 114 6.88 0.05 -2.84
C VAL A 114 7.59 1.27 -3.41
N GLN A 115 7.37 2.42 -2.80
CA GLN A 115 7.99 3.66 -3.24
C GLN A 115 9.38 3.40 -3.82
N GLU A 116 10.11 2.50 -3.17
CA GLU A 116 11.46 2.17 -3.61
C GLU A 116 11.42 1.19 -4.79
N LYS A 117 10.68 0.10 -4.61
CA LYS A 117 10.57 -0.92 -5.65
C LYS A 117 10.38 -0.28 -7.02
N LEU A 118 9.79 0.92 -7.04
CA LEU A 118 9.57 1.64 -8.28
C LEU A 118 10.72 2.59 -8.57
N ASN A 119 11.14 3.33 -7.55
CA ASN A 119 12.23 4.29 -7.71
C ASN A 119 13.55 3.56 -7.99
N GLU A 120 13.55 2.25 -7.79
CA GLU A 120 14.74 1.45 -8.03
C GLU A 120 14.85 1.04 -9.49
N ILE A 121 13.72 0.66 -10.08
CA ILE A 121 13.69 0.24 -11.48
C ILE A 121 13.81 1.43 -12.41
N VAL A 122 12.89 2.39 -12.27
CA VAL A 122 12.90 3.59 -13.10
C VAL A 122 14.32 4.12 -13.27
N ASP A 123 15.14 3.98 -12.24
CA ASP A 123 16.53 4.43 -12.29
C ASP A 123 17.39 3.48 -13.11
N GLN A 124 17.16 2.18 -12.94
CA GLN A 124 17.92 1.17 -13.66
C GLN A 124 17.83 1.40 -15.17
N ILE A 125 16.64 1.75 -15.63
CA ILE A 125 16.42 2.00 -17.06
C ILE A 125 17.58 2.77 -17.66
N LYS A 126 18.06 3.78 -16.93
CA LYS A 126 19.17 4.60 -17.39
C LYS A 126 20.17 3.76 -18.19
N THR A 127 20.48 2.56 -17.69
CA THR A 127 21.41 1.66 -18.35
C THR A 127 21.12 1.58 -19.86
N ARG A 128 19.89 1.21 -20.20
CA ARG A 128 19.49 1.10 -21.59
C ARG A 128 18.90 2.41 -22.10
N GLY A 1 -12.17 0.92 24.54
CA GLY A 1 -13.49 0.50 24.96
C GLY A 1 -14.22 1.58 25.72
N SER A 2 -15.41 1.92 25.26
CA SER A 2 -16.23 2.96 25.89
C SER A 2 -16.91 2.43 27.14
N SER A 3 -17.48 1.23 27.04
CA SER A 3 -18.16 0.60 28.16
C SER A 3 -17.75 -0.86 28.31
N GLY A 4 -17.63 -1.31 29.54
CA GLY A 4 -17.24 -2.69 29.80
C GLY A 4 -15.85 -2.79 30.41
N SER A 5 -15.64 -3.83 31.22
CA SER A 5 -14.35 -4.04 31.87
C SER A 5 -13.38 -4.73 30.92
N SER A 6 -13.81 -5.85 30.34
CA SER A 6 -12.98 -6.61 29.43
C SER A 6 -12.61 -5.77 28.21
N GLY A 7 -11.74 -6.33 27.36
CA GLY A 7 -11.32 -5.61 26.17
C GLY A 7 -10.39 -6.45 25.30
N MET A 8 -10.49 -6.24 23.98
CA MET A 8 -9.65 -6.98 23.05
C MET A 8 -9.14 -6.06 21.93
N THR A 9 -8.30 -6.60 21.06
CA THR A 9 -7.74 -5.83 19.96
C THR A 9 -8.79 -5.59 18.87
N ASP A 10 -9.61 -4.56 19.09
CA ASP A 10 -10.65 -4.21 18.13
C ASP A 10 -10.05 -3.95 16.75
N TYR A 11 -10.52 -4.71 15.76
CA TYR A 11 -10.03 -4.56 14.40
C TYR A 11 -10.67 -3.35 13.72
N GLY A 12 -11.99 -3.25 13.84
CA GLY A 12 -12.70 -2.13 13.24
C GLY A 12 -12.22 -0.78 13.73
N GLU A 13 -11.45 -0.80 14.83
CA GLU A 13 -10.93 0.42 15.41
C GLU A 13 -9.63 0.84 14.72
N GLU A 14 -8.79 -0.14 14.42
CA GLU A 14 -7.52 0.12 13.75
C GLU A 14 -7.73 0.56 12.31
N GLN A 15 -8.61 -0.15 11.61
CA GLN A 15 -8.91 0.17 10.22
C GLN A 15 -9.31 1.63 10.06
N ARG A 16 -9.99 2.16 11.07
CA ARG A 16 -10.42 3.55 11.04
C ARG A 16 -9.39 4.46 11.69
N ASN A 17 -9.15 4.25 12.99
CA ASN A 17 -8.19 5.05 13.72
C ASN A 17 -6.91 5.26 12.91
N GLU A 18 -6.63 4.32 12.01
CA GLU A 18 -5.45 4.42 11.16
C GLU A 18 -5.73 5.24 9.91
N LEU A 19 -6.93 5.08 9.36
CA LEU A 19 -7.32 5.81 8.15
C LEU A 19 -7.03 7.29 8.31
N GLU A 20 -7.40 7.86 9.45
CA GLU A 20 -7.18 9.27 9.71
C GLU A 20 -5.69 9.59 9.78
N ALA A 21 -4.92 8.64 10.30
CA ALA A 21 -3.47 8.80 10.42
C ALA A 21 -2.82 8.94 9.05
N LEU A 22 -3.52 8.48 8.01
CA LEU A 22 -3.01 8.56 6.65
C LEU A 22 -3.46 9.85 5.97
N GLU A 23 -4.68 10.27 6.27
CA GLU A 23 -5.22 11.49 5.68
C GLU A 23 -4.24 12.65 5.82
N SER A 24 -3.30 12.51 6.75
CA SER A 24 -2.30 13.54 7.00
C SER A 24 -1.13 13.41 6.02
N ILE A 25 -0.67 12.17 5.83
CA ILE A 25 0.45 11.90 4.94
C ILE A 25 0.05 12.15 3.49
N TYR A 26 -1.06 11.55 3.07
CA TYR A 26 -1.55 11.71 1.71
C TYR A 26 -2.97 12.25 1.70
N PRO A 27 -3.10 13.58 1.86
CA PRO A 27 -4.40 14.25 1.88
C PRO A 27 -5.06 14.27 0.50
N ASP A 28 -4.24 14.21 -0.54
CA ASP A 28 -4.75 14.22 -1.91
C ASP A 28 -4.59 12.85 -2.55
N SER A 29 -3.34 12.39 -2.67
CA SER A 29 -3.07 11.09 -3.26
C SER A 29 -4.02 10.02 -2.73
N PHE A 30 -4.59 10.28 -1.56
CA PHE A 30 -5.52 9.35 -0.95
C PHE A 30 -6.95 9.60 -1.41
N THR A 31 -7.54 8.62 -2.07
CA THR A 31 -8.89 8.73 -2.57
C THR A 31 -9.70 7.46 -2.32
N VAL A 32 -10.89 7.62 -1.77
CA VAL A 32 -11.75 6.48 -1.47
C VAL A 32 -12.50 6.02 -2.72
N LEU A 33 -12.91 4.75 -2.72
CA LEU A 33 -13.63 4.18 -3.85
C LEU A 33 -15.04 3.78 -3.45
N SER A 34 -15.16 3.04 -2.36
CA SER A 34 -16.45 2.58 -1.86
C SER A 34 -16.52 2.71 -0.34
N GLU A 35 -17.63 3.25 0.15
CA GLU A 35 -17.83 3.44 1.58
C GLU A 35 -17.73 2.09 2.31
N ASN A 36 -18.34 1.06 1.72
CA ASN A 36 -18.32 -0.26 2.32
C ASN A 36 -18.31 -1.34 1.24
N PRO A 37 -17.26 -2.17 1.24
CA PRO A 37 -16.17 -2.06 2.22
C PRO A 37 -15.31 -0.83 2.00
N PRO A 38 -14.58 -0.42 3.05
CA PRO A 38 -13.70 0.76 3.00
C PRO A 38 -12.49 0.53 2.11
N SER A 39 -12.63 0.89 0.83
CA SER A 39 -11.54 0.73 -0.13
C SER A 39 -11.07 2.08 -0.65
N PHE A 40 -9.79 2.16 -1.01
CA PHE A 40 -9.22 3.40 -1.53
C PHE A 40 -7.95 3.11 -2.34
N THR A 41 -7.57 4.07 -3.17
CA THR A 41 -6.38 3.92 -4.00
C THR A 41 -5.36 5.02 -3.70
N ILE A 42 -4.09 4.63 -3.62
CA ILE A 42 -3.02 5.58 -3.34
C ILE A 42 -2.13 5.78 -4.56
N THR A 43 -2.01 7.03 -5.00
CA THR A 43 -1.18 7.35 -6.16
C THR A 43 0.28 7.50 -5.77
N VAL A 44 1.11 6.58 -6.23
CA VAL A 44 2.55 6.61 -5.93
C VAL A 44 3.36 6.69 -7.21
N THR A 45 4.11 7.79 -7.37
CA THR A 45 4.94 7.99 -8.54
C THR A 45 6.42 8.00 -8.17
N SER A 46 7.21 7.23 -8.91
CA SER A 46 8.65 7.16 -8.66
C SER A 46 9.35 8.45 -9.05
N GLU A 47 10.56 8.63 -8.55
CA GLU A 47 11.34 9.84 -8.85
C GLU A 47 11.77 9.84 -10.31
N ALA A 48 12.37 10.95 -10.75
CA ALA A 48 12.84 11.09 -12.12
C ALA A 48 14.27 10.57 -12.26
N GLY A 49 14.45 9.60 -13.16
CA GLY A 49 15.77 9.04 -13.37
C GLY A 49 16.67 9.96 -14.17
N GLU A 50 17.16 9.46 -15.31
CA GLU A 50 18.04 10.25 -16.16
C GLU A 50 17.23 11.08 -17.16
N ASN A 51 16.38 10.41 -17.94
CA ASN A 51 15.56 11.07 -18.93
C ASN A 51 14.16 11.33 -18.38
N ASP A 52 14.08 11.99 -17.23
CA ASP A 52 12.81 12.31 -16.60
C ASP A 52 11.87 11.11 -16.67
N GLU A 53 12.43 9.91 -16.60
CA GLU A 53 11.64 8.68 -16.65
C GLU A 53 10.98 8.40 -15.30
N THR A 54 9.65 8.37 -15.30
CA THR A 54 8.90 8.11 -14.08
C THR A 54 7.85 7.03 -14.30
N VAL A 55 7.44 6.38 -13.21
CA VAL A 55 6.44 5.32 -13.29
C VAL A 55 5.38 5.50 -12.21
N GLN A 56 4.13 5.19 -12.56
CA GLN A 56 3.02 5.31 -11.62
C GLN A 56 2.23 4.01 -11.55
N THR A 57 2.00 3.53 -10.33
CA THR A 57 1.26 2.30 -10.11
C THR A 57 0.15 2.50 -9.09
N THR A 58 -1.10 2.35 -9.54
CA THR A 58 -2.25 2.52 -8.67
C THR A 58 -2.41 1.33 -7.73
N LEU A 59 -2.38 1.59 -6.43
CA LEU A 59 -2.52 0.53 -5.43
C LEU A 59 -3.88 0.60 -4.76
N LYS A 60 -4.65 -0.48 -4.87
CA LYS A 60 -5.97 -0.54 -4.28
C LYS A 60 -5.98 -1.44 -3.04
N PHE A 61 -5.95 -0.83 -1.86
CA PHE A 61 -5.94 -1.58 -0.61
C PHE A 61 -7.36 -1.76 -0.08
N THR A 62 -7.69 -3.00 0.31
CA THR A 62 -9.01 -3.30 0.83
C THR A 62 -8.91 -3.94 2.21
N TYR A 63 -9.64 -3.38 3.17
CA TYR A 63 -9.64 -3.90 4.53
C TYR A 63 -10.45 -5.19 4.63
N SER A 64 -9.92 -6.15 5.38
CA SER A 64 -10.59 -7.43 5.56
C SER A 64 -11.10 -7.60 6.98
N GLU A 65 -11.63 -8.78 7.29
CA GLU A 65 -12.15 -9.06 8.61
C GLU A 65 -11.03 -9.20 9.63
N LYS A 66 -9.92 -9.81 9.20
CA LYS A 66 -8.77 -10.01 10.06
C LYS A 66 -7.67 -9.01 9.74
N TYR A 67 -7.69 -7.87 10.42
CA TYR A 67 -6.69 -6.83 10.20
C TYR A 67 -6.71 -5.81 11.34
N PRO A 68 -5.52 -5.34 11.74
CA PRO A 68 -4.26 -5.78 11.13
C PRO A 68 -3.92 -7.23 11.47
N ASP A 69 -4.76 -7.85 12.28
CA ASP A 69 -4.56 -9.24 12.69
C ASP A 69 -3.91 -10.04 11.56
N GLU A 70 -4.49 -9.94 10.36
CA GLU A 70 -3.97 -10.66 9.20
C GLU A 70 -3.65 -9.70 8.06
N ALA A 71 -2.91 -10.17 7.09
CA ALA A 71 -2.52 -9.36 5.93
C ALA A 71 -3.76 -8.95 5.13
N PRO A 72 -3.82 -7.66 4.76
CA PRO A 72 -4.94 -7.12 3.98
C PRO A 72 -4.95 -7.63 2.55
N LEU A 73 -5.76 -6.99 1.71
CA LEU A 73 -5.87 -7.38 0.31
C LEU A 73 -5.29 -6.30 -0.60
N TYR A 74 -4.24 -6.64 -1.33
CA TYR A 74 -3.60 -5.70 -2.24
C TYR A 74 -3.86 -6.08 -3.69
N GLU A 75 -3.96 -5.07 -4.55
CA GLU A 75 -4.20 -5.29 -5.97
C GLU A 75 -4.01 -4.01 -6.76
N ILE A 76 -3.35 -4.13 -7.92
CA ILE A 76 -3.10 -2.97 -8.77
C ILE A 76 -4.20 -2.82 -9.82
N PHE A 77 -4.81 -1.64 -9.86
CA PHE A 77 -5.88 -1.36 -10.82
C PHE A 77 -5.31 -1.06 -12.20
N SER A 78 -4.27 -0.23 -12.23
CA SER A 78 -3.63 0.15 -13.49
C SER A 78 -2.18 0.55 -13.26
N GLN A 79 -1.39 0.48 -14.32
CA GLN A 79 0.02 0.85 -14.24
C GLN A 79 0.54 1.34 -15.59
N GLU A 80 1.64 2.09 -15.56
CA GLU A 80 2.23 2.63 -16.78
C GLU A 80 3.75 2.51 -16.74
N ASN A 81 4.32 2.05 -17.85
CA ASN A 81 5.77 1.88 -17.95
C ASN A 81 6.25 0.78 -17.01
N LEU A 82 5.50 -0.31 -16.94
CA LEU A 82 5.86 -1.43 -16.08
C LEU A 82 5.30 -2.74 -16.64
N GLU A 83 6.19 -3.68 -16.92
CA GLU A 83 5.78 -4.97 -17.46
C GLU A 83 5.51 -5.97 -16.33
N ASP A 84 4.89 -7.10 -16.67
CA ASP A 84 4.58 -8.13 -15.69
C ASP A 84 5.71 -8.28 -14.69
N ASN A 85 6.94 -8.30 -15.18
CA ASN A 85 8.11 -8.45 -14.32
C ASN A 85 8.19 -7.30 -13.32
N ASP A 86 8.08 -6.08 -13.82
CA ASP A 86 8.12 -4.89 -12.97
C ASP A 86 6.99 -4.90 -11.95
N VAL A 87 5.75 -4.93 -12.46
CA VAL A 87 4.58 -4.93 -11.59
C VAL A 87 4.68 -6.04 -10.55
N SER A 88 4.85 -7.27 -11.01
CA SER A 88 4.96 -8.42 -10.12
C SER A 88 5.98 -8.16 -9.01
N ASP A 89 7.13 -7.61 -9.39
CA ASP A 89 8.18 -7.30 -8.43
C ASP A 89 7.60 -6.64 -7.18
N ILE A 90 6.72 -5.68 -7.38
CA ILE A 90 6.09 -4.97 -6.27
C ILE A 90 5.11 -5.87 -5.52
N LEU A 91 4.33 -6.64 -6.26
CA LEU A 91 3.36 -7.55 -5.67
C LEU A 91 4.02 -8.46 -4.64
N LYS A 92 5.12 -9.09 -5.04
CA LYS A 92 5.86 -9.98 -4.15
C LYS A 92 6.18 -9.29 -2.83
N LEU A 93 6.86 -8.15 -2.92
CA LEU A 93 7.24 -7.39 -1.73
C LEU A 93 6.04 -7.22 -0.80
N LEU A 94 4.94 -6.71 -1.35
CA LEU A 94 3.72 -6.50 -0.58
C LEU A 94 3.36 -7.75 0.23
N ALA A 95 3.78 -8.91 -0.27
CA ALA A 95 3.50 -10.17 0.39
C ALA A 95 4.35 -10.33 1.64
N LEU A 96 5.67 -10.42 1.46
CA LEU A 96 6.59 -10.57 2.57
C LEU A 96 6.44 -9.44 3.57
N GLN A 97 6.26 -8.22 3.06
CA GLN A 97 6.11 -7.04 3.91
C GLN A 97 4.92 -7.22 4.85
N ALA A 98 3.71 -7.17 4.30
CA ALA A 98 2.50 -7.32 5.10
C ALA A 98 2.64 -8.48 6.09
N GLU A 99 3.08 -9.63 5.59
CA GLU A 99 3.25 -10.81 6.44
C GLU A 99 4.10 -10.48 7.66
N GLU A 100 5.34 -10.08 7.44
CA GLU A 100 6.24 -9.74 8.51
C GLU A 100 5.66 -8.63 9.39
N ASN A 101 4.79 -7.82 8.80
CA ASN A 101 4.16 -6.72 9.52
C ASN A 101 2.82 -7.15 10.10
N LEU A 102 2.65 -8.46 10.26
CA LEU A 102 1.41 -9.00 10.81
C LEU A 102 1.24 -8.57 12.27
N GLY A 103 0.05 -8.07 12.58
CA GLY A 103 -0.24 -7.62 13.94
C GLY A 103 -0.22 -6.12 14.07
N MET A 104 -0.16 -5.42 12.94
CA MET A 104 -0.14 -3.97 12.94
C MET A 104 -0.39 -3.42 11.54
N VAL A 105 -1.13 -2.33 11.46
CA VAL A 105 -1.45 -1.70 10.17
C VAL A 105 -0.26 -1.77 9.22
N MET A 106 -0.52 -2.15 7.98
CA MET A 106 0.54 -2.25 6.98
C MET A 106 0.37 -1.18 5.90
N ILE A 107 -0.88 -0.75 5.69
CA ILE A 107 -1.18 0.25 4.69
C ILE A 107 -0.09 1.32 4.63
N PHE A 108 0.23 1.88 5.80
CA PHE A 108 1.26 2.91 5.88
C PHE A 108 2.65 2.33 5.60
N THR A 109 2.83 1.06 5.96
CA THR A 109 4.10 0.38 5.76
C THR A 109 4.28 -0.01 4.29
N LEU A 110 3.47 -0.96 3.82
CA LEU A 110 3.55 -1.42 2.45
C LEU A 110 3.93 -0.28 1.51
N VAL A 111 3.13 0.79 1.52
CA VAL A 111 3.38 1.94 0.67
C VAL A 111 4.84 2.38 0.78
N THR A 112 5.23 2.85 1.96
CA THR A 112 6.60 3.31 2.19
C THR A 112 7.60 2.44 1.43
N ALA A 113 7.38 1.13 1.44
CA ALA A 113 8.26 0.20 0.76
C ALA A 113 8.09 0.30 -0.75
N VAL A 114 6.84 0.39 -1.20
CA VAL A 114 6.55 0.49 -2.62
C VAL A 114 7.30 1.66 -3.26
N GLN A 115 7.12 2.84 -2.70
CA GLN A 115 7.79 4.04 -3.21
C GLN A 115 9.25 3.76 -3.52
N GLU A 116 9.90 3.01 -2.64
CA GLU A 116 11.30 2.67 -2.83
C GLU A 116 11.48 1.63 -3.93
N LYS A 117 10.52 0.71 -4.02
CA LYS A 117 10.57 -0.34 -5.04
C LYS A 117 10.60 0.26 -6.44
N LEU A 118 9.59 1.06 -6.76
CA LEU A 118 9.52 1.70 -8.08
C LEU A 118 10.67 2.66 -8.28
N ASN A 119 11.31 3.07 -7.18
CA ASN A 119 12.44 3.99 -7.25
C ASN A 119 13.69 3.27 -7.72
N GLU A 120 13.66 1.94 -7.69
CA GLU A 120 14.81 1.14 -8.11
C GLU A 120 14.64 0.70 -9.57
N ILE A 121 13.42 0.35 -9.93
CA ILE A 121 13.12 -0.09 -11.29
C ILE A 121 13.24 1.06 -12.29
N VAL A 122 12.78 2.24 -11.88
CA VAL A 122 12.85 3.42 -12.73
C VAL A 122 14.30 3.81 -13.01
N ASP A 123 15.18 3.52 -12.06
CA ASP A 123 16.59 3.84 -12.20
C ASP A 123 17.31 2.82 -13.07
N GLN A 124 16.81 1.58 -13.05
CA GLN A 124 17.40 0.52 -13.84
C GLN A 124 17.20 0.77 -15.34
N ILE A 125 15.98 1.13 -15.71
CA ILE A 125 15.67 1.40 -17.11
C ILE A 125 16.83 2.06 -17.82
N LYS A 126 17.53 2.95 -17.11
CA LYS A 126 18.67 3.65 -17.67
C LYS A 126 19.45 2.76 -18.63
N THR A 127 19.68 1.51 -18.22
CA THR A 127 20.41 0.57 -19.04
C THR A 127 19.72 0.36 -20.39
N ARG A 128 18.40 0.22 -20.36
CA ARG A 128 17.62 0.03 -21.58
C ARG A 128 18.25 0.79 -22.75
N GLY A 1 -8.83 -0.17 39.90
CA GLY A 1 -7.48 -0.71 39.95
C GLY A 1 -7.10 -1.45 38.69
N SER A 2 -5.94 -2.12 38.71
CA SER A 2 -5.46 -2.87 37.57
C SER A 2 -6.44 -3.98 37.19
N SER A 3 -6.95 -3.92 35.96
CA SER A 3 -7.90 -4.92 35.48
C SER A 3 -8.01 -4.87 33.96
N GLY A 4 -8.40 -6.00 33.37
CA GLY A 4 -8.55 -6.06 31.93
C GLY A 4 -9.01 -7.42 31.45
N SER A 5 -10.28 -7.51 31.06
CA SER A 5 -10.85 -8.76 30.58
C SER A 5 -10.28 -9.14 29.22
N SER A 6 -10.15 -10.44 28.98
CA SER A 6 -9.62 -10.93 27.71
C SER A 6 -10.74 -11.12 26.69
N GLY A 7 -10.42 -10.88 25.42
CA GLY A 7 -11.41 -11.04 24.37
C GLY A 7 -10.80 -10.98 22.98
N MET A 8 -11.53 -10.39 22.04
CA MET A 8 -11.05 -10.28 20.67
C MET A 8 -10.54 -8.87 20.39
N THR A 9 -9.46 -8.76 19.62
CA THR A 9 -8.88 -7.47 19.28
C THR A 9 -9.77 -6.71 18.32
N ASP A 10 -10.38 -5.64 18.82
CA ASP A 10 -11.28 -4.81 18.01
C ASP A 10 -10.53 -4.26 16.80
N TYR A 11 -10.77 -4.88 15.64
CA TYR A 11 -10.12 -4.45 14.40
C TYR A 11 -10.87 -3.28 13.77
N GLY A 12 -12.20 -3.31 13.87
CA GLY A 12 -13.01 -2.25 13.31
C GLY A 12 -12.44 -0.87 13.59
N GLU A 13 -11.60 -0.78 14.62
CA GLU A 13 -10.99 0.49 15.00
C GLU A 13 -9.65 0.67 14.30
N GLU A 14 -8.74 -0.27 14.55
CA GLU A 14 -7.41 -0.21 13.94
C GLU A 14 -7.47 0.36 12.53
N GLN A 15 -8.41 -0.13 11.74
CA GLN A 15 -8.58 0.34 10.36
C GLN A 15 -8.86 1.84 10.34
N ARG A 16 -9.80 2.28 11.17
CA ARG A 16 -10.16 3.69 11.23
C ARG A 16 -8.98 4.53 11.71
N ASN A 17 -8.56 4.31 12.95
CA ASN A 17 -7.45 5.05 13.52
C ASN A 17 -6.35 5.29 12.48
N GLU A 18 -6.13 4.29 11.63
CA GLU A 18 -5.12 4.38 10.58
C GLU A 18 -5.61 5.25 9.42
N LEU A 19 -6.82 4.98 8.96
CA LEU A 19 -7.41 5.74 7.86
C LEU A 19 -7.27 7.24 8.10
N GLU A 20 -7.79 7.69 9.24
CA GLU A 20 -7.72 9.11 9.59
C GLU A 20 -6.42 9.73 9.11
N ALA A 21 -5.30 9.15 9.54
CA ALA A 21 -3.98 9.65 9.15
C ALA A 21 -3.79 9.57 7.63
N LEU A 22 -4.05 8.39 7.07
CA LEU A 22 -3.90 8.19 5.63
C LEU A 22 -4.52 9.34 4.85
N GLU A 23 -5.47 10.03 5.48
CA GLU A 23 -6.15 11.15 4.84
C GLU A 23 -5.25 12.39 4.81
N SER A 24 -4.60 12.67 5.93
CA SER A 24 -3.71 13.82 6.04
C SER A 24 -2.48 13.63 5.16
N ILE A 25 -1.60 12.72 5.56
CA ILE A 25 -0.38 12.44 4.81
C ILE A 25 -0.66 12.39 3.32
N TYR A 26 -1.82 11.84 2.96
CA TYR A 26 -2.21 11.73 1.56
C TYR A 26 -3.51 12.46 1.29
N PRO A 27 -3.42 13.77 1.01
CA PRO A 27 -4.59 14.61 0.73
C PRO A 27 -5.24 14.27 -0.60
N ASP A 28 -4.41 14.11 -1.63
CA ASP A 28 -4.91 13.79 -2.97
C ASP A 28 -4.42 12.42 -3.41
N SER A 29 -3.28 11.99 -2.85
CA SER A 29 -2.71 10.70 -3.21
C SER A 29 -3.56 9.56 -2.66
N PHE A 30 -4.33 9.86 -1.62
CA PHE A 30 -5.19 8.86 -1.00
C PHE A 30 -6.67 9.20 -1.20
N THR A 31 -7.37 8.35 -1.93
CA THR A 31 -8.80 8.56 -2.20
C THR A 31 -9.61 7.34 -1.82
N VAL A 32 -10.70 7.57 -1.07
CA VAL A 32 -11.56 6.49 -0.65
C VAL A 32 -12.56 6.11 -1.73
N LEU A 33 -12.56 4.83 -2.11
CA LEU A 33 -13.47 4.35 -3.15
C LEU A 33 -14.88 4.19 -2.61
N SER A 34 -15.03 3.34 -1.60
CA SER A 34 -16.33 3.10 -0.99
C SER A 34 -16.23 3.08 0.53
N GLU A 35 -17.34 3.37 1.20
CA GLU A 35 -17.37 3.39 2.66
C GLU A 35 -17.70 2.01 3.21
N ASN A 36 -18.27 1.16 2.37
CA ASN A 36 -18.63 -0.19 2.77
C ASN A 36 -18.79 -1.10 1.56
N PRO A 37 -17.80 -1.98 1.34
CA PRO A 37 -16.62 -2.07 2.20
C PRO A 37 -15.71 -0.85 2.06
N PRO A 38 -15.00 -0.52 3.15
CA PRO A 38 -14.08 0.63 3.18
C PRO A 38 -12.84 0.40 2.33
N SER A 39 -12.91 0.82 1.07
CA SER A 39 -11.78 0.65 0.15
C SER A 39 -11.23 2.01 -0.27
N PHE A 40 -9.95 2.03 -0.64
CA PHE A 40 -9.30 3.26 -1.06
C PHE A 40 -8.11 2.96 -1.98
N THR A 41 -7.60 4.00 -2.64
CA THR A 41 -6.48 3.84 -3.54
C THR A 41 -5.38 4.85 -3.24
N ILE A 42 -4.14 4.38 -3.17
CA ILE A 42 -3.01 5.25 -2.89
C ILE A 42 -2.09 5.38 -4.10
N THR A 43 -1.83 6.61 -4.52
CA THR A 43 -0.98 6.86 -5.67
C THR A 43 0.46 7.12 -5.23
N VAL A 44 1.41 6.53 -5.95
CA VAL A 44 2.82 6.70 -5.64
C VAL A 44 3.66 6.85 -6.91
N THR A 45 4.28 8.02 -7.07
CA THR A 45 5.10 8.28 -8.24
C THR A 45 6.58 8.25 -7.89
N SER A 46 7.38 7.68 -8.78
CA SER A 46 8.83 7.58 -8.56
C SER A 46 9.49 8.93 -8.76
N GLU A 47 10.76 9.03 -8.36
CA GLU A 47 11.51 10.26 -8.51
C GLU A 47 12.16 10.36 -9.88
N ALA A 48 12.37 11.59 -10.35
CA ALA A 48 12.98 11.82 -11.65
C ALA A 48 14.36 11.17 -11.73
N GLY A 49 14.53 10.29 -12.72
CA GLY A 49 15.81 9.61 -12.89
C GLY A 49 16.78 10.40 -13.73
N GLU A 50 17.19 9.83 -14.86
CA GLU A 50 18.13 10.49 -15.76
C GLU A 50 17.42 11.51 -16.64
N ASN A 51 16.53 11.02 -17.50
CA ASN A 51 15.77 11.90 -18.40
C ASN A 51 14.38 12.15 -17.86
N ASP A 52 14.31 12.55 -16.60
CA ASP A 52 13.02 12.83 -15.95
C ASP A 52 12.07 11.65 -16.10
N GLU A 53 12.60 10.45 -15.95
CA GLU A 53 11.80 9.23 -16.07
C GLU A 53 11.15 8.87 -14.73
N THR A 54 9.85 8.62 -14.76
CA THR A 54 9.12 8.26 -13.55
C THR A 54 8.04 7.23 -13.85
N VAL A 55 7.46 6.66 -12.80
CA VAL A 55 6.42 5.64 -12.94
C VAL A 55 5.30 5.86 -11.94
N GLN A 56 4.12 5.33 -12.24
CA GLN A 56 2.97 5.46 -11.36
C GLN A 56 2.23 4.14 -11.22
N THR A 57 1.73 3.87 -10.02
CA THR A 57 1.00 2.64 -9.76
C THR A 57 -0.07 2.85 -8.69
N THR A 58 -1.32 2.58 -9.06
CA THR A 58 -2.44 2.74 -8.14
C THR A 58 -2.61 1.51 -7.26
N LEU A 59 -2.29 1.67 -5.97
CA LEU A 59 -2.39 0.58 -5.02
C LEU A 59 -3.77 0.57 -4.35
N LYS A 60 -4.53 -0.48 -4.59
CA LYS A 60 -5.87 -0.61 -4.01
C LYS A 60 -5.83 -1.50 -2.77
N PHE A 61 -5.91 -0.88 -1.60
CA PHE A 61 -5.88 -1.62 -0.34
C PHE A 61 -7.30 -1.79 0.21
N THR A 62 -7.77 -3.03 0.21
CA THR A 62 -9.11 -3.34 0.71
C THR A 62 -9.06 -3.96 2.10
N TYR A 63 -9.83 -3.40 3.03
CA TYR A 63 -9.86 -3.90 4.39
C TYR A 63 -10.61 -5.23 4.46
N SER A 64 -9.99 -6.22 5.11
CA SER A 64 -10.60 -7.53 5.26
C SER A 64 -11.24 -7.70 6.63
N GLU A 65 -11.76 -8.89 6.90
CA GLU A 65 -12.40 -9.17 8.18
C GLU A 65 -11.37 -9.54 9.24
N LYS A 66 -10.42 -10.40 8.87
CA LYS A 66 -9.38 -10.83 9.78
C LYS A 66 -8.10 -10.01 9.58
N TYR A 67 -8.20 -8.71 9.83
CA TYR A 67 -7.05 -7.82 9.67
C TYR A 67 -6.96 -6.85 10.84
N PRO A 68 -5.72 -6.45 11.17
CA PRO A 68 -4.53 -6.89 10.44
C PRO A 68 -4.21 -8.36 10.69
N ASP A 69 -5.05 -9.01 11.49
CA ASP A 69 -4.86 -10.43 11.80
C ASP A 69 -4.24 -11.17 10.63
N GLU A 70 -4.64 -10.79 9.42
CA GLU A 70 -4.13 -11.43 8.22
C GLU A 70 -3.85 -10.39 7.13
N ALA A 71 -2.86 -10.67 6.29
CA ALA A 71 -2.48 -9.77 5.21
C ALA A 71 -3.72 -9.29 4.44
N PRO A 72 -3.81 -7.97 4.25
CA PRO A 72 -4.93 -7.36 3.52
C PRO A 72 -4.92 -7.69 2.04
N LEU A 73 -5.89 -7.14 1.31
CA LEU A 73 -5.99 -7.38 -0.13
C LEU A 73 -5.31 -6.26 -0.91
N TYR A 74 -4.29 -6.63 -1.69
CA TYR A 74 -3.55 -5.66 -2.49
C TYR A 74 -3.71 -5.95 -3.98
N GLU A 75 -3.85 -4.90 -4.77
CA GLU A 75 -4.01 -5.04 -6.22
C GLU A 75 -3.75 -3.72 -6.93
N ILE A 76 -3.00 -3.78 -8.02
CA ILE A 76 -2.69 -2.59 -8.80
C ILE A 76 -3.73 -2.34 -9.88
N PHE A 77 -4.58 -1.35 -9.65
CA PHE A 77 -5.63 -1.01 -10.62
C PHE A 77 -5.03 -0.64 -11.97
N SER A 78 -4.05 0.26 -11.96
CA SER A 78 -3.40 0.70 -13.19
C SER A 78 -1.92 1.00 -12.93
N GLN A 79 -1.11 0.89 -13.99
CA GLN A 79 0.31 1.15 -13.88
C GLN A 79 0.89 1.57 -15.22
N GLU A 80 2.06 2.21 -15.19
CA GLU A 80 2.71 2.66 -16.41
C GLU A 80 4.22 2.45 -16.33
N ASN A 81 4.82 2.06 -17.45
CA ASN A 81 6.25 1.81 -17.51
C ASN A 81 6.65 0.68 -16.57
N LEU A 82 5.88 -0.39 -16.58
CA LEU A 82 6.14 -1.54 -15.73
C LEU A 82 5.60 -2.82 -16.35
N GLU A 83 6.48 -3.65 -16.88
CA GLU A 83 6.09 -4.91 -17.51
C GLU A 83 5.63 -5.92 -16.45
N ASP A 84 5.00 -6.99 -16.91
CA ASP A 84 4.51 -8.03 -16.01
C ASP A 84 5.56 -8.37 -14.95
N ASN A 85 6.81 -8.49 -15.39
CA ASN A 85 7.90 -8.82 -14.48
C ASN A 85 8.15 -7.69 -13.49
N ASP A 86 7.97 -6.45 -13.95
CA ASP A 86 8.17 -5.28 -13.12
C ASP A 86 7.11 -5.21 -12.02
N VAL A 87 5.84 -5.30 -12.41
CA VAL A 87 4.75 -5.25 -11.47
C VAL A 87 4.88 -6.34 -10.40
N SER A 88 4.85 -7.58 -10.84
CA SER A 88 4.97 -8.72 -9.92
C SER A 88 5.99 -8.42 -8.83
N ASP A 89 7.20 -8.05 -9.23
CA ASP A 89 8.26 -7.74 -8.28
C ASP A 89 7.71 -6.95 -7.09
N ILE A 90 6.82 -6.01 -7.38
CA ILE A 90 6.23 -5.18 -6.33
C ILE A 90 5.14 -5.95 -5.58
N LEU A 91 4.35 -6.73 -6.31
CA LEU A 91 3.28 -7.52 -5.71
C LEU A 91 3.83 -8.45 -4.64
N LYS A 92 4.93 -9.14 -4.96
CA LYS A 92 5.55 -10.06 -4.02
C LYS A 92 5.98 -9.33 -2.74
N LEU A 93 6.53 -8.13 -2.91
CA LEU A 93 6.98 -7.34 -1.77
C LEU A 93 5.82 -7.06 -0.82
N LEU A 94 4.66 -6.77 -1.38
CA LEU A 94 3.47 -6.47 -0.57
C LEU A 94 3.10 -7.67 0.29
N ALA A 95 3.23 -8.87 -0.26
CA ALA A 95 2.91 -10.09 0.46
C ALA A 95 3.80 -10.25 1.69
N LEU A 96 5.10 -10.41 1.45
CA LEU A 96 6.06 -10.58 2.54
C LEU A 96 5.83 -9.55 3.63
N GLN A 97 6.02 -8.28 3.30
CA GLN A 97 5.83 -7.19 4.25
C GLN A 97 4.60 -7.45 5.12
N ALA A 98 3.43 -7.47 4.48
CA ALA A 98 2.18 -7.70 5.20
C ALA A 98 2.23 -9.01 5.99
N GLU A 99 3.04 -9.96 5.51
CA GLU A 99 3.17 -11.25 6.17
C GLU A 99 4.16 -11.16 7.32
N GLU A 100 5.04 -10.17 7.28
CA GLU A 100 6.04 -9.98 8.32
C GLU A 100 5.52 -9.03 9.41
N ASN A 101 4.53 -8.23 9.05
CA ASN A 101 3.94 -7.28 10.00
C ASN A 101 2.55 -7.73 10.42
N LEU A 102 2.30 -9.03 10.32
CA LEU A 102 1.00 -9.59 10.70
C LEU A 102 0.66 -9.27 12.15
N GLY A 103 -0.57 -8.83 12.39
CA GLY A 103 -0.98 -8.49 13.74
C GLY A 103 -1.23 -7.02 13.92
N MET A 104 -0.68 -6.21 13.02
CA MET A 104 -0.84 -4.76 13.08
C MET A 104 -0.99 -4.17 11.69
N VAL A 105 -1.43 -2.92 11.63
CA VAL A 105 -1.61 -2.22 10.35
C VAL A 105 -0.29 -2.08 9.61
N MET A 106 -0.32 -2.29 8.30
CA MET A 106 0.88 -2.18 7.48
C MET A 106 0.63 -1.27 6.28
N ILE A 107 -0.51 -0.60 6.28
CA ILE A 107 -0.86 0.32 5.19
C ILE A 107 0.29 1.24 4.86
N PHE A 108 0.70 2.05 5.83
CA PHE A 108 1.80 2.98 5.64
C PHE A 108 3.07 2.26 5.24
N THR A 109 3.55 1.39 6.13
CA THR A 109 4.76 0.62 5.88
C THR A 109 4.80 0.11 4.44
N LEU A 110 3.83 -0.71 4.08
CA LEU A 110 3.75 -1.26 2.73
C LEU A 110 4.11 -0.21 1.69
N VAL A 111 3.30 0.83 1.59
CA VAL A 111 3.54 1.91 0.63
C VAL A 111 5.00 2.30 0.61
N THR A 112 5.55 2.58 1.80
CA THR A 112 6.94 2.98 1.92
C THR A 112 7.85 2.08 1.09
N ALA A 113 7.75 0.77 1.32
CA ALA A 113 8.56 -0.20 0.60
C ALA A 113 8.36 -0.07 -0.91
N VAL A 114 7.12 0.20 -1.32
CA VAL A 114 6.81 0.36 -2.73
C VAL A 114 7.53 1.57 -3.33
N GLN A 115 7.37 2.72 -2.68
CA GLN A 115 8.01 3.95 -3.14
C GLN A 115 9.47 3.70 -3.53
N GLU A 116 10.16 2.91 -2.70
CA GLU A 116 11.55 2.59 -2.95
C GLU A 116 11.70 1.61 -4.12
N LYS A 117 10.71 0.74 -4.26
CA LYS A 117 10.72 -0.26 -5.33
C LYS A 117 10.68 0.42 -6.70
N LEU A 118 9.73 1.35 -6.87
CA LEU A 118 9.60 2.07 -8.13
C LEU A 118 10.83 2.90 -8.43
N ASN A 119 11.40 3.49 -7.39
CA ASN A 119 12.60 4.31 -7.55
C ASN A 119 13.80 3.46 -7.94
N GLU A 120 13.67 2.15 -7.75
CA GLU A 120 14.75 1.22 -8.09
C GLU A 120 14.65 0.80 -9.56
N ILE A 121 13.44 0.64 -10.05
CA ILE A 121 13.21 0.25 -11.44
C ILE A 121 13.45 1.42 -12.39
N VAL A 122 12.98 2.59 -12.01
CA VAL A 122 13.15 3.79 -12.83
C VAL A 122 14.62 4.02 -13.17
N ASP A 123 15.50 3.39 -12.41
CA ASP A 123 16.94 3.52 -12.62
C ASP A 123 17.43 2.47 -13.61
N GLN A 124 16.79 1.31 -13.63
CA GLN A 124 17.17 0.23 -14.53
C GLN A 124 16.83 0.58 -15.97
N ILE A 125 15.87 1.49 -16.14
CA ILE A 125 15.46 1.91 -17.47
C ILE A 125 16.54 2.75 -18.15
N LYS A 126 17.63 3.00 -17.43
CA LYS A 126 18.74 3.77 -17.97
C LYS A 126 19.79 2.85 -18.59
N THR A 127 19.92 1.65 -18.05
CA THR A 127 20.88 0.69 -18.55
C THR A 127 20.20 -0.38 -19.40
N ARG A 128 18.90 -0.23 -19.60
CA ARG A 128 18.12 -1.18 -20.38
C ARG A 128 17.50 -0.50 -21.60
N GLY A 1 -22.87 -14.94 16.03
CA GLY A 1 -23.64 -14.76 17.26
C GLY A 1 -22.88 -13.98 18.31
N SER A 2 -23.39 -13.99 19.53
CA SER A 2 -22.75 -13.27 20.63
C SER A 2 -22.39 -14.22 21.77
N SER A 3 -21.29 -14.95 21.59
CA SER A 3 -20.83 -15.90 22.59
C SER A 3 -19.38 -16.32 22.33
N GLY A 4 -18.67 -16.67 23.39
CA GLY A 4 -17.29 -17.08 23.25
C GLY A 4 -16.46 -16.07 22.48
N SER A 5 -16.67 -14.79 22.75
CA SER A 5 -15.94 -13.73 22.08
C SER A 5 -14.47 -14.08 21.96
N SER A 6 -13.96 -14.06 20.73
CA SER A 6 -12.56 -14.37 20.48
C SER A 6 -11.78 -13.13 20.06
N GLY A 7 -10.62 -12.93 20.66
CA GLY A 7 -9.80 -11.78 20.34
C GLY A 7 -10.42 -10.47 20.80
N MET A 8 -9.81 -9.84 21.78
CA MET A 8 -10.31 -8.58 22.31
C MET A 8 -10.03 -7.42 21.35
N THR A 9 -8.77 -7.27 20.97
CA THR A 9 -8.36 -6.22 20.05
C THR A 9 -9.40 -6.03 18.95
N ASP A 10 -10.21 -4.98 19.08
CA ASP A 10 -11.25 -4.69 18.10
C ASP A 10 -10.63 -4.19 16.80
N TYR A 11 -11.08 -4.75 15.68
CA TYR A 11 -10.57 -4.38 14.37
C TYR A 11 -11.37 -3.22 13.78
N GLY A 12 -12.62 -3.09 14.22
CA GLY A 12 -13.47 -2.02 13.73
C GLY A 12 -12.87 -0.65 13.99
N GLU A 13 -12.05 -0.55 15.03
CA GLU A 13 -11.42 0.72 15.38
C GLU A 13 -10.12 0.92 14.62
N GLU A 14 -9.24 -0.08 14.69
CA GLU A 14 -7.95 -0.01 14.00
C GLU A 14 -8.12 0.57 12.60
N GLN A 15 -8.79 -0.19 11.72
CA GLN A 15 -9.01 0.25 10.35
C GLN A 15 -9.24 1.76 10.29
N ARG A 16 -10.02 2.28 11.23
CA ARG A 16 -10.32 3.70 11.27
C ARG A 16 -9.09 4.50 11.71
N ASN A 17 -8.60 4.21 12.91
CA ASN A 17 -7.43 4.91 13.43
C ASN A 17 -6.42 5.19 12.33
N GLU A 18 -6.09 4.15 11.55
CA GLU A 18 -5.14 4.29 10.46
C GLU A 18 -5.65 5.26 9.40
N LEU A 19 -6.86 5.01 8.93
CA LEU A 19 -7.49 5.86 7.91
C LEU A 19 -7.32 7.34 8.27
N GLU A 20 -7.66 7.67 9.51
CA GLU A 20 -7.55 9.06 9.98
C GLU A 20 -6.18 9.64 9.65
N ALA A 21 -5.13 8.96 10.12
CA ALA A 21 -3.76 9.40 9.87
C ALA A 21 -3.49 9.54 8.38
N LEU A 22 -3.54 8.42 7.67
CA LEU A 22 -3.30 8.42 6.24
C LEU A 22 -4.01 9.59 5.56
N GLU A 23 -5.23 9.86 6.00
CA GLU A 23 -6.02 10.96 5.44
C GLU A 23 -5.24 12.26 5.46
N SER A 24 -4.51 12.49 6.55
CA SER A 24 -3.71 13.70 6.69
C SER A 24 -2.47 13.65 5.82
N ILE A 25 -1.66 12.62 6.01
CA ILE A 25 -0.43 12.45 5.23
C ILE A 25 -0.71 12.53 3.74
N TYR A 26 -1.64 11.70 3.27
CA TYR A 26 -2.01 11.67 1.86
C TYR A 26 -3.39 12.28 1.64
N PRO A 27 -3.44 13.62 1.54
CA PRO A 27 -4.69 14.35 1.34
C PRO A 27 -5.27 14.13 -0.06
N ASP A 28 -4.40 13.79 -1.01
CA ASP A 28 -4.82 13.55 -2.38
C ASP A 28 -4.52 12.11 -2.80
N SER A 29 -3.24 11.77 -2.81
CA SER A 29 -2.81 10.43 -3.19
C SER A 29 -3.80 9.38 -2.69
N PHE A 30 -4.22 9.52 -1.44
CA PHE A 30 -5.16 8.58 -0.83
C PHE A 30 -6.60 8.97 -1.18
N THR A 31 -7.15 8.30 -2.18
CA THR A 31 -8.52 8.58 -2.61
C THR A 31 -9.45 7.42 -2.25
N VAL A 32 -10.45 7.71 -1.43
CA VAL A 32 -11.41 6.69 -1.01
C VAL A 32 -12.42 6.39 -2.12
N LEU A 33 -12.27 5.22 -2.73
CA LEU A 33 -13.16 4.80 -3.80
C LEU A 33 -14.59 4.64 -3.29
N SER A 34 -14.79 3.69 -2.39
CA SER A 34 -16.10 3.43 -1.83
C SER A 34 -16.03 3.28 -0.31
N GLU A 35 -17.00 3.85 0.39
CA GLU A 35 -17.04 3.78 1.85
C GLU A 35 -17.24 2.34 2.31
N ASN A 36 -18.07 1.59 1.60
CA ASN A 36 -18.33 0.20 1.94
C ASN A 36 -18.40 -0.67 0.69
N PRO A 37 -17.43 -1.58 0.55
CA PRO A 37 -16.36 -1.75 1.54
C PRO A 37 -15.38 -0.58 1.56
N PRO A 38 -14.72 -0.37 2.70
CA PRO A 38 -13.75 0.72 2.88
C PRO A 38 -12.48 0.48 2.07
N SER A 39 -12.54 0.78 0.78
CA SER A 39 -11.39 0.61 -0.10
C SER A 39 -10.86 1.96 -0.58
N PHE A 40 -9.55 2.02 -0.82
CA PHE A 40 -8.92 3.25 -1.28
C PHE A 40 -7.79 2.95 -2.27
N THR A 41 -7.26 3.99 -2.89
CA THR A 41 -6.18 3.84 -3.85
C THR A 41 -5.08 4.87 -3.61
N ILE A 42 -3.84 4.40 -3.56
CA ILE A 42 -2.70 5.28 -3.34
C ILE A 42 -1.82 5.38 -4.59
N THR A 43 -1.61 6.60 -5.06
CA THR A 43 -0.79 6.83 -6.25
C THR A 43 0.63 7.25 -5.87
N VAL A 44 1.57 6.33 -6.01
CA VAL A 44 2.96 6.60 -5.69
C VAL A 44 3.80 6.75 -6.95
N THR A 45 4.41 7.93 -7.13
CA THR A 45 5.23 8.19 -8.30
C THR A 45 6.71 8.23 -7.92
N SER A 46 7.57 7.77 -8.83
CA SER A 46 9.00 7.75 -8.58
C SER A 46 9.65 9.05 -9.04
N GLU A 47 10.89 9.26 -8.65
CA GLU A 47 11.63 10.47 -9.02
C GLU A 47 11.81 10.55 -10.53
N ALA A 48 12.34 11.69 -10.99
CA ALA A 48 12.57 11.90 -12.41
C ALA A 48 13.98 11.48 -12.81
N GLY A 49 14.09 10.74 -13.91
CA GLY A 49 15.39 10.30 -14.38
C GLY A 49 16.05 11.29 -15.32
N GLU A 50 16.19 10.91 -16.58
CA GLU A 50 16.81 11.78 -17.58
C GLU A 50 15.75 12.55 -18.35
N ASN A 51 14.93 11.84 -19.12
CA ASN A 51 13.88 12.47 -19.91
C ASN A 51 12.60 12.61 -19.09
N ASP A 52 12.75 12.82 -17.79
CA ASP A 52 11.62 12.98 -16.90
C ASP A 52 10.84 11.67 -16.77
N GLU A 53 11.57 10.56 -16.69
CA GLU A 53 10.96 9.24 -16.57
C GLU A 53 10.25 9.10 -15.23
N THR A 54 8.98 8.72 -15.27
CA THR A 54 8.19 8.54 -14.06
C THR A 54 7.28 7.31 -14.17
N VAL A 55 7.26 6.51 -13.10
CA VAL A 55 6.44 5.31 -13.07
C VAL A 55 5.51 5.30 -11.86
N GLN A 56 4.22 5.14 -12.11
CA GLN A 56 3.23 5.12 -11.04
C GLN A 56 2.51 3.78 -11.00
N THR A 57 1.91 3.47 -9.85
CA THR A 57 1.18 2.22 -9.68
C THR A 57 0.04 2.38 -8.67
N THR A 58 -1.18 2.39 -9.18
CA THR A 58 -2.36 2.54 -8.33
C THR A 58 -2.59 1.29 -7.49
N LEU A 59 -2.35 1.40 -6.19
CA LEU A 59 -2.53 0.28 -5.27
C LEU A 59 -3.88 0.37 -4.57
N LYS A 60 -4.73 -0.62 -4.81
CA LYS A 60 -6.06 -0.67 -4.19
C LYS A 60 -6.06 -1.58 -2.97
N PHE A 61 -6.01 -0.99 -1.79
CA PHE A 61 -6.00 -1.75 -0.55
C PHE A 61 -7.43 -1.95 -0.03
N THR A 62 -7.68 -3.09 0.60
CA THR A 62 -8.99 -3.41 1.14
C THR A 62 -8.89 -3.89 2.59
N TYR A 63 -9.61 -3.21 3.47
CA TYR A 63 -9.60 -3.58 4.89
C TYR A 63 -10.40 -4.86 5.13
N SER A 64 -9.71 -5.89 5.59
CA SER A 64 -10.35 -7.17 5.86
C SER A 64 -10.99 -7.17 7.25
N GLU A 65 -12.08 -7.93 7.39
CA GLU A 65 -12.77 -8.01 8.66
C GLU A 65 -11.82 -8.37 9.80
N LYS A 66 -10.89 -9.28 9.51
CA LYS A 66 -9.90 -9.71 10.49
C LYS A 66 -8.75 -8.71 10.58
N TYR A 67 -8.32 -8.20 9.43
CA TYR A 67 -7.22 -7.24 9.39
C TYR A 67 -7.34 -6.23 10.52
N PRO A 68 -6.18 -5.78 11.03
CA PRO A 68 -4.87 -6.22 10.53
C PRO A 68 -4.58 -7.67 10.89
N ASP A 69 -5.39 -8.24 11.77
CA ASP A 69 -5.22 -9.62 12.19
C ASP A 69 -4.78 -10.49 11.03
N GLU A 70 -5.47 -10.36 9.90
CA GLU A 70 -5.14 -11.15 8.72
C GLU A 70 -4.59 -10.25 7.61
N ALA A 71 -3.69 -10.81 6.79
CA ALA A 71 -3.08 -10.06 5.71
C ALA A 71 -4.14 -9.37 4.85
N PRO A 72 -3.96 -8.07 4.63
CA PRO A 72 -4.89 -7.27 3.82
C PRO A 72 -4.85 -7.63 2.35
N LEU A 73 -5.81 -7.12 1.58
CA LEU A 73 -5.88 -7.40 0.15
C LEU A 73 -5.23 -6.27 -0.65
N TYR A 74 -4.39 -6.64 -1.61
CA TYR A 74 -3.70 -5.66 -2.44
C TYR A 74 -3.80 -6.04 -3.91
N GLU A 75 -4.10 -5.05 -4.75
CA GLU A 75 -4.22 -5.28 -6.19
C GLU A 75 -3.95 -3.99 -6.97
N ILE A 76 -3.23 -4.12 -8.07
CA ILE A 76 -2.90 -2.97 -8.91
C ILE A 76 -3.96 -2.76 -9.99
N PHE A 77 -4.74 -1.69 -9.83
CA PHE A 77 -5.80 -1.37 -10.79
C PHE A 77 -5.21 -1.02 -12.14
N SER A 78 -4.12 -0.25 -12.14
CA SER A 78 -3.46 0.17 -13.37
C SER A 78 -2.00 0.49 -13.12
N GLN A 79 -1.18 0.41 -14.18
CA GLN A 79 0.24 0.69 -14.08
C GLN A 79 0.80 1.19 -15.41
N GLU A 80 1.89 1.95 -15.34
CA GLU A 80 2.51 2.50 -16.54
C GLU A 80 4.02 2.27 -16.51
N ASN A 81 4.57 1.89 -17.66
CA ASN A 81 6.01 1.65 -17.77
C ASN A 81 6.43 0.51 -16.85
N LEU A 82 5.60 -0.51 -16.76
CA LEU A 82 5.89 -1.66 -15.92
C LEU A 82 5.46 -2.96 -16.59
N GLU A 83 6.43 -3.86 -16.81
CA GLU A 83 6.14 -5.14 -17.45
C GLU A 83 5.80 -6.20 -16.41
N ASP A 84 5.30 -7.34 -16.88
CA ASP A 84 4.93 -8.45 -15.99
C ASP A 84 5.86 -8.51 -14.79
N ASN A 85 7.13 -8.18 -15.01
CA ASN A 85 8.12 -8.20 -13.93
C ASN A 85 7.97 -6.98 -13.04
N ASP A 86 8.18 -5.79 -13.61
CA ASP A 86 8.06 -4.55 -12.85
C ASP A 86 6.80 -4.55 -11.99
N VAL A 87 5.83 -5.37 -12.38
CA VAL A 87 4.57 -5.46 -11.65
C VAL A 87 4.63 -6.55 -10.58
N SER A 88 5.25 -7.68 -10.93
CA SER A 88 5.37 -8.79 -10.00
C SER A 88 6.25 -8.43 -8.82
N ASP A 89 7.47 -7.98 -9.10
CA ASP A 89 8.40 -7.60 -8.05
C ASP A 89 7.67 -6.90 -6.91
N ILE A 90 6.92 -5.85 -7.24
CA ILE A 90 6.18 -5.10 -6.25
C ILE A 90 5.08 -5.95 -5.60
N LEU A 91 4.31 -6.62 -6.45
CA LEU A 91 3.23 -7.48 -5.97
C LEU A 91 3.72 -8.40 -4.86
N LYS A 92 4.82 -9.08 -5.10
CA LYS A 92 5.40 -9.99 -4.12
C LYS A 92 5.92 -9.22 -2.90
N LEU A 93 6.70 -8.18 -3.16
CA LEU A 93 7.27 -7.35 -2.10
C LEU A 93 6.21 -7.04 -1.04
N LEU A 94 4.98 -6.82 -1.49
CA LEU A 94 3.88 -6.50 -0.59
C LEU A 94 3.50 -7.72 0.25
N ALA A 95 3.37 -8.86 -0.41
CA ALA A 95 3.00 -10.10 0.27
C ALA A 95 3.87 -10.31 1.51
N LEU A 96 5.18 -10.45 1.30
CA LEU A 96 6.12 -10.67 2.40
C LEU A 96 5.97 -9.57 3.44
N GLN A 97 6.23 -8.33 3.03
CA GLN A 97 6.13 -7.19 3.95
C GLN A 97 4.77 -7.17 4.64
N ALA A 98 3.78 -7.77 4.01
CA ALA A 98 2.43 -7.82 4.57
C ALA A 98 2.25 -9.04 5.46
N GLU A 99 3.12 -10.03 5.29
CA GLU A 99 3.06 -11.25 6.08
C GLU A 99 3.96 -11.16 7.31
N GLU A 100 4.95 -10.27 7.24
CA GLU A 100 5.89 -10.08 8.34
C GLU A 100 5.32 -9.12 9.37
N ASN A 101 4.43 -8.23 8.94
CA ASN A 101 3.81 -7.26 9.82
C ASN A 101 2.37 -7.64 10.13
N LEU A 102 2.11 -8.94 10.25
CA LEU A 102 0.79 -9.44 10.55
C LEU A 102 0.44 -9.25 12.02
N GLY A 103 -0.67 -8.56 12.28
CA GLY A 103 -1.08 -8.33 13.65
C GLY A 103 -1.09 -6.85 14.01
N MET A 104 -0.88 -6.00 13.01
CA MET A 104 -0.86 -4.56 13.22
C MET A 104 -0.96 -3.81 11.89
N VAL A 105 -1.66 -2.69 11.89
CA VAL A 105 -1.82 -1.88 10.69
C VAL A 105 -0.49 -1.65 10.00
N MET A 106 -0.44 -1.96 8.71
CA MET A 106 0.78 -1.77 7.93
C MET A 106 0.48 -1.07 6.61
N ILE A 107 -0.47 -0.15 6.63
CA ILE A 107 -0.85 0.60 5.45
C ILE A 107 0.18 1.67 5.12
N PHE A 108 0.79 2.24 6.17
CA PHE A 108 1.79 3.28 6.00
C PHE A 108 3.17 2.67 5.71
N THR A 109 3.45 1.55 6.35
CA THR A 109 4.73 0.86 6.16
C THR A 109 4.84 0.28 4.76
N LEU A 110 3.80 -0.42 4.33
CA LEU A 110 3.78 -1.03 3.00
C LEU A 110 4.13 0.00 1.92
N VAL A 111 3.29 1.03 1.80
CA VAL A 111 3.51 2.07 0.81
C VAL A 111 5.00 2.42 0.70
N THR A 112 5.66 2.51 1.85
CA THR A 112 7.08 2.83 1.88
C THR A 112 7.89 1.86 1.02
N ALA A 113 7.81 0.58 1.35
CA ALA A 113 8.53 -0.44 0.61
C ALA A 113 8.27 -0.32 -0.89
N VAL A 114 7.05 0.04 -1.25
CA VAL A 114 6.67 0.20 -2.65
C VAL A 114 7.44 1.36 -3.30
N GLN A 115 7.26 2.56 -2.74
CA GLN A 115 7.94 3.74 -3.26
C GLN A 115 9.40 3.44 -3.59
N GLU A 116 10.17 3.12 -2.56
CA GLU A 116 11.59 2.81 -2.75
C GLU A 116 11.80 1.94 -3.98
N LYS A 117 10.96 0.92 -4.13
CA LYS A 117 11.05 0.01 -5.26
C LYS A 117 10.93 0.77 -6.58
N LEU A 118 9.87 1.54 -6.72
CA LEU A 118 9.63 2.32 -7.93
C LEU A 118 10.83 3.23 -8.23
N ASN A 119 11.52 3.65 -7.18
CA ASN A 119 12.68 4.52 -7.33
C ASN A 119 13.90 3.72 -7.78
N GLU A 120 13.81 2.41 -7.67
CA GLU A 120 14.91 1.52 -8.06
C GLU A 120 14.74 1.06 -9.51
N ILE A 121 13.50 1.04 -9.97
CA ILE A 121 13.20 0.62 -11.34
C ILE A 121 13.36 1.77 -12.32
N VAL A 122 12.67 2.87 -12.04
CA VAL A 122 12.73 4.05 -12.90
C VAL A 122 14.17 4.36 -13.29
N ASP A 123 15.12 3.87 -12.50
CA ASP A 123 16.54 4.09 -12.77
C ASP A 123 17.11 2.98 -13.63
N GLN A 124 16.77 1.74 -13.28
CA GLN A 124 17.26 0.59 -14.03
C GLN A 124 16.87 0.68 -15.50
N ILE A 125 15.69 1.25 -15.76
CA ILE A 125 15.21 1.40 -17.13
C ILE A 125 16.27 2.05 -18.02
N LYS A 126 17.25 2.68 -17.39
CA LYS A 126 18.33 3.33 -18.13
C LYS A 126 18.95 2.39 -19.14
N THR A 127 19.02 1.11 -18.79
CA THR A 127 19.60 0.10 -19.67
C THR A 127 18.56 -0.42 -20.66
N ARG A 128 17.32 -0.49 -20.23
CA ARG A 128 16.23 -0.96 -21.09
C ARG A 128 16.16 -0.14 -22.38
N GLY A 1 3.76 -7.62 25.14
CA GLY A 1 4.33 -8.64 26.00
C GLY A 1 3.78 -10.02 25.72
N SER A 2 4.55 -11.04 26.06
CA SER A 2 4.14 -12.43 25.83
C SER A 2 3.04 -12.82 26.82
N SER A 3 3.24 -12.49 28.09
CA SER A 3 2.28 -12.81 29.14
C SER A 3 1.08 -11.87 29.08
N GLY A 4 1.35 -10.57 29.20
CA GLY A 4 0.28 -9.59 29.16
C GLY A 4 -0.29 -9.41 27.77
N SER A 5 -1.60 -9.57 27.65
CA SER A 5 -2.28 -9.43 26.36
C SER A 5 -3.68 -8.83 26.55
N SER A 6 -3.96 -7.77 25.80
CA SER A 6 -5.26 -7.11 25.88
C SER A 6 -6.40 -8.11 25.69
N GLY A 7 -7.62 -7.66 25.91
CA GLY A 7 -8.77 -8.53 25.76
C GLY A 7 -9.10 -8.80 24.31
N MET A 8 -10.22 -8.26 23.84
CA MET A 8 -10.64 -8.46 22.46
C MET A 8 -9.88 -7.52 21.52
N THR A 9 -9.90 -7.85 20.23
CA THR A 9 -9.21 -7.03 19.23
C THR A 9 -10.20 -6.42 18.26
N ASP A 10 -10.34 -5.09 18.31
CA ASP A 10 -11.25 -4.37 17.43
C ASP A 10 -10.60 -4.10 16.08
N TYR A 11 -10.86 -4.98 15.12
CA TYR A 11 -10.30 -4.84 13.78
C TYR A 11 -10.82 -3.58 13.09
N GLY A 12 -12.13 -3.38 13.18
CA GLY A 12 -12.74 -2.21 12.57
C GLY A 12 -12.02 -0.92 12.93
N GLU A 13 -11.75 -0.74 14.21
CA GLU A 13 -11.07 0.46 14.68
C GLU A 13 -9.66 0.56 14.07
N GLU A 14 -8.80 -0.39 14.43
CA GLU A 14 -7.44 -0.41 13.92
C GLU A 14 -7.38 0.09 12.49
N GLN A 15 -8.38 -0.29 11.69
CA GLN A 15 -8.44 0.12 10.29
C GLN A 15 -8.85 1.59 10.18
N ARG A 16 -10.03 1.91 10.68
CA ARG A 16 -10.54 3.27 10.63
C ARG A 16 -9.54 4.25 11.26
N ASN A 17 -9.22 4.02 12.53
CA ASN A 17 -8.27 4.87 13.23
C ASN A 17 -7.06 5.20 12.35
N GLU A 18 -6.62 4.22 11.57
CA GLU A 18 -5.48 4.40 10.69
C GLU A 18 -5.85 5.29 9.50
N LEU A 19 -7.02 5.05 8.94
CA LEU A 19 -7.50 5.82 7.80
C LEU A 19 -7.36 7.32 8.05
N GLU A 20 -7.69 7.73 9.26
CA GLU A 20 -7.60 9.14 9.64
C GLU A 20 -6.15 9.64 9.53
N ALA A 21 -5.22 8.83 10.01
CA ALA A 21 -3.81 9.18 9.97
C ALA A 21 -3.33 9.38 8.53
N LEU A 22 -3.86 8.58 7.63
CA LEU A 22 -3.49 8.66 6.22
C LEU A 22 -4.23 9.80 5.53
N GLU A 23 -5.37 10.18 6.09
CA GLU A 23 -6.17 11.27 5.53
C GLU A 23 -5.39 12.58 5.54
N SER A 24 -4.65 12.82 6.61
CA SER A 24 -3.86 14.04 6.73
C SER A 24 -2.59 13.95 5.91
N ILE A 25 -1.74 12.97 6.22
CA ILE A 25 -0.49 12.78 5.50
C ILE A 25 -0.72 12.78 3.99
N TYR A 26 -1.90 12.35 3.58
CA TYR A 26 -2.25 12.30 2.16
C TYR A 26 -3.57 13.02 1.90
N PRO A 27 -3.51 14.35 1.77
CA PRO A 27 -4.69 15.17 1.52
C PRO A 27 -5.25 14.97 0.11
N ASP A 28 -4.38 14.60 -0.82
CA ASP A 28 -4.78 14.38 -2.20
C ASP A 28 -4.39 12.97 -2.66
N SER A 29 -3.13 12.61 -2.42
CA SER A 29 -2.62 11.31 -2.80
C SER A 29 -3.59 10.21 -2.39
N PHE A 30 -4.32 10.44 -1.31
CA PHE A 30 -5.28 9.47 -0.81
C PHE A 30 -6.69 9.80 -1.28
N THR A 31 -7.37 8.81 -1.85
CA THR A 31 -8.72 8.99 -2.35
C THR A 31 -9.57 7.75 -2.13
N VAL A 32 -10.70 7.92 -1.47
CA VAL A 32 -11.60 6.80 -1.19
C VAL A 32 -12.43 6.45 -2.42
N LEU A 33 -12.88 5.20 -2.49
CA LEU A 33 -13.69 4.73 -3.61
C LEU A 33 -15.10 4.40 -3.16
N SER A 34 -15.22 3.54 -2.16
CA SER A 34 -16.51 3.14 -1.63
C SER A 34 -16.49 3.08 -0.11
N GLU A 35 -17.45 3.75 0.52
CA GLU A 35 -17.53 3.77 1.98
C GLU A 35 -17.50 2.36 2.55
N ASN A 36 -18.21 1.44 1.90
CA ASN A 36 -18.26 0.05 2.34
C ASN A 36 -18.40 -0.89 1.15
N PRO A 37 -17.43 -1.82 1.02
CA PRO A 37 -16.32 -1.94 1.95
C PRO A 37 -15.33 -0.77 1.84
N PRO A 38 -14.50 -0.59 2.87
CA PRO A 38 -13.50 0.49 2.90
C PRO A 38 -12.37 0.26 1.90
N SER A 39 -12.61 0.65 0.66
CA SER A 39 -11.62 0.50 -0.39
C SER A 39 -11.13 1.86 -0.89
N PHE A 40 -9.81 2.07 -0.80
CA PHE A 40 -9.22 3.33 -1.23
C PHE A 40 -8.03 3.07 -2.16
N THR A 41 -7.53 4.14 -2.78
CA THR A 41 -6.41 4.03 -3.69
C THR A 41 -5.38 5.13 -3.44
N ILE A 42 -4.12 4.75 -3.35
CA ILE A 42 -3.04 5.71 -3.11
C ILE A 42 -2.17 5.89 -4.34
N THR A 43 -1.95 7.14 -4.73
CA THR A 43 -1.14 7.45 -5.91
C THR A 43 0.32 7.63 -5.52
N VAL A 44 1.16 6.71 -5.98
CA VAL A 44 2.59 6.77 -5.70
C VAL A 44 3.40 6.96 -6.97
N THR A 45 4.24 7.98 -6.98
CA THR A 45 5.08 8.28 -8.14
C THR A 45 6.55 8.16 -7.80
N SER A 46 7.34 7.65 -8.75
CA SER A 46 8.77 7.48 -8.54
C SER A 46 9.53 8.77 -8.85
N GLU A 47 10.67 8.95 -8.21
CA GLU A 47 11.49 10.15 -8.41
C GLU A 47 11.68 10.42 -9.90
N ALA A 48 12.36 11.52 -10.21
CA ALA A 48 12.62 11.90 -11.59
C ALA A 48 13.99 11.42 -12.05
N GLY A 49 14.00 10.45 -12.97
CA GLY A 49 15.26 9.92 -13.47
C GLY A 49 16.04 10.94 -14.26
N GLU A 50 17.24 10.57 -14.69
CA GLU A 50 18.10 11.47 -15.46
C GLU A 50 17.36 12.00 -16.67
N ASN A 51 16.39 11.24 -17.16
CA ASN A 51 15.60 11.64 -18.32
C ASN A 51 14.14 11.88 -17.94
N ASP A 52 13.93 12.61 -16.85
CA ASP A 52 12.59 12.90 -16.37
C ASP A 52 11.70 11.66 -16.43
N GLU A 53 12.30 10.50 -16.20
CA GLU A 53 11.57 9.24 -16.23
C GLU A 53 10.90 8.97 -14.87
N THR A 54 9.58 8.78 -14.89
CA THR A 54 8.84 8.51 -13.68
C THR A 54 7.76 7.46 -13.92
N VAL A 55 7.43 6.71 -12.87
CA VAL A 55 6.40 5.67 -12.97
C VAL A 55 5.35 5.83 -11.89
N GLN A 56 4.18 5.24 -12.11
CA GLN A 56 3.09 5.32 -11.14
C GLN A 56 2.29 4.03 -11.13
N THR A 57 1.78 3.67 -9.95
CA THR A 57 0.99 2.45 -9.80
C THR A 57 -0.15 2.66 -8.80
N THR A 58 -1.38 2.45 -9.27
CA THR A 58 -2.55 2.60 -8.42
C THR A 58 -2.73 1.41 -7.49
N LEU A 59 -2.58 1.64 -6.20
CA LEU A 59 -2.72 0.58 -5.20
C LEU A 59 -4.06 0.68 -4.48
N LYS A 60 -4.94 -0.27 -4.73
CA LYS A 60 -6.25 -0.29 -4.10
C LYS A 60 -6.26 -1.19 -2.87
N PHE A 61 -6.01 -0.60 -1.71
CA PHE A 61 -5.99 -1.35 -0.46
C PHE A 61 -7.40 -1.69 -0.01
N THR A 62 -7.62 -2.95 0.37
CA THR A 62 -8.92 -3.42 0.82
C THR A 62 -8.81 -4.16 2.14
N TYR A 63 -9.55 -3.68 3.15
CA TYR A 63 -9.54 -4.30 4.46
C TYR A 63 -10.30 -5.63 4.45
N SER A 64 -9.64 -6.68 4.91
CA SER A 64 -10.26 -8.01 4.95
C SER A 64 -10.85 -8.29 6.33
N GLU A 65 -11.70 -9.31 6.40
CA GLU A 65 -12.33 -9.68 7.66
C GLU A 65 -11.29 -9.95 8.74
N LYS A 66 -10.11 -10.37 8.32
CA LYS A 66 -9.02 -10.66 9.25
C LYS A 66 -7.88 -9.64 9.09
N TYR A 67 -7.98 -8.54 9.83
CA TYR A 67 -6.96 -7.50 9.76
C TYR A 67 -6.99 -6.63 11.02
N PRO A 68 -5.80 -6.24 11.49
CA PRO A 68 -4.54 -6.61 10.86
C PRO A 68 -4.22 -8.09 11.02
N ASP A 69 -5.08 -8.79 11.76
CA ASP A 69 -4.89 -10.23 11.98
C ASP A 69 -4.26 -10.89 10.77
N GLU A 70 -4.88 -10.72 9.61
CA GLU A 70 -4.39 -11.30 8.37
C GLU A 70 -4.04 -10.22 7.36
N ALA A 71 -2.94 -10.42 6.64
CA ALA A 71 -2.50 -9.47 5.63
C ALA A 71 -3.67 -8.91 4.84
N PRO A 72 -3.64 -7.60 4.55
CA PRO A 72 -4.69 -6.93 3.80
C PRO A 72 -4.73 -7.35 2.34
N LEU A 73 -5.51 -6.63 1.54
CA LEU A 73 -5.63 -6.94 0.11
C LEU A 73 -5.18 -5.76 -0.74
N TYR A 74 -4.12 -5.96 -1.52
CA TYR A 74 -3.58 -4.91 -2.38
C TYR A 74 -3.75 -5.29 -3.85
N GLU A 75 -4.50 -4.48 -4.58
CA GLU A 75 -4.74 -4.72 -6.01
C GLU A 75 -4.23 -3.55 -6.84
N ILE A 76 -3.65 -3.87 -8.00
CA ILE A 76 -3.12 -2.85 -8.89
C ILE A 76 -4.13 -2.49 -9.97
N PHE A 77 -4.86 -1.40 -9.75
CA PHE A 77 -5.86 -0.95 -10.71
C PHE A 77 -5.23 -0.66 -12.06
N SER A 78 -4.13 0.08 -12.05
CA SER A 78 -3.43 0.43 -13.28
C SER A 78 -1.95 0.70 -13.01
N GLN A 79 -1.13 0.61 -14.06
CA GLN A 79 0.29 0.83 -13.93
C GLN A 79 0.85 1.52 -15.18
N GLU A 80 2.04 2.11 -15.04
CA GLU A 80 2.67 2.80 -16.15
C GLU A 80 4.16 2.47 -16.22
N ASN A 81 4.64 2.17 -17.43
CA ASN A 81 6.04 1.83 -17.63
C ASN A 81 6.46 0.65 -16.75
N LEU A 82 5.55 -0.30 -16.59
CA LEU A 82 5.80 -1.48 -15.78
C LEU A 82 5.39 -2.75 -16.52
N GLU A 83 6.21 -3.80 -16.41
CA GLU A 83 5.93 -5.06 -17.06
C GLU A 83 5.63 -6.15 -16.02
N ASP A 84 5.02 -7.24 -16.48
CA ASP A 84 4.68 -8.35 -15.60
C ASP A 84 5.77 -8.57 -14.55
N ASN A 85 7.02 -8.64 -15.01
CA ASN A 85 8.14 -8.84 -14.10
C ASN A 85 8.18 -7.76 -13.02
N ASP A 86 8.25 -6.51 -13.45
CA ASP A 86 8.30 -5.39 -12.52
C ASP A 86 7.09 -5.40 -11.59
N VAL A 87 5.89 -5.30 -12.17
CA VAL A 87 4.66 -5.31 -11.40
C VAL A 87 4.65 -6.46 -10.40
N SER A 88 5.12 -7.61 -10.84
CA SER A 88 5.16 -8.79 -9.98
C SER A 88 6.06 -8.57 -8.77
N ASP A 89 7.31 -8.18 -9.04
CA ASP A 89 8.28 -7.92 -7.98
C ASP A 89 7.66 -7.05 -6.87
N ILE A 90 6.72 -6.19 -7.26
CA ILE A 90 6.06 -5.31 -6.32
C ILE A 90 4.99 -6.05 -5.53
N LEU A 91 4.39 -7.06 -6.17
CA LEU A 91 3.35 -7.86 -5.52
C LEU A 91 3.94 -8.76 -4.45
N LYS A 92 4.92 -9.57 -4.85
CA LYS A 92 5.57 -10.49 -3.92
C LYS A 92 6.15 -9.74 -2.74
N LEU A 93 6.85 -8.64 -3.02
CA LEU A 93 7.46 -7.83 -1.97
C LEU A 93 6.45 -7.49 -0.88
N LEU A 94 5.28 -7.01 -1.29
CA LEU A 94 4.22 -6.64 -0.35
C LEU A 94 3.75 -7.87 0.44
N ALA A 95 3.83 -9.03 -0.20
CA ALA A 95 3.42 -10.28 0.45
C ALA A 95 4.34 -10.62 1.62
N LEU A 96 5.63 -10.57 1.38
CA LEU A 96 6.61 -10.88 2.42
C LEU A 96 6.61 -9.80 3.50
N GLN A 97 6.55 -8.55 3.08
CA GLN A 97 6.54 -7.43 4.01
C GLN A 97 5.22 -7.37 4.79
N ALA A 98 4.13 -7.76 4.13
CA ALA A 98 2.82 -7.76 4.75
C ALA A 98 2.64 -8.98 5.65
N GLU A 99 3.47 -9.99 5.43
CA GLU A 99 3.40 -11.22 6.23
C GLU A 99 4.37 -11.16 7.40
N GLU A 100 5.36 -10.28 7.30
CA GLU A 100 6.35 -10.13 8.36
C GLU A 100 5.89 -9.12 9.40
N ASN A 101 4.94 -8.27 9.01
CA ASN A 101 4.40 -7.25 9.91
C ASN A 101 2.95 -7.54 10.26
N LEU A 102 2.58 -8.82 10.24
CA LEU A 102 1.23 -9.24 10.56
C LEU A 102 0.91 -9.00 12.03
N GLY A 103 -0.34 -8.67 12.33
CA GLY A 103 -0.74 -8.42 13.70
C GLY A 103 -0.76 -6.95 14.04
N MET A 104 -0.60 -6.10 13.03
CA MET A 104 -0.60 -4.66 13.23
C MET A 104 -0.80 -3.92 11.91
N VAL A 105 -1.19 -2.66 11.99
CA VAL A 105 -1.42 -1.84 10.80
C VAL A 105 -0.11 -1.50 10.11
N MET A 106 0.01 -1.89 8.85
CA MET A 106 1.22 -1.62 8.07
C MET A 106 0.88 -0.88 6.78
N ILE A 107 -0.30 -0.27 6.74
CA ILE A 107 -0.74 0.47 5.57
C ILE A 107 0.31 1.49 5.15
N PHE A 108 0.95 2.13 6.12
CA PHE A 108 1.97 3.12 5.85
C PHE A 108 3.30 2.46 5.51
N THR A 109 3.77 1.57 6.40
CA THR A 109 5.02 0.87 6.19
C THR A 109 5.12 0.31 4.77
N LEU A 110 4.02 -0.28 4.29
CA LEU A 110 3.98 -0.85 2.95
C LEU A 110 4.32 0.20 1.91
N VAL A 111 3.52 1.27 1.86
CA VAL A 111 3.74 2.34 0.89
C VAL A 111 5.22 2.71 0.81
N THR A 112 5.93 2.58 1.93
CA THR A 112 7.34 2.89 1.99
C THR A 112 8.16 1.94 1.13
N ALA A 113 7.96 0.64 1.34
CA ALA A 113 8.68 -0.38 0.58
C ALA A 113 8.39 -0.25 -0.91
N VAL A 114 7.12 0.02 -1.24
CA VAL A 114 6.72 0.17 -2.63
C VAL A 114 7.41 1.36 -3.28
N GLN A 115 7.21 2.54 -2.70
CA GLN A 115 7.82 3.75 -3.23
C GLN A 115 9.29 3.54 -3.56
N GLU A 116 9.94 2.68 -2.77
CA GLU A 116 11.36 2.38 -2.98
C GLU A 116 11.55 1.51 -4.22
N LYS A 117 10.68 0.51 -4.37
CA LYS A 117 10.76 -0.40 -5.50
C LYS A 117 10.65 0.36 -6.83
N LEU A 118 9.66 1.23 -6.91
CA LEU A 118 9.43 2.03 -8.12
C LEU A 118 10.63 2.95 -8.39
N ASN A 119 11.31 3.35 -7.31
CA ASN A 119 12.46 4.23 -7.44
C ASN A 119 13.67 3.47 -7.98
N GLU A 120 13.62 2.15 -7.91
CA GLU A 120 14.71 1.31 -8.39
C GLU A 120 14.52 0.98 -9.87
N ILE A 121 13.32 0.56 -10.24
CA ILE A 121 13.01 0.22 -11.62
C ILE A 121 13.24 1.41 -12.54
N VAL A 122 12.76 2.58 -12.11
CA VAL A 122 12.91 3.81 -12.90
C VAL A 122 14.36 4.02 -13.31
N ASP A 123 15.29 3.58 -12.46
CA ASP A 123 16.72 3.72 -12.74
C ASP A 123 17.22 2.56 -13.59
N GLN A 124 16.53 1.43 -13.51
CA GLN A 124 16.92 0.24 -14.28
C GLN A 124 16.59 0.43 -15.75
N ILE A 125 15.63 1.31 -16.03
CA ILE A 125 15.22 1.58 -17.41
C ILE A 125 16.35 2.24 -18.20
N LYS A 126 17.25 2.91 -17.49
CA LYS A 126 18.38 3.59 -18.11
C LYS A 126 19.33 2.58 -18.75
N THR A 127 19.42 1.39 -18.15
CA THR A 127 20.29 0.35 -18.65
C THR A 127 19.53 -0.61 -19.57
N ARG A 128 18.56 -0.08 -20.30
CA ARG A 128 17.75 -0.89 -21.20
C ARG A 128 18.47 -1.08 -22.53
N GLY A 1 -26.76 -3.74 11.87
CA GLY A 1 -26.53 -4.12 13.25
C GLY A 1 -25.82 -3.04 14.05
N SER A 2 -25.68 -3.27 15.35
CA SER A 2 -25.02 -2.30 16.22
C SER A 2 -23.68 -2.82 16.70
N SER A 3 -23.67 -4.02 17.28
CA SER A 3 -22.45 -4.63 17.78
C SER A 3 -21.76 -5.42 16.68
N GLY A 4 -20.49 -5.75 16.91
CA GLY A 4 -19.73 -6.51 15.93
C GLY A 4 -18.55 -7.23 16.54
N SER A 5 -17.86 -6.56 17.47
CA SER A 5 -16.70 -7.14 18.13
C SER A 5 -16.46 -6.49 19.48
N SER A 6 -16.30 -7.32 20.51
CA SER A 6 -16.07 -6.82 21.86
C SER A 6 -15.04 -7.68 22.58
N GLY A 7 -14.29 -7.05 23.49
CA GLY A 7 -13.27 -7.77 24.23
C GLY A 7 -11.95 -7.85 23.50
N MET A 8 -11.93 -8.62 22.41
CA MET A 8 -10.72 -8.77 21.61
C MET A 8 -10.32 -7.45 20.97
N THR A 9 -9.14 -7.43 20.35
CA THR A 9 -8.64 -6.23 19.69
C THR A 9 -9.64 -5.73 18.64
N ASP A 10 -10.29 -4.61 18.94
CA ASP A 10 -11.27 -4.03 18.02
C ASP A 10 -10.65 -3.84 16.63
N TYR A 11 -11.12 -4.64 15.68
CA TYR A 11 -10.62 -4.57 14.31
C TYR A 11 -11.22 -3.37 13.57
N GLY A 12 -12.54 -3.38 13.43
CA GLY A 12 -13.22 -2.30 12.75
C GLY A 12 -12.61 -0.94 13.06
N GLU A 13 -12.17 -0.74 14.29
CA GLU A 13 -11.56 0.51 14.71
C GLU A 13 -10.22 0.71 14.02
N GLU A 14 -9.29 -0.20 14.24
CA GLU A 14 -7.97 -0.12 13.64
C GLU A 14 -8.06 0.43 12.22
N GLN A 15 -8.97 -0.13 11.42
CA GLN A 15 -9.15 0.31 10.05
C GLN A 15 -9.46 1.80 9.98
N ARG A 16 -10.55 2.20 10.61
CA ARG A 16 -10.95 3.61 10.62
C ARG A 16 -9.86 4.48 11.25
N ASN A 17 -9.57 4.23 12.52
CA ASN A 17 -8.55 5.00 13.23
C ASN A 17 -7.36 5.31 12.31
N GLU A 18 -6.87 4.28 11.63
CA GLU A 18 -5.74 4.44 10.72
C GLU A 18 -6.12 5.32 9.53
N LEU A 19 -7.20 4.95 8.84
CA LEU A 19 -7.66 5.70 7.69
C LEU A 19 -7.53 7.20 7.93
N GLU A 20 -7.83 7.64 9.14
CA GLU A 20 -7.74 9.05 9.49
C GLU A 20 -6.29 9.50 9.54
N ALA A 21 -5.44 8.69 10.16
CA ALA A 21 -4.01 9.02 10.27
C ALA A 21 -3.37 9.13 8.89
N LEU A 22 -3.61 8.14 8.04
CA LEU A 22 -3.05 8.13 6.70
C LEU A 22 -3.36 9.44 5.97
N GLU A 23 -4.60 9.91 6.11
CA GLU A 23 -5.02 11.15 5.47
C GLU A 23 -3.96 12.23 5.62
N SER A 24 -3.48 12.41 6.85
CA SER A 24 -2.47 13.41 7.15
C SER A 24 -1.24 13.22 6.25
N ILE A 25 -0.71 11.99 6.24
CA ILE A 25 0.46 11.68 5.44
C ILE A 25 0.19 11.93 3.96
N TYR A 26 -0.95 11.47 3.48
CA TYR A 26 -1.33 11.66 2.08
C TYR A 26 -2.67 12.38 1.96
N PRO A 27 -2.63 13.70 2.11
CA PRO A 27 -3.83 14.54 2.03
C PRO A 27 -4.39 14.61 0.60
N ASP A 28 -3.52 14.41 -0.38
CA ASP A 28 -3.92 14.44 -1.77
C ASP A 28 -3.86 13.05 -2.40
N SER A 29 -2.65 12.51 -2.52
CA SER A 29 -2.45 11.20 -3.10
C SER A 29 -3.55 10.23 -2.66
N PHE A 30 -4.07 10.46 -1.46
CA PHE A 30 -5.12 9.61 -0.91
C PHE A 30 -6.45 9.88 -1.62
N THR A 31 -7.11 8.80 -2.05
CA THR A 31 -8.39 8.93 -2.74
C THR A 31 -9.33 7.79 -2.36
N VAL A 32 -10.42 8.12 -1.69
CA VAL A 32 -11.39 7.13 -1.26
C VAL A 32 -12.29 6.71 -2.42
N LEU A 33 -12.25 5.43 -2.77
CA LEU A 33 -13.06 4.91 -3.87
C LEU A 33 -14.53 4.82 -3.46
N SER A 34 -14.82 3.99 -2.46
CA SER A 34 -16.18 3.82 -1.97
C SER A 34 -16.21 3.68 -0.45
N GLU A 35 -17.19 4.29 0.17
CA GLU A 35 -17.34 4.24 1.63
C GLU A 35 -17.34 2.79 2.12
N ASN A 36 -18.27 2.00 1.59
CA ASN A 36 -18.39 0.60 1.98
C ASN A 36 -18.40 -0.30 0.74
N PRO A 37 -17.47 -1.27 0.70
CA PRO A 37 -16.49 -1.47 1.78
C PRO A 37 -15.46 -0.36 1.83
N PRO A 38 -14.68 -0.32 2.93
CA PRO A 38 -13.64 0.70 3.12
C PRO A 38 -12.47 0.52 2.18
N SER A 39 -12.63 0.98 0.94
CA SER A 39 -11.58 0.86 -0.07
C SER A 39 -10.99 2.22 -0.40
N PHE A 40 -9.70 2.25 -0.69
CA PHE A 40 -9.01 3.49 -1.03
C PHE A 40 -7.79 3.22 -1.91
N THR A 41 -7.39 4.23 -2.68
CA THR A 41 -6.24 4.11 -3.57
C THR A 41 -5.19 5.15 -3.25
N ILE A 42 -3.93 4.79 -3.45
CA ILE A 42 -2.81 5.71 -3.19
C ILE A 42 -1.92 5.84 -4.41
N THR A 43 -1.76 7.08 -4.89
CA THR A 43 -0.92 7.35 -6.05
C THR A 43 0.53 7.57 -5.65
N VAL A 44 1.42 6.73 -6.18
CA VAL A 44 2.84 6.82 -5.89
C VAL A 44 3.65 7.01 -7.15
N THR A 45 4.23 8.20 -7.31
CA THR A 45 5.04 8.51 -8.48
C THR A 45 6.53 8.51 -8.13
N SER A 46 7.35 8.07 -9.09
CA SER A 46 8.79 8.02 -8.89
C SER A 46 9.46 9.30 -9.40
N GLU A 47 10.62 9.61 -8.83
CA GLU A 47 11.37 10.81 -9.22
C GLU A 47 11.72 10.75 -10.70
N ALA A 48 12.44 11.77 -11.17
CA ALA A 48 12.85 11.84 -12.57
C ALA A 48 14.29 11.34 -12.73
N GLY A 49 14.45 10.30 -13.55
CA GLY A 49 15.76 9.73 -13.78
C GLY A 49 16.59 10.57 -14.75
N GLU A 50 16.83 10.03 -15.94
CA GLU A 50 17.62 10.73 -16.95
C GLU A 50 16.70 11.39 -17.97
N ASN A 51 15.82 10.59 -18.58
CA ASN A 51 14.89 11.09 -19.58
C ASN A 51 13.52 11.37 -18.97
N ASP A 52 13.52 12.02 -17.80
CA ASP A 52 12.28 12.36 -17.11
C ASP A 52 11.35 11.14 -17.06
N GLU A 53 11.94 9.95 -17.08
CA GLU A 53 11.16 8.71 -17.04
C GLU A 53 10.50 8.54 -15.67
N THR A 54 9.18 8.66 -15.64
CA THR A 54 8.43 8.52 -14.40
C THR A 54 7.48 7.32 -14.47
N VAL A 55 7.35 6.61 -13.35
CA VAL A 55 6.48 5.45 -13.29
C VAL A 55 5.45 5.60 -12.17
N GLN A 56 4.25 5.08 -12.40
CA GLN A 56 3.18 5.16 -11.42
C GLN A 56 2.42 3.83 -11.35
N THR A 57 1.91 3.52 -10.15
CA THR A 57 1.17 2.29 -9.94
C THR A 57 0.04 2.49 -8.94
N THR A 58 -1.19 2.31 -9.40
CA THR A 58 -2.36 2.48 -8.55
C THR A 58 -2.53 1.30 -7.60
N LEU A 59 -2.40 1.57 -6.30
CA LEU A 59 -2.53 0.52 -5.29
C LEU A 59 -3.88 0.61 -4.59
N LYS A 60 -4.72 -0.41 -4.79
CA LYS A 60 -6.04 -0.44 -4.18
C LYS A 60 -6.03 -1.32 -2.93
N PHE A 61 -5.97 -0.69 -1.77
CA PHE A 61 -5.95 -1.42 -0.51
C PHE A 61 -7.37 -1.60 0.03
N THR A 62 -7.70 -2.83 0.41
CA THR A 62 -9.03 -3.14 0.95
C THR A 62 -8.93 -3.92 2.25
N TYR A 63 -9.85 -3.64 3.17
CA TYR A 63 -9.86 -4.32 4.47
C TYR A 63 -10.73 -5.56 4.42
N SER A 64 -10.11 -6.72 4.54
CA SER A 64 -10.83 -7.99 4.51
C SER A 64 -11.58 -8.22 5.81
N GLU A 65 -12.27 -9.36 5.90
CA GLU A 65 -13.03 -9.69 7.10
C GLU A 65 -12.11 -9.86 8.31
N LYS A 66 -10.82 -10.01 8.03
CA LYS A 66 -9.83 -10.18 9.10
C LYS A 66 -8.65 -9.24 8.90
N TYR A 67 -8.60 -8.17 9.68
CA TYR A 67 -7.53 -7.20 9.59
C TYR A 67 -7.61 -6.18 10.73
N PRO A 68 -6.43 -5.80 11.27
CA PRO A 68 -5.15 -6.32 10.81
C PRO A 68 -4.95 -7.79 11.16
N ASP A 69 -5.91 -8.36 11.87
CA ASP A 69 -5.85 -9.76 12.27
C ASP A 69 -5.17 -10.61 11.20
N GLU A 70 -5.55 -10.36 9.94
CA GLU A 70 -4.98 -11.11 8.83
C GLU A 70 -4.44 -10.15 7.76
N ALA A 71 -3.78 -10.72 6.75
CA ALA A 71 -3.22 -9.92 5.67
C ALA A 71 -4.31 -9.21 4.87
N PRO A 72 -4.10 -7.92 4.59
CA PRO A 72 -5.06 -7.11 3.84
C PRO A 72 -5.12 -7.52 2.37
N LEU A 73 -5.92 -6.79 1.59
CA LEU A 73 -6.07 -7.07 0.17
C LEU A 73 -5.39 -5.99 -0.67
N TYR A 74 -4.48 -6.41 -1.54
CA TYR A 74 -3.76 -5.49 -2.40
C TYR A 74 -3.90 -5.89 -3.87
N GLU A 75 -3.96 -4.90 -4.74
CA GLU A 75 -4.10 -5.14 -6.18
C GLU A 75 -3.76 -3.90 -6.99
N ILE A 76 -3.08 -4.10 -8.11
CA ILE A 76 -2.70 -2.98 -8.97
C ILE A 76 -3.72 -2.76 -10.08
N PHE A 77 -4.68 -1.88 -9.82
CA PHE A 77 -5.73 -1.57 -10.80
C PHE A 77 -5.11 -1.18 -12.13
N SER A 78 -4.16 -0.26 -12.10
CA SER A 78 -3.51 0.21 -13.32
C SER A 78 -2.04 0.52 -13.05
N GLN A 79 -1.20 0.38 -14.08
CA GLN A 79 0.22 0.64 -13.96
C GLN A 79 0.80 1.12 -15.30
N GLU A 80 2.03 1.63 -15.24
CA GLU A 80 2.70 2.10 -16.45
C GLU A 80 4.21 1.95 -16.34
N ASN A 81 4.84 1.51 -17.42
CA ASN A 81 6.28 1.30 -17.44
C ASN A 81 6.70 0.25 -16.43
N LEU A 82 5.95 -0.85 -16.37
CA LEU A 82 6.25 -1.93 -15.43
C LEU A 82 5.83 -3.27 -16.02
N GLU A 83 6.82 -4.06 -16.45
CA GLU A 83 6.56 -5.37 -17.02
C GLU A 83 6.18 -6.37 -15.93
N ASP A 84 5.88 -7.60 -16.35
CA ASP A 84 5.49 -8.66 -15.41
C ASP A 84 6.53 -8.79 -14.30
N ASN A 85 7.81 -8.75 -14.68
CA ASN A 85 8.89 -8.87 -13.72
C ASN A 85 8.88 -7.72 -12.73
N ASP A 86 8.63 -6.52 -13.24
CA ASP A 86 8.59 -5.32 -12.40
C ASP A 86 7.42 -5.40 -11.41
N VAL A 87 6.23 -5.70 -11.91
CA VAL A 87 5.04 -5.80 -11.07
C VAL A 87 5.19 -6.92 -10.05
N SER A 88 5.34 -8.15 -10.55
CA SER A 88 5.48 -9.31 -9.69
C SER A 88 6.47 -9.02 -8.55
N ASP A 89 7.56 -8.34 -8.88
CA ASP A 89 8.57 -8.00 -7.89
C ASP A 89 8.00 -7.10 -6.80
N ILE A 90 7.12 -6.18 -7.20
CA ILE A 90 6.49 -5.26 -6.27
C ILE A 90 5.36 -5.94 -5.49
N LEU A 91 4.68 -6.86 -6.15
CA LEU A 91 3.57 -7.58 -5.54
C LEU A 91 4.09 -8.54 -4.46
N LYS A 92 5.02 -9.40 -4.84
CA LYS A 92 5.60 -10.37 -3.92
C LYS A 92 6.15 -9.68 -2.68
N LEU A 93 6.75 -8.51 -2.88
CA LEU A 93 7.32 -7.75 -1.77
C LEU A 93 6.26 -7.48 -0.70
N LEU A 94 5.09 -7.03 -1.14
CA LEU A 94 3.99 -6.74 -0.22
C LEU A 94 3.66 -7.95 0.64
N ALA A 95 3.34 -9.07 -0.02
CA ALA A 95 3.01 -10.29 0.68
C ALA A 95 3.87 -10.47 1.92
N LEU A 96 5.18 -10.57 1.73
CA LEU A 96 6.11 -10.75 2.83
C LEU A 96 5.93 -9.64 3.88
N GLN A 97 6.19 -8.41 3.46
CA GLN A 97 6.06 -7.27 4.36
C GLN A 97 4.86 -7.43 5.29
N ALA A 98 3.69 -7.68 4.70
CA ALA A 98 2.47 -7.87 5.47
C ALA A 98 2.58 -9.10 6.37
N GLU A 99 2.73 -10.28 5.75
CA GLU A 99 2.84 -11.52 6.50
C GLU A 99 3.76 -11.35 7.71
N GLU A 100 4.70 -10.42 7.60
CA GLU A 100 5.64 -10.17 8.69
C GLU A 100 5.07 -9.14 9.67
N ASN A 101 4.27 -8.22 9.14
CA ASN A 101 3.66 -7.18 9.98
C ASN A 101 2.20 -7.51 10.26
N LEU A 102 1.88 -8.80 10.32
CA LEU A 102 0.52 -9.23 10.60
C LEU A 102 0.13 -8.93 12.04
N GLY A 103 -1.18 -8.87 12.30
CA GLY A 103 -1.67 -8.59 13.63
C GLY A 103 -1.93 -7.11 13.86
N MET A 104 -1.37 -6.28 12.99
CA MET A 104 -1.54 -4.84 13.10
C MET A 104 -1.50 -4.18 11.72
N VAL A 105 -1.99 -2.95 11.64
CA VAL A 105 -2.01 -2.21 10.39
C VAL A 105 -0.61 -2.10 9.79
N MET A 106 -0.50 -2.39 8.51
CA MET A 106 0.80 -2.32 7.82
C MET A 106 0.67 -1.54 6.50
N ILE A 107 -0.14 -0.49 6.52
CA ILE A 107 -0.33 0.34 5.33
C ILE A 107 0.88 1.22 5.07
N PHE A 108 1.03 2.25 5.89
CA PHE A 108 2.14 3.19 5.75
C PHE A 108 3.45 2.44 5.48
N THR A 109 3.68 1.38 6.25
CA THR A 109 4.89 0.58 6.10
C THR A 109 4.96 -0.05 4.71
N LEU A 110 3.85 -0.64 4.28
CA LEU A 110 3.79 -1.28 2.97
C LEU A 110 4.04 -0.28 1.86
N VAL A 111 3.35 0.86 1.92
CA VAL A 111 3.51 1.91 0.93
C VAL A 111 4.95 2.38 0.84
N THR A 112 5.71 2.13 1.90
CA THR A 112 7.12 2.53 1.93
C THR A 112 7.97 1.63 1.03
N ALA A 113 7.85 0.33 1.23
CA ALA A 113 8.61 -0.63 0.42
C ALA A 113 8.30 -0.47 -1.07
N VAL A 114 7.06 -0.13 -1.37
CA VAL A 114 6.63 0.06 -2.76
C VAL A 114 7.37 1.24 -3.40
N GLN A 115 7.13 2.43 -2.87
CA GLN A 115 7.77 3.64 -3.39
C GLN A 115 9.24 3.38 -3.68
N GLU A 116 9.98 2.92 -2.68
CA GLU A 116 11.40 2.64 -2.83
C GLU A 116 11.65 1.79 -4.07
N LYS A 117 10.83 0.77 -4.26
CA LYS A 117 10.96 -0.12 -5.41
C LYS A 117 10.89 0.65 -6.72
N LEU A 118 9.87 1.51 -6.83
CA LEU A 118 9.69 2.31 -8.03
C LEU A 118 10.94 3.16 -8.31
N ASN A 119 11.40 3.87 -7.30
CA ASN A 119 12.59 4.72 -7.44
C ASN A 119 13.79 3.89 -7.91
N GLU A 120 13.72 2.58 -7.70
CA GLU A 120 14.80 1.68 -8.10
C GLU A 120 14.65 1.26 -9.55
N ILE A 121 13.40 1.10 -9.98
CA ILE A 121 13.12 0.70 -11.36
C ILE A 121 13.25 1.88 -12.32
N VAL A 122 12.84 3.05 -11.86
CA VAL A 122 12.91 4.26 -12.68
C VAL A 122 14.34 4.53 -13.12
N ASP A 123 15.29 3.82 -12.52
CA ASP A 123 16.70 3.99 -12.85
C ASP A 123 17.17 2.89 -13.81
N GLN A 124 16.42 1.79 -13.84
CA GLN A 124 16.75 0.67 -14.71
C GLN A 124 16.05 0.80 -16.06
N ILE A 125 15.06 1.69 -16.12
CA ILE A 125 14.30 1.90 -17.35
C ILE A 125 15.10 2.73 -18.34
N LYS A 126 16.13 3.42 -17.85
CA LYS A 126 16.97 4.26 -18.69
C LYS A 126 17.61 3.44 -19.81
N THR A 127 17.80 2.15 -19.56
CA THR A 127 18.39 1.25 -20.54
C THR A 127 17.59 1.27 -21.85
N ARG A 128 16.34 1.70 -21.76
CA ARG A 128 15.47 1.75 -22.93
C ARG A 128 16.16 2.48 -24.08
N GLY A 1 -12.78 9.49 19.03
CA GLY A 1 -13.90 10.15 19.66
C GLY A 1 -14.18 9.60 21.05
N SER A 2 -15.46 9.59 21.43
CA SER A 2 -15.85 9.10 22.75
C SER A 2 -15.15 7.78 23.07
N SER A 3 -14.87 6.99 22.03
CA SER A 3 -14.21 5.71 22.20
C SER A 3 -12.74 5.90 22.54
N GLY A 4 -12.06 4.81 22.90
CA GLY A 4 -10.66 4.88 23.24
C GLY A 4 -9.92 3.59 22.95
N SER A 5 -8.69 3.71 22.48
CA SER A 5 -7.88 2.53 22.15
C SER A 5 -7.18 2.00 23.39
N SER A 6 -7.91 1.92 24.50
CA SER A 6 -7.35 1.43 25.75
C SER A 6 -7.46 -0.09 25.83
N GLY A 7 -8.66 -0.61 25.57
CA GLY A 7 -8.87 -2.05 25.62
C GLY A 7 -8.03 -2.79 24.61
N MET A 8 -8.22 -4.11 24.52
CA MET A 8 -7.47 -4.94 23.59
C MET A 8 -7.37 -4.26 22.23
N THR A 9 -6.47 -4.78 21.39
CA THR A 9 -6.27 -4.22 20.05
C THR A 9 -7.46 -4.53 19.15
N ASP A 10 -8.49 -3.69 19.22
CA ASP A 10 -9.68 -3.88 18.39
C ASP A 10 -9.39 -3.56 16.93
N TYR A 11 -9.79 -4.47 16.04
CA TYR A 11 -9.57 -4.28 14.62
C TYR A 11 -10.55 -3.28 14.03
N GLY A 12 -11.83 -3.47 14.35
CA GLY A 12 -12.85 -2.57 13.86
C GLY A 12 -12.51 -1.11 14.08
N GLU A 13 -11.76 -0.84 15.15
CA GLU A 13 -11.36 0.52 15.47
C GLU A 13 -10.06 0.89 14.77
N GLU A 14 -9.06 0.02 14.89
CA GLU A 14 -7.76 0.26 14.27
C GLU A 14 -7.91 0.50 12.78
N GLN A 15 -9.02 0.02 12.20
CA GLN A 15 -9.28 0.21 10.78
C GLN A 15 -9.64 1.65 10.47
N ARG A 16 -10.63 2.18 11.17
CA ARG A 16 -11.06 3.56 10.97
C ARG A 16 -10.05 4.53 11.55
N ASN A 17 -9.66 4.30 12.80
CA ASN A 17 -8.70 5.18 13.47
C ASN A 17 -7.50 5.45 12.58
N GLU A 18 -7.08 4.43 11.82
CA GLU A 18 -5.94 4.56 10.93
C GLU A 18 -6.29 5.44 9.73
N LEU A 19 -7.49 5.25 9.18
CA LEU A 19 -7.94 6.01 8.03
C LEU A 19 -7.76 7.51 8.27
N GLU A 20 -8.21 7.98 9.43
CA GLU A 20 -8.08 9.39 9.78
C GLU A 20 -6.63 9.86 9.66
N ALA A 21 -5.72 9.02 10.13
CA ALA A 21 -4.30 9.35 10.08
C ALA A 21 -3.82 9.51 8.64
N LEU A 22 -4.03 8.49 7.83
CA LEU A 22 -3.63 8.53 6.42
C LEU A 22 -4.20 9.74 5.72
N GLU A 23 -5.34 10.23 6.22
CA GLU A 23 -6.00 11.39 5.64
C GLU A 23 -5.04 12.57 5.56
N SER A 24 -4.29 12.79 6.65
CA SER A 24 -3.34 13.90 6.71
C SER A 24 -2.15 13.63 5.79
N ILE A 25 -1.40 12.58 6.09
CA ILE A 25 -0.24 12.22 5.29
C ILE A 25 -0.55 12.27 3.80
N TYR A 26 -1.67 11.66 3.43
CA TYR A 26 -2.09 11.62 2.02
C TYR A 26 -3.34 12.48 1.81
N PRO A 27 -3.13 13.80 1.66
CA PRO A 27 -4.23 14.74 1.44
C PRO A 27 -4.87 14.59 0.08
N ASP A 28 -4.07 14.20 -0.92
CA ASP A 28 -4.56 14.01 -2.27
C ASP A 28 -4.27 12.60 -2.76
N SER A 29 -3.04 12.13 -2.53
CA SER A 29 -2.63 10.80 -2.95
C SER A 29 -3.65 9.76 -2.50
N PHE A 30 -4.20 9.95 -1.31
CA PHE A 30 -5.18 9.01 -0.77
C PHE A 30 -6.60 9.45 -1.13
N THR A 31 -7.26 8.67 -1.98
CA THR A 31 -8.62 8.98 -2.42
C THR A 31 -9.54 7.80 -2.17
N VAL A 32 -10.65 8.05 -1.48
CA VAL A 32 -11.63 7.01 -1.18
C VAL A 32 -12.49 6.70 -2.39
N LEU A 33 -12.73 5.41 -2.63
CA LEU A 33 -13.54 4.98 -3.76
C LEU A 33 -14.98 4.70 -3.33
N SER A 34 -15.13 3.75 -2.40
CA SER A 34 -16.44 3.38 -1.90
C SER A 34 -16.51 3.52 -0.38
N GLU A 35 -17.58 4.13 0.11
CA GLU A 35 -17.76 4.32 1.55
C GLU A 35 -17.81 2.98 2.27
N ASN A 36 -18.47 2.01 1.66
CA ASN A 36 -18.60 0.68 2.25
C ASN A 36 -18.64 -0.39 1.17
N PRO A 37 -17.66 -1.32 1.22
CA PRO A 37 -16.62 -1.31 2.24
C PRO A 37 -15.64 -0.16 2.08
N PRO A 38 -14.89 0.16 3.14
CA PRO A 38 -13.91 1.24 3.14
C PRO A 38 -12.70 0.93 2.26
N SER A 39 -12.79 1.32 0.99
CA SER A 39 -11.70 1.08 0.05
C SER A 39 -11.13 2.39 -0.48
N PHE A 40 -9.84 2.40 -0.75
CA PHE A 40 -9.17 3.60 -1.26
C PHE A 40 -7.98 3.22 -2.13
N THR A 41 -7.40 4.21 -2.80
CA THR A 41 -6.25 4.00 -3.67
C THR A 41 -5.15 5.02 -3.39
N ILE A 42 -3.91 4.53 -3.30
CA ILE A 42 -2.77 5.41 -3.05
C ILE A 42 -1.92 5.58 -4.30
N THR A 43 -1.48 6.80 -4.54
CA THR A 43 -0.64 7.09 -5.70
C THR A 43 0.83 7.20 -5.31
N VAL A 44 1.68 6.47 -6.04
CA VAL A 44 3.10 6.49 -5.78
C VAL A 44 3.90 6.77 -7.04
N THR A 45 4.43 7.99 -7.14
CA THR A 45 5.21 8.39 -8.30
C THR A 45 6.70 8.43 -7.98
N SER A 46 7.49 7.70 -8.76
CA SER A 46 8.93 7.65 -8.56
C SER A 46 9.58 8.97 -8.95
N GLU A 47 10.83 9.16 -8.52
CA GLU A 47 11.57 10.38 -8.83
C GLU A 47 11.97 10.42 -10.30
N ALA A 48 12.14 11.62 -10.83
CA ALA A 48 12.53 11.80 -12.22
C ALA A 48 13.89 11.15 -12.50
N GLY A 49 13.87 10.04 -13.24
CA GLY A 49 15.09 9.35 -13.57
C GLY A 49 16.03 10.18 -14.42
N GLU A 50 17.01 9.52 -15.02
CA GLU A 50 17.98 10.21 -15.87
C GLU A 50 17.26 11.05 -16.93
N ASN A 51 16.43 10.40 -17.73
CA ASN A 51 15.69 11.08 -18.78
C ASN A 51 14.30 11.50 -18.29
N ASP A 52 14.24 11.95 -17.05
CA ASP A 52 12.98 12.39 -16.45
C ASP A 52 11.98 11.24 -16.41
N GLU A 53 12.48 10.02 -16.24
CA GLU A 53 11.63 8.84 -16.18
C GLU A 53 10.74 8.87 -14.94
N THR A 54 9.44 8.64 -15.15
CA THR A 54 8.47 8.65 -14.07
C THR A 54 7.49 7.49 -14.19
N VAL A 55 7.38 6.69 -13.13
CA VAL A 55 6.47 5.56 -13.12
C VAL A 55 5.32 5.78 -12.14
N GLN A 56 4.20 5.10 -12.38
CA GLN A 56 3.03 5.22 -11.53
C GLN A 56 2.29 3.89 -11.42
N THR A 57 1.71 3.63 -10.25
CA THR A 57 0.98 2.39 -10.03
C THR A 57 -0.11 2.59 -8.97
N THR A 58 -1.36 2.57 -9.41
CA THR A 58 -2.49 2.75 -8.51
C THR A 58 -2.71 1.51 -7.65
N LEU A 59 -2.48 1.63 -6.35
CA LEU A 59 -2.65 0.51 -5.43
C LEU A 59 -3.92 0.70 -4.60
N LYS A 60 -4.92 -0.14 -4.87
CA LYS A 60 -6.19 -0.08 -4.14
C LYS A 60 -6.15 -0.98 -2.91
N PHE A 61 -6.07 -0.36 -1.74
CA PHE A 61 -6.02 -1.09 -0.48
C PHE A 61 -7.42 -1.26 0.11
N THR A 62 -7.69 -2.42 0.70
CA THR A 62 -8.98 -2.70 1.29
C THR A 62 -8.83 -3.20 2.73
N TYR A 63 -9.72 -2.74 3.60
CA TYR A 63 -9.69 -3.15 5.00
C TYR A 63 -10.37 -4.49 5.20
N SER A 64 -9.56 -5.52 5.46
CA SER A 64 -10.09 -6.87 5.66
C SER A 64 -10.85 -6.97 6.98
N GLU A 65 -11.74 -7.94 7.09
CA GLU A 65 -12.53 -8.14 8.30
C GLU A 65 -11.63 -8.50 9.48
N LYS A 66 -10.54 -9.18 9.19
CA LYS A 66 -9.59 -9.58 10.22
C LYS A 66 -8.49 -8.54 10.40
N TYR A 67 -8.01 -8.01 9.29
CA TYR A 67 -6.95 -7.00 9.32
C TYR A 67 -7.13 -6.07 10.51
N PRO A 68 -6.00 -5.56 11.03
CA PRO A 68 -4.67 -5.88 10.50
C PRO A 68 -4.27 -7.32 10.78
N ASP A 69 -4.92 -7.94 11.74
CA ASP A 69 -4.63 -9.33 12.09
C ASP A 69 -4.26 -10.14 10.86
N GLU A 70 -5.07 -10.03 9.81
CA GLU A 70 -4.82 -10.76 8.58
C GLU A 70 -4.39 -9.80 7.46
N ALA A 71 -3.38 -10.20 6.70
CA ALA A 71 -2.88 -9.38 5.61
C ALA A 71 -4.02 -8.80 4.79
N PRO A 72 -3.95 -7.49 4.51
CA PRO A 72 -4.97 -6.78 3.73
C PRO A 72 -4.96 -7.19 2.27
N LEU A 73 -5.85 -6.59 1.48
CA LEU A 73 -5.95 -6.89 0.06
C LEU A 73 -5.29 -5.79 -0.77
N TYR A 74 -4.51 -6.20 -1.76
CA TYR A 74 -3.82 -5.25 -2.63
C TYR A 74 -3.94 -5.67 -4.09
N GLU A 75 -4.34 -4.72 -4.94
CA GLU A 75 -4.48 -5.00 -6.36
C GLU A 75 -4.10 -3.78 -7.19
N ILE A 76 -3.36 -4.01 -8.27
CA ILE A 76 -2.93 -2.94 -9.16
C ILE A 76 -3.97 -2.64 -10.22
N PHE A 77 -4.70 -1.53 -10.03
CA PHE A 77 -5.74 -1.13 -10.98
C PHE A 77 -5.13 -0.69 -12.30
N SER A 78 -4.00 0.02 -12.22
CA SER A 78 -3.32 0.51 -13.41
C SER A 78 -1.85 0.79 -13.12
N GLN A 79 -1.01 0.61 -14.13
CA GLN A 79 0.42 0.83 -13.98
C GLN A 79 1.04 1.29 -15.30
N GLU A 80 2.12 2.06 -15.20
CA GLU A 80 2.80 2.57 -16.39
C GLU A 80 4.31 2.33 -16.29
N ASN A 81 4.92 1.94 -17.41
CA ASN A 81 6.35 1.69 -17.45
C ASN A 81 6.73 0.55 -16.50
N LEU A 82 6.01 -0.55 -16.61
CA LEU A 82 6.27 -1.72 -15.76
C LEU A 82 5.80 -3.00 -16.43
N GLU A 83 6.75 -3.88 -16.73
CA GLU A 83 6.44 -5.16 -17.37
C GLU A 83 6.05 -6.21 -16.34
N ASP A 84 5.47 -7.30 -16.82
CA ASP A 84 5.05 -8.39 -15.94
C ASP A 84 6.01 -8.54 -14.76
N ASN A 85 7.29 -8.70 -15.08
CA ASN A 85 8.31 -8.87 -14.04
C ASN A 85 8.31 -7.67 -13.09
N ASP A 86 8.60 -6.49 -13.63
CA ASP A 86 8.63 -5.27 -12.83
C ASP A 86 7.45 -5.22 -11.87
N VAL A 87 6.26 -5.56 -12.36
CA VAL A 87 5.07 -5.56 -11.54
C VAL A 87 5.10 -6.69 -10.51
N SER A 88 5.70 -7.81 -10.90
CA SER A 88 5.80 -8.96 -10.00
C SER A 88 6.64 -8.63 -8.77
N ASP A 89 7.88 -8.23 -9.02
CA ASP A 89 8.80 -7.88 -7.92
C ASP A 89 8.09 -7.01 -6.88
N ILE A 90 7.06 -6.30 -7.32
CA ILE A 90 6.31 -5.43 -6.42
C ILE A 90 5.32 -6.22 -5.59
N LEU A 91 4.65 -7.19 -6.23
CA LEU A 91 3.68 -8.02 -5.53
C LEU A 91 4.36 -8.90 -4.49
N LYS A 92 5.29 -9.73 -4.94
CA LYS A 92 6.02 -10.63 -4.04
C LYS A 92 6.62 -9.85 -2.88
N LEU A 93 7.13 -8.65 -3.16
CA LEU A 93 7.74 -7.82 -2.14
C LEU A 93 6.74 -7.53 -1.02
N LEU A 94 5.61 -6.94 -1.37
CA LEU A 94 4.57 -6.61 -0.39
C LEU A 94 4.16 -7.85 0.40
N ALA A 95 4.10 -8.98 -0.28
CA ALA A 95 3.72 -10.24 0.37
C ALA A 95 4.56 -10.49 1.61
N LEU A 96 5.85 -10.77 1.41
CA LEU A 96 6.76 -11.04 2.51
C LEU A 96 6.55 -10.02 3.64
N GLN A 97 6.44 -8.75 3.27
CA GLN A 97 6.23 -7.69 4.25
C GLN A 97 4.94 -7.90 5.03
N ALA A 98 3.81 -7.75 4.35
CA ALA A 98 2.51 -7.94 4.98
C ALA A 98 2.52 -9.14 5.92
N GLU A 99 3.20 -10.20 5.50
CA GLU A 99 3.28 -11.41 6.31
C GLU A 99 3.81 -11.11 7.70
N GLU A 100 5.01 -10.55 7.76
CA GLU A 100 5.63 -10.21 9.04
C GLU A 100 4.92 -9.02 9.69
N ASN A 101 4.27 -8.21 8.86
CA ASN A 101 3.55 -7.03 9.35
C ASN A 101 2.30 -7.44 10.12
N LEU A 102 1.81 -8.64 9.85
CA LEU A 102 0.62 -9.16 10.51
C LEU A 102 0.60 -8.77 11.99
N GLY A 103 -0.50 -8.20 12.44
CA GLY A 103 -0.62 -7.79 13.83
C GLY A 103 -1.22 -6.41 13.99
N MET A 104 -0.83 -5.50 13.11
CA MET A 104 -1.34 -4.13 13.14
C MET A 104 -1.39 -3.52 11.74
N VAL A 105 -1.83 -2.27 11.66
CA VAL A 105 -1.92 -1.58 10.38
C VAL A 105 -0.58 -1.57 9.67
N MET A 106 -0.58 -2.02 8.41
CA MET A 106 0.65 -2.06 7.62
C MET A 106 0.49 -1.24 6.34
N ILE A 107 -0.42 -0.27 6.38
CA ILE A 107 -0.67 0.59 5.22
C ILE A 107 0.58 1.38 4.85
N PHE A 108 1.04 2.22 5.77
CA PHE A 108 2.22 3.03 5.54
C PHE A 108 3.43 2.16 5.22
N THR A 109 3.78 1.28 6.15
CA THR A 109 4.91 0.38 5.97
C THR A 109 4.90 -0.27 4.59
N LEU A 110 3.73 -0.76 4.19
CA LEU A 110 3.57 -1.39 2.88
C LEU A 110 3.97 -0.43 1.75
N VAL A 111 3.23 0.67 1.63
CA VAL A 111 3.50 1.66 0.61
C VAL A 111 5.00 1.94 0.50
N THR A 112 5.63 2.18 1.65
CA THR A 112 7.07 2.47 1.68
C THR A 112 7.83 1.55 0.74
N ALA A 113 7.79 0.26 1.02
CA ALA A 113 8.49 -0.72 0.19
C ALA A 113 8.23 -0.48 -1.29
N VAL A 114 6.97 -0.16 -1.62
CA VAL A 114 6.59 0.10 -3.00
C VAL A 114 7.32 1.32 -3.56
N GLN A 115 7.12 2.47 -2.91
CA GLN A 115 7.77 3.71 -3.34
C GLN A 115 9.23 3.46 -3.70
N GLU A 116 9.91 2.69 -2.86
CA GLU A 116 11.33 2.39 -3.09
C GLU A 116 11.50 1.53 -4.34
N LYS A 117 10.72 0.45 -4.42
CA LYS A 117 10.79 -0.44 -5.57
C LYS A 117 10.71 0.33 -6.88
N LEU A 118 9.64 1.09 -7.04
CA LEU A 118 9.44 1.89 -8.24
C LEU A 118 10.63 2.80 -8.50
N ASN A 119 11.22 3.31 -7.41
CA ASN A 119 12.37 4.20 -7.53
C ASN A 119 13.59 3.45 -8.06
N GLU A 120 13.57 2.13 -7.94
CA GLU A 120 14.67 1.30 -8.41
C GLU A 120 14.46 0.90 -9.87
N ILE A 121 13.24 0.51 -10.19
CA ILE A 121 12.90 0.10 -11.55
C ILE A 121 13.02 1.27 -12.53
N VAL A 122 12.48 2.41 -12.13
CA VAL A 122 12.53 3.61 -12.97
C VAL A 122 13.97 4.07 -13.18
N ASP A 123 14.87 3.57 -12.34
CA ASP A 123 16.29 3.94 -12.43
C ASP A 123 17.05 2.91 -13.26
N GLN A 124 16.41 1.79 -13.55
CA GLN A 124 17.03 0.73 -14.34
C GLN A 124 16.77 0.93 -15.83
N ILE A 125 15.52 1.24 -16.17
CA ILE A 125 15.15 1.46 -17.56
C ILE A 125 16.16 2.35 -18.27
N LYS A 126 16.90 3.13 -17.48
CA LYS A 126 17.91 4.03 -18.03
C LYS A 126 18.91 3.27 -18.90
N THR A 127 19.39 2.14 -18.39
CA THR A 127 20.35 1.32 -19.12
C THR A 127 20.06 1.34 -20.62
N ARG A 128 18.78 1.30 -20.97
CA ARG A 128 18.38 1.31 -22.37
C ARG A 128 17.63 2.59 -22.70
N GLY A 1 0.87 -20.07 17.48
CA GLY A 1 0.25 -20.09 18.79
C GLY A 1 -0.62 -18.87 19.04
N SER A 2 -1.90 -19.10 19.29
CA SER A 2 -2.84 -18.01 19.54
C SER A 2 -2.84 -17.63 21.01
N SER A 3 -1.66 -17.58 21.61
CA SER A 3 -1.52 -17.24 23.03
C SER A 3 -0.91 -15.85 23.18
N GLY A 4 -1.73 -14.89 23.56
CA GLY A 4 -1.25 -13.52 23.76
C GLY A 4 -1.71 -12.91 25.06
N SER A 5 -0.92 -11.98 25.59
CA SER A 5 -1.25 -11.33 26.85
C SER A 5 -2.56 -10.56 26.74
N SER A 6 -2.67 -9.75 25.69
CA SER A 6 -3.88 -8.95 25.47
C SER A 6 -5.14 -9.80 25.64
N GLY A 7 -6.24 -9.16 25.98
CA GLY A 7 -7.49 -9.86 26.17
C GLY A 7 -8.38 -9.81 24.94
N MET A 8 -8.79 -8.61 24.57
CA MET A 8 -9.66 -8.42 23.40
C MET A 8 -9.01 -7.48 22.39
N THR A 9 -9.58 -7.42 21.19
CA THR A 9 -9.05 -6.56 20.14
C THR A 9 -10.17 -6.09 19.21
N ASP A 10 -10.14 -4.82 18.85
CA ASP A 10 -11.15 -4.25 17.96
C ASP A 10 -10.58 -4.04 16.56
N TYR A 11 -11.19 -4.69 15.58
CA TYR A 11 -10.75 -4.58 14.19
C TYR A 11 -11.25 -3.28 13.56
N GLY A 12 -12.57 -3.08 13.58
CA GLY A 12 -13.15 -1.89 13.01
C GLY A 12 -12.44 -0.63 13.47
N GLU A 13 -11.89 -0.67 14.68
CA GLU A 13 -11.19 0.48 15.24
C GLU A 13 -9.91 0.76 14.47
N GLU A 14 -8.96 -0.16 14.52
CA GLU A 14 -7.69 -0.01 13.83
C GLU A 14 -7.91 0.47 12.40
N GLN A 15 -8.94 -0.07 11.75
CA GLN A 15 -9.26 0.31 10.38
C GLN A 15 -9.54 1.80 10.26
N ARG A 16 -10.16 2.36 11.30
CA ARG A 16 -10.48 3.78 11.31
C ARG A 16 -9.28 4.60 11.77
N ASN A 17 -8.78 4.31 12.96
CA ASN A 17 -7.63 5.03 13.51
C ASN A 17 -6.61 5.33 12.42
N GLU A 18 -6.33 4.34 11.58
CA GLU A 18 -5.36 4.50 10.50
C GLU A 18 -5.87 5.52 9.48
N LEU A 19 -7.09 5.30 8.98
CA LEU A 19 -7.68 6.20 8.00
C LEU A 19 -7.40 7.66 8.35
N GLU A 20 -7.34 7.95 9.65
CA GLU A 20 -7.07 9.30 10.11
C GLU A 20 -5.59 9.66 9.95
N ALA A 21 -4.73 8.68 10.18
CA ALA A 21 -3.28 8.89 10.05
C ALA A 21 -2.88 9.04 8.59
N LEU A 22 -3.51 8.25 7.72
CA LEU A 22 -3.22 8.29 6.29
C LEU A 22 -3.67 9.62 5.68
N GLU A 23 -4.63 10.27 6.34
CA GLU A 23 -5.16 11.55 5.87
C GLU A 23 -4.04 12.58 5.77
N SER A 24 -3.13 12.56 6.74
CA SER A 24 -2.02 13.50 6.77
C SER A 24 -0.96 13.13 5.73
N ILE A 25 -0.44 11.92 5.84
CA ILE A 25 0.58 11.44 4.91
C ILE A 25 0.07 11.48 3.47
N TYR A 26 -1.24 11.31 3.31
CA TYR A 26 -1.85 11.33 1.98
C TYR A 26 -3.02 12.30 1.93
N PRO A 27 -2.70 13.58 1.66
CA PRO A 27 -3.71 14.64 1.58
C PRO A 27 -4.60 14.50 0.35
N ASP A 28 -3.98 14.22 -0.80
CA ASP A 28 -4.72 14.06 -2.04
C ASP A 28 -4.41 12.71 -2.69
N SER A 29 -3.19 12.24 -2.48
CA SER A 29 -2.76 10.96 -3.05
C SER A 29 -3.66 9.82 -2.55
N PHE A 30 -4.29 10.04 -1.41
CA PHE A 30 -5.18 9.03 -0.83
C PHE A 30 -6.63 9.29 -1.22
N THR A 31 -7.07 8.64 -2.29
CA THR A 31 -8.44 8.79 -2.76
C THR A 31 -9.30 7.60 -2.37
N VAL A 32 -10.48 7.89 -1.81
CA VAL A 32 -11.39 6.84 -1.40
C VAL A 32 -12.33 6.44 -2.53
N LEU A 33 -12.48 5.13 -2.74
CA LEU A 33 -13.35 4.63 -3.80
C LEU A 33 -14.75 4.37 -3.26
N SER A 34 -14.83 3.94 -2.01
CA SER A 34 -16.11 3.64 -1.38
C SER A 34 -16.03 3.82 0.13
N GLU A 35 -17.15 3.59 0.81
CA GLU A 35 -17.21 3.72 2.26
C GLU A 35 -17.48 2.36 2.92
N ASN A 36 -18.37 1.59 2.31
CA ASN A 36 -18.72 0.28 2.84
C ASN A 36 -18.91 -0.74 1.71
N PRO A 37 -17.91 -1.62 1.54
CA PRO A 37 -16.72 -1.64 2.40
C PRO A 37 -15.82 -0.44 2.14
N PRO A 38 -15.04 -0.06 3.17
CA PRO A 38 -14.12 1.08 3.08
C PRO A 38 -12.93 0.80 2.17
N SER A 39 -13.14 0.98 0.87
CA SER A 39 -12.08 0.74 -0.11
C SER A 39 -11.46 2.05 -0.57
N PHE A 40 -10.15 2.03 -0.81
CA PHE A 40 -9.44 3.22 -1.25
C PHE A 40 -8.20 2.84 -2.06
N THR A 41 -7.66 3.81 -2.79
CA THR A 41 -6.48 3.57 -3.61
C THR A 41 -5.42 4.65 -3.38
N ILE A 42 -4.16 4.23 -3.32
CA ILE A 42 -3.06 5.17 -3.10
C ILE A 42 -2.26 5.37 -4.38
N THR A 43 -1.86 6.62 -4.64
CA THR A 43 -1.09 6.95 -5.82
C THR A 43 0.39 7.15 -5.47
N VAL A 44 1.24 6.32 -6.06
CA VAL A 44 2.68 6.40 -5.82
C VAL A 44 3.45 6.64 -7.11
N THR A 45 4.28 7.67 -7.12
CA THR A 45 5.07 8.01 -8.29
C THR A 45 6.56 8.06 -7.97
N SER A 46 7.38 7.53 -8.87
CA SER A 46 8.82 7.51 -8.67
C SER A 46 9.46 8.83 -9.13
N GLU A 47 10.66 9.10 -8.65
CA GLU A 47 11.38 10.32 -9.02
C GLU A 47 11.62 10.38 -10.53
N ALA A 48 12.17 11.49 -10.98
CA ALA A 48 12.46 11.68 -12.39
C ALA A 48 13.87 11.20 -12.74
N GLY A 49 13.97 10.34 -13.74
CA GLY A 49 15.27 9.83 -14.15
C GLY A 49 15.89 10.63 -15.28
N GLU A 50 16.70 9.98 -16.10
CA GLU A 50 17.36 10.64 -17.21
C GLU A 50 16.36 11.44 -18.03
N ASN A 51 15.46 10.74 -18.72
CA ASN A 51 14.44 11.37 -19.54
C ASN A 51 13.14 11.55 -18.77
N ASP A 52 13.23 12.24 -17.63
CA ASP A 52 12.06 12.49 -16.79
C ASP A 52 11.24 11.21 -16.62
N GLU A 53 11.92 10.06 -16.67
CA GLU A 53 11.26 8.78 -16.51
C GLU A 53 10.49 8.72 -15.19
N THR A 54 9.18 8.51 -15.29
CA THR A 54 8.32 8.43 -14.10
C THR A 54 7.35 7.26 -14.20
N VAL A 55 7.27 6.48 -13.13
CA VAL A 55 6.38 5.32 -13.09
C VAL A 55 5.39 5.43 -11.93
N GLN A 56 4.18 4.95 -12.15
CA GLN A 56 3.14 4.99 -11.13
C GLN A 56 2.30 3.73 -11.16
N THR A 57 1.83 3.31 -9.99
CA THR A 57 1.02 2.11 -9.88
C THR A 57 -0.07 2.27 -8.81
N THR A 58 -1.32 2.15 -9.23
CA THR A 58 -2.45 2.29 -8.32
C THR A 58 -2.59 1.06 -7.43
N LEU A 59 -2.55 1.27 -6.12
CA LEU A 59 -2.68 0.18 -5.16
C LEU A 59 -3.95 0.33 -4.33
N LYS A 60 -4.89 -0.58 -4.53
CA LYS A 60 -6.15 -0.56 -3.81
C LYS A 60 -6.10 -1.47 -2.59
N PHE A 61 -6.28 -0.90 -1.40
CA PHE A 61 -6.24 -1.68 -0.16
C PHE A 61 -7.65 -1.83 0.41
N THR A 62 -8.04 -3.06 0.70
CA THR A 62 -9.35 -3.34 1.26
C THR A 62 -9.24 -3.79 2.71
N TYR A 63 -9.92 -3.08 3.60
CA TYR A 63 -9.90 -3.40 5.02
C TYR A 63 -10.70 -4.67 5.30
N SER A 64 -9.99 -5.75 5.61
CA SER A 64 -10.64 -7.03 5.90
C SER A 64 -11.30 -7.00 7.28
N GLU A 65 -11.99 -8.09 7.60
CA GLU A 65 -12.67 -8.19 8.89
C GLU A 65 -11.69 -8.56 10.00
N LYS A 66 -10.75 -9.45 9.69
CA LYS A 66 -9.76 -9.87 10.66
C LYS A 66 -8.66 -8.82 10.81
N TYR A 67 -8.35 -8.13 9.72
CA TYR A 67 -7.32 -7.10 9.73
C TYR A 67 -7.50 -6.17 10.93
N PRO A 68 -6.37 -5.66 11.45
CA PRO A 68 -5.04 -5.97 10.91
C PRO A 68 -4.63 -7.41 11.19
N ASP A 69 -5.34 -8.06 12.10
CA ASP A 69 -5.04 -9.45 12.45
C ASP A 69 -4.63 -10.24 11.22
N GLU A 70 -5.42 -10.14 10.16
CA GLU A 70 -5.13 -10.85 8.91
C GLU A 70 -4.68 -9.88 7.82
N ALA A 71 -3.73 -10.32 7.01
CA ALA A 71 -3.20 -9.50 5.92
C ALA A 71 -4.33 -8.96 5.05
N PRO A 72 -4.27 -7.66 4.74
CA PRO A 72 -5.28 -6.99 3.91
C PRO A 72 -5.22 -7.45 2.45
N LEU A 73 -5.98 -6.78 1.60
CA LEU A 73 -6.02 -7.12 0.18
C LEU A 73 -5.36 -6.03 -0.66
N TYR A 74 -4.51 -6.43 -1.60
CA TYR A 74 -3.83 -5.48 -2.46
C TYR A 74 -3.92 -5.92 -3.92
N GLU A 75 -4.47 -5.04 -4.76
CA GLU A 75 -4.61 -5.32 -6.18
C GLU A 75 -4.28 -4.09 -7.02
N ILE A 76 -3.36 -4.27 -7.96
CA ILE A 76 -2.95 -3.17 -8.84
C ILE A 76 -4.02 -2.87 -9.88
N PHE A 77 -4.81 -1.84 -9.63
CA PHE A 77 -5.88 -1.45 -10.56
C PHE A 77 -5.31 -1.14 -11.93
N SER A 78 -4.26 -0.32 -11.97
CA SER A 78 -3.63 0.05 -13.24
C SER A 78 -2.17 0.46 -13.00
N GLN A 79 -1.35 0.24 -14.03
CA GLN A 79 0.07 0.58 -13.95
C GLN A 79 0.63 0.95 -15.31
N GLU A 80 1.73 1.70 -15.32
CA GLU A 80 2.35 2.12 -16.56
C GLU A 80 3.87 1.95 -16.49
N ASN A 81 4.48 1.58 -17.62
CA ASN A 81 5.92 1.39 -17.68
C ASN A 81 6.36 0.28 -16.74
N LEU A 82 5.45 -0.65 -16.47
CA LEU A 82 5.75 -1.79 -15.59
C LEU A 82 5.25 -3.09 -16.19
N GLU A 83 6.19 -3.94 -16.60
CA GLU A 83 5.83 -5.23 -17.20
C GLU A 83 5.65 -6.29 -16.11
N ASP A 84 5.07 -7.41 -16.49
CA ASP A 84 4.83 -8.51 -15.56
C ASP A 84 5.98 -8.63 -14.55
N ASN A 85 7.19 -8.79 -15.08
CA ASN A 85 8.38 -8.91 -14.22
C ASN A 85 8.46 -7.76 -13.24
N ASP A 86 8.31 -6.54 -13.76
CA ASP A 86 8.37 -5.34 -12.92
C ASP A 86 7.23 -5.33 -11.91
N VAL A 87 6.00 -5.27 -12.40
CA VAL A 87 4.84 -5.25 -11.53
C VAL A 87 4.94 -6.32 -10.44
N SER A 88 5.22 -7.55 -10.85
CA SER A 88 5.35 -8.65 -9.91
C SER A 88 6.32 -8.31 -8.80
N ASP A 89 7.52 -7.89 -9.18
CA ASP A 89 8.55 -7.53 -8.20
C ASP A 89 7.93 -6.84 -6.99
N ILE A 90 6.99 -5.94 -7.25
CA ILE A 90 6.32 -5.21 -6.17
C ILE A 90 5.28 -6.08 -5.48
N LEU A 91 4.51 -6.82 -6.28
CA LEU A 91 3.47 -7.69 -5.75
C LEU A 91 4.06 -8.67 -4.74
N LYS A 92 5.25 -9.17 -5.02
CA LYS A 92 5.93 -10.11 -4.13
C LYS A 92 6.39 -9.41 -2.85
N LEU A 93 7.02 -8.25 -3.01
CA LEU A 93 7.51 -7.50 -1.86
C LEU A 93 6.39 -7.24 -0.85
N LEU A 94 5.19 -6.98 -1.37
CA LEU A 94 4.04 -6.72 -0.51
C LEU A 94 3.71 -7.94 0.33
N ALA A 95 3.56 -9.09 -0.32
CA ALA A 95 3.25 -10.33 0.38
C ALA A 95 4.09 -10.48 1.64
N LEU A 96 5.41 -10.35 1.48
CA LEU A 96 6.33 -10.47 2.60
C LEU A 96 6.03 -9.41 3.67
N GLN A 97 6.29 -8.16 3.34
CA GLN A 97 6.05 -7.06 4.27
C GLN A 97 4.74 -7.28 5.04
N ALA A 98 3.64 -7.40 4.30
CA ALA A 98 2.34 -7.61 4.91
C ALA A 98 2.36 -8.80 5.85
N GLU A 99 2.95 -9.91 5.39
CA GLU A 99 3.03 -11.13 6.19
C GLU A 99 3.94 -10.92 7.40
N GLU A 100 4.82 -9.92 7.31
CA GLU A 100 5.75 -9.63 8.39
C GLU A 100 5.14 -8.60 9.35
N ASN A 101 4.12 -7.90 8.89
CA ASN A 101 3.45 -6.88 9.70
C ASN A 101 2.15 -7.42 10.27
N LEU A 102 1.92 -8.72 10.11
CA LEU A 102 0.70 -9.35 10.61
C LEU A 102 0.50 -9.05 12.10
N GLY A 103 -0.48 -8.22 12.40
CA GLY A 103 -0.76 -7.87 13.78
C GLY A 103 -0.97 -6.38 13.96
N MET A 104 -0.81 -5.62 12.89
CA MET A 104 -1.00 -4.17 12.94
C MET A 104 -1.10 -3.59 11.54
N VAL A 105 -1.73 -2.41 11.44
CA VAL A 105 -1.90 -1.75 10.16
C VAL A 105 -0.60 -1.76 9.35
N MET A 106 -0.69 -2.23 8.11
CA MET A 106 0.47 -2.31 7.24
C MET A 106 0.24 -1.51 5.95
N ILE A 107 -0.61 -0.50 6.04
CA ILE A 107 -0.92 0.34 4.88
C ILE A 107 0.21 1.33 4.61
N PHE A 108 0.50 2.16 5.61
CA PHE A 108 1.56 3.16 5.48
C PHE A 108 2.89 2.51 5.14
N THR A 109 3.06 1.27 5.58
CA THR A 109 4.29 0.53 5.32
C THR A 109 4.31 -0.02 3.89
N LEU A 110 3.39 -0.92 3.58
CA LEU A 110 3.31 -1.52 2.26
C LEU A 110 3.70 -0.51 1.18
N VAL A 111 2.97 0.60 1.12
CA VAL A 111 3.23 1.65 0.15
C VAL A 111 4.68 2.12 0.24
N THR A 112 5.12 2.43 1.45
CA THR A 112 6.47 2.91 1.68
C THR A 112 7.50 1.98 1.03
N ALA A 113 7.17 0.69 0.99
CA ALA A 113 8.06 -0.30 0.39
C ALA A 113 7.96 -0.29 -1.13
N VAL A 114 6.83 0.20 -1.63
CA VAL A 114 6.60 0.27 -3.07
C VAL A 114 7.22 1.53 -3.66
N GLN A 115 7.09 2.65 -2.94
CA GLN A 115 7.63 3.92 -3.39
C GLN A 115 9.14 3.81 -3.62
N GLU A 116 9.84 3.22 -2.65
CA GLU A 116 11.28 3.07 -2.75
C GLU A 116 11.65 2.11 -3.88
N LYS A 117 10.82 1.10 -4.08
CA LYS A 117 11.05 0.11 -5.13
C LYS A 117 11.00 0.75 -6.51
N LEU A 118 9.87 1.35 -6.84
CA LEU A 118 9.69 2.01 -8.12
C LEU A 118 10.83 3.00 -8.39
N ASN A 119 11.29 3.66 -7.34
CA ASN A 119 12.38 4.63 -7.47
C ASN A 119 13.67 3.94 -7.89
N GLU A 120 13.76 2.64 -7.62
CA GLU A 120 14.94 1.86 -7.97
C GLU A 120 14.89 1.40 -9.43
N ILE A 121 13.70 1.00 -9.87
CA ILE A 121 13.51 0.54 -11.23
C ILE A 121 13.64 1.69 -12.23
N VAL A 122 12.84 2.73 -12.03
CA VAL A 122 12.87 3.90 -12.90
C VAL A 122 14.31 4.28 -13.26
N ASP A 123 15.24 3.91 -12.39
CA ASP A 123 16.65 4.22 -12.61
C ASP A 123 17.29 3.17 -13.52
N GLN A 124 17.10 1.90 -13.18
CA GLN A 124 17.65 0.81 -13.96
C GLN A 124 17.17 0.85 -15.41
N ILE A 125 16.15 1.67 -15.65
CA ILE A 125 15.59 1.80 -16.99
C ILE A 125 16.50 2.64 -17.88
N LYS A 126 17.43 3.36 -17.26
CA LYS A 126 18.37 4.20 -17.99
C LYS A 126 19.17 3.36 -19.00
N THR A 127 19.31 2.07 -18.70
CA THR A 127 20.05 1.17 -19.57
C THR A 127 19.16 0.06 -20.10
N ARG A 128 18.29 -0.46 -19.24
CA ARG A 128 17.39 -1.53 -19.62
C ARG A 128 15.93 -1.07 -19.51
N GLY A 1 -18.83 -6.03 19.66
CA GLY A 1 -17.43 -5.66 19.84
C GLY A 1 -17.26 -4.45 20.74
N SER A 2 -17.09 -4.69 22.03
CA SER A 2 -16.92 -3.62 22.99
C SER A 2 -15.45 -3.45 23.38
N SER A 3 -15.14 -2.32 24.01
CA SER A 3 -13.76 -2.04 24.42
C SER A 3 -13.38 -2.88 25.63
N GLY A 4 -12.09 -2.87 25.97
CA GLY A 4 -11.61 -3.64 27.10
C GLY A 4 -10.25 -4.23 26.87
N SER A 5 -9.58 -4.64 27.95
CA SER A 5 -8.25 -5.22 27.86
C SER A 5 -8.33 -6.71 27.54
N SER A 6 -7.95 -7.08 26.31
CA SER A 6 -7.98 -8.46 25.88
C SER A 6 -6.84 -8.76 24.91
N GLY A 7 -6.65 -10.03 24.60
CA GLY A 7 -5.59 -10.43 23.68
C GLY A 7 -5.88 -10.01 22.25
N MET A 8 -7.05 -10.38 21.75
CA MET A 8 -7.45 -10.05 20.39
C MET A 8 -7.35 -8.55 20.15
N THR A 9 -7.65 -8.13 18.93
CA THR A 9 -7.59 -6.72 18.57
C THR A 9 -8.87 -6.28 17.86
N ASP A 10 -9.17 -4.99 17.96
CA ASP A 10 -10.37 -4.44 17.34
C ASP A 10 -10.17 -4.26 15.83
N TYR A 11 -10.79 -5.14 15.06
CA TYR A 11 -10.67 -5.08 13.60
C TYR A 11 -11.57 -3.99 13.03
N GLY A 12 -12.47 -3.47 13.86
CA GLY A 12 -13.38 -2.44 13.42
C GLY A 12 -12.83 -1.04 13.67
N GLU A 13 -12.23 -0.85 14.84
CA GLU A 13 -11.66 0.45 15.20
C GLU A 13 -10.37 0.71 14.44
N GLU A 14 -9.43 -0.22 14.55
CA GLU A 14 -8.14 -0.09 13.87
C GLU A 14 -8.33 0.46 12.46
N GLN A 15 -9.06 -0.29 11.64
CA GLN A 15 -9.31 0.12 10.25
C GLN A 15 -9.53 1.63 10.17
N ARG A 16 -10.65 2.10 10.70
CA ARG A 16 -10.97 3.52 10.69
C ARG A 16 -9.84 4.34 11.30
N ASN A 17 -9.21 3.79 12.33
CA ASN A 17 -8.11 4.47 13.00
C ASN A 17 -7.03 4.87 12.00
N GLU A 18 -6.38 3.88 11.40
CA GLU A 18 -5.33 4.13 10.43
C GLU A 18 -5.83 5.00 9.28
N LEU A 19 -7.08 4.77 8.88
CA LEU A 19 -7.69 5.53 7.80
C LEU A 19 -7.61 7.03 8.08
N GLU A 20 -8.07 7.43 9.26
CA GLU A 20 -8.06 8.84 9.64
C GLU A 20 -6.62 9.39 9.65
N ALA A 21 -5.71 8.59 10.18
CA ALA A 21 -4.30 8.99 10.24
C ALA A 21 -3.76 9.33 8.86
N LEU A 22 -4.14 8.52 7.87
CA LEU A 22 -3.69 8.73 6.50
C LEU A 22 -4.24 10.03 5.94
N GLU A 23 -5.56 10.22 6.06
CA GLU A 23 -6.21 11.43 5.57
C GLU A 23 -5.29 12.64 5.72
N SER A 24 -4.69 12.78 6.89
CA SER A 24 -3.79 13.89 7.16
C SER A 24 -2.56 13.83 6.27
N ILE A 25 -1.83 12.73 6.34
CA ILE A 25 -0.64 12.54 5.53
C ILE A 25 -0.94 12.75 4.05
N TYR A 26 -1.89 11.97 3.53
CA TYR A 26 -2.26 12.07 2.13
C TYR A 26 -3.62 12.75 1.97
N PRO A 27 -3.62 14.09 1.93
CA PRO A 27 -4.84 14.88 1.79
C PRO A 27 -5.46 14.75 0.40
N ASP A 28 -4.63 14.41 -0.58
CA ASP A 28 -5.10 14.26 -1.96
C ASP A 28 -4.82 12.85 -2.46
N SER A 29 -3.53 12.50 -2.53
CA SER A 29 -3.12 11.18 -3.00
C SER A 29 -4.12 10.11 -2.56
N PHE A 30 -4.50 10.14 -1.28
CA PHE A 30 -5.44 9.18 -0.73
C PHE A 30 -6.86 9.48 -1.22
N THR A 31 -7.35 8.66 -2.14
CA THR A 31 -8.69 8.83 -2.68
C THR A 31 -9.52 7.58 -2.50
N VAL A 32 -10.67 7.72 -1.84
CA VAL A 32 -11.56 6.58 -1.60
C VAL A 32 -12.36 6.24 -2.85
N LEU A 33 -12.42 4.95 -3.17
CA LEU A 33 -13.16 4.48 -4.35
C LEU A 33 -14.61 4.23 -4.01
N SER A 34 -14.86 3.40 -3.01
CA SER A 34 -16.22 3.09 -2.58
C SER A 34 -16.34 3.13 -1.06
N GLU A 35 -17.58 3.26 -0.57
CA GLU A 35 -17.83 3.31 0.86
C GLU A 35 -17.76 1.92 1.48
N ASN A 36 -18.50 0.98 0.91
CA ASN A 36 -18.51 -0.39 1.41
C ASN A 36 -18.50 -1.39 0.25
N PRO A 37 -17.50 -2.27 0.25
CA PRO A 37 -16.44 -2.29 1.28
C PRO A 37 -15.53 -1.07 1.18
N PRO A 38 -14.84 -0.77 2.29
CA PRO A 38 -13.90 0.36 2.36
C PRO A 38 -12.65 0.14 1.51
N SER A 39 -12.71 0.56 0.26
CA SER A 39 -11.58 0.40 -0.65
C SER A 39 -11.05 1.76 -1.10
N PHE A 40 -9.75 1.97 -0.92
CA PHE A 40 -9.12 3.22 -1.30
C PHE A 40 -7.89 2.96 -2.18
N THR A 41 -7.32 4.04 -2.72
CA THR A 41 -6.13 3.93 -3.58
C THR A 41 -5.14 5.05 -3.27
N ILE A 42 -3.86 4.70 -3.26
CA ILE A 42 -2.81 5.67 -2.99
C ILE A 42 -1.92 5.89 -4.21
N THR A 43 -1.66 7.15 -4.53
CA THR A 43 -0.82 7.49 -5.67
C THR A 43 0.63 7.70 -5.26
N VAL A 44 1.51 6.84 -5.75
CA VAL A 44 2.94 6.94 -5.43
C VAL A 44 3.77 7.11 -6.69
N THR A 45 4.37 8.29 -6.85
CA THR A 45 5.19 8.58 -8.02
C THR A 45 6.67 8.48 -7.67
N SER A 46 7.43 7.83 -8.54
CA SER A 46 8.87 7.66 -8.33
C SER A 46 9.60 8.99 -8.48
N GLU A 47 10.86 9.01 -8.08
CA GLU A 47 11.67 10.22 -8.17
C GLU A 47 12.09 10.49 -9.61
N ALA A 48 12.42 11.75 -9.90
CA ALA A 48 12.83 12.14 -11.24
C ALA A 48 14.20 11.55 -11.59
N GLY A 49 14.21 10.58 -12.50
CA GLY A 49 15.45 9.96 -12.90
C GLY A 49 16.36 10.91 -13.67
N GLU A 50 17.14 10.36 -14.59
CA GLU A 50 18.05 11.16 -15.40
C GLU A 50 17.28 12.06 -16.36
N ASN A 51 16.45 11.45 -17.20
CA ASN A 51 15.65 12.19 -18.17
C ASN A 51 14.19 12.26 -17.73
N ASP A 52 13.95 12.96 -16.63
CA ASP A 52 12.60 13.13 -16.11
C ASP A 52 11.81 11.82 -16.21
N GLU A 53 12.47 10.72 -15.87
CA GLU A 53 11.84 9.40 -15.93
C GLU A 53 11.22 9.04 -14.58
N THR A 54 9.93 8.70 -14.61
CA THR A 54 9.21 8.34 -13.39
C THR A 54 8.17 7.26 -13.67
N VAL A 55 7.60 6.71 -12.61
CA VAL A 55 6.59 5.66 -12.74
C VAL A 55 5.55 5.77 -11.64
N GLN A 56 4.29 5.56 -12.01
CA GLN A 56 3.19 5.63 -11.05
C GLN A 56 2.45 4.30 -10.96
N THR A 57 2.09 3.91 -9.74
CA THR A 57 1.38 2.66 -9.51
C THR A 57 0.25 2.84 -8.51
N THR A 58 -0.98 2.68 -8.97
CA THR A 58 -2.15 2.83 -8.12
C THR A 58 -2.30 1.62 -7.20
N LEU A 59 -1.94 1.80 -5.93
CA LEU A 59 -2.04 0.73 -4.94
C LEU A 59 -3.43 0.70 -4.32
N LYS A 60 -4.13 -0.41 -4.50
CA LYS A 60 -5.48 -0.57 -3.95
C LYS A 60 -5.45 -1.48 -2.72
N PHE A 61 -5.70 -0.89 -1.56
CA PHE A 61 -5.70 -1.63 -0.30
C PHE A 61 -7.12 -1.75 0.25
N THR A 62 -7.48 -2.96 0.64
CA THR A 62 -8.82 -3.22 1.19
C THR A 62 -8.73 -3.69 2.64
N TYR A 63 -9.72 -3.31 3.44
CA TYR A 63 -9.76 -3.70 4.84
C TYR A 63 -10.59 -4.96 5.03
N SER A 64 -9.92 -6.03 5.46
CA SER A 64 -10.61 -7.31 5.68
C SER A 64 -11.27 -7.34 7.06
N GLU A 65 -11.89 -8.47 7.38
CA GLU A 65 -12.56 -8.63 8.66
C GLU A 65 -11.54 -8.89 9.78
N LYS A 66 -10.61 -9.80 9.53
CA LYS A 66 -9.58 -10.12 10.50
C LYS A 66 -8.54 -9.02 10.59
N TYR A 67 -8.19 -8.45 9.45
CA TYR A 67 -7.19 -7.38 9.40
C TYR A 67 -7.32 -6.46 10.62
N PRO A 68 -6.16 -6.01 11.14
CA PRO A 68 -4.86 -6.35 10.57
C PRO A 68 -4.49 -7.81 10.80
N ASP A 69 -5.14 -8.43 11.77
CA ASP A 69 -4.89 -9.82 12.10
C ASP A 69 -4.55 -10.62 10.84
N GLU A 70 -5.39 -10.49 9.82
CA GLU A 70 -5.18 -11.20 8.57
C GLU A 70 -4.65 -10.25 7.49
N ALA A 71 -3.73 -10.75 6.68
CA ALA A 71 -3.14 -9.95 5.61
C ALA A 71 -4.22 -9.34 4.72
N PRO A 72 -4.10 -8.03 4.48
CA PRO A 72 -5.07 -7.29 3.64
C PRO A 72 -4.97 -7.68 2.18
N LEU A 73 -5.79 -7.05 1.34
CA LEU A 73 -5.80 -7.33 -0.09
C LEU A 73 -5.08 -6.21 -0.85
N TYR A 74 -3.99 -6.57 -1.51
CA TYR A 74 -3.21 -5.60 -2.29
C TYR A 74 -3.31 -5.89 -3.78
N GLU A 75 -3.32 -4.84 -4.59
CA GLU A 75 -3.41 -4.98 -6.03
C GLU A 75 -3.24 -3.62 -6.72
N ILE A 76 -2.60 -3.64 -7.89
CA ILE A 76 -2.37 -2.41 -8.65
C ILE A 76 -3.48 -2.19 -9.67
N PHE A 77 -4.35 -1.22 -9.39
CA PHE A 77 -5.45 -0.91 -10.30
C PHE A 77 -4.94 -0.37 -11.63
N SER A 78 -3.86 0.39 -11.57
CA SER A 78 -3.27 0.97 -12.77
C SER A 78 -1.77 1.23 -12.58
N GLN A 79 -1.02 1.20 -13.67
CA GLN A 79 0.41 1.43 -13.61
C GLN A 79 0.93 1.96 -14.95
N GLU A 80 2.04 2.69 -14.90
CA GLU A 80 2.63 3.27 -16.09
C GLU A 80 4.13 2.97 -16.16
N ASN A 81 4.60 2.57 -17.34
CA ASN A 81 6.01 2.26 -17.53
C ASN A 81 6.41 1.04 -16.71
N LEU A 82 5.50 0.08 -16.61
CA LEU A 82 5.77 -1.15 -15.86
C LEU A 82 5.22 -2.36 -16.59
N GLU A 83 6.06 -3.40 -16.71
CA GLU A 83 5.66 -4.63 -17.39
C GLU A 83 5.23 -5.69 -16.39
N ASP A 84 4.49 -6.69 -16.86
CA ASP A 84 4.02 -7.76 -16.00
C ASP A 84 5.05 -8.09 -14.94
N ASN A 85 6.26 -8.44 -15.37
CA ASN A 85 7.33 -8.77 -14.44
C ASN A 85 7.47 -7.72 -13.35
N ASP A 86 7.74 -6.48 -13.76
CA ASP A 86 7.90 -5.38 -12.82
C ASP A 86 6.71 -5.30 -11.87
N VAL A 87 5.50 -5.34 -12.44
CA VAL A 87 4.27 -5.28 -11.65
C VAL A 87 4.24 -6.39 -10.61
N SER A 88 4.60 -7.60 -11.02
CA SER A 88 4.61 -8.74 -10.13
C SER A 88 5.58 -8.53 -8.97
N ASP A 89 6.86 -8.40 -9.29
CA ASP A 89 7.89 -8.19 -8.29
C ASP A 89 7.37 -7.31 -7.15
N ILE A 90 6.98 -6.09 -7.50
CA ILE A 90 6.46 -5.15 -6.51
C ILE A 90 5.47 -5.84 -5.56
N LEU A 91 4.54 -6.59 -6.15
CA LEU A 91 3.54 -7.30 -5.36
C LEU A 91 4.19 -8.29 -4.40
N LYS A 92 5.25 -8.94 -4.87
CA LYS A 92 5.97 -9.92 -4.06
C LYS A 92 6.47 -9.29 -2.77
N LEU A 93 7.01 -8.09 -2.87
CA LEU A 93 7.52 -7.37 -1.71
C LEU A 93 6.42 -7.18 -0.66
N LEU A 94 5.34 -6.53 -1.06
CA LEU A 94 4.22 -6.27 -0.16
C LEU A 94 3.88 -7.52 0.64
N ALA A 95 3.76 -8.65 -0.05
CA ALA A 95 3.44 -9.91 0.59
C ALA A 95 4.33 -10.15 1.79
N LEU A 96 5.63 -10.23 1.55
CA LEU A 96 6.60 -10.46 2.62
C LEU A 96 6.45 -9.41 3.72
N GLN A 97 6.72 -8.15 3.37
CA GLN A 97 6.62 -7.06 4.33
C GLN A 97 5.45 -7.27 5.27
N ALA A 98 4.23 -7.27 4.72
CA ALA A 98 3.03 -7.46 5.52
C ALA A 98 3.10 -8.76 6.31
N GLU A 99 3.31 -9.87 5.61
CA GLU A 99 3.40 -11.18 6.26
C GLU A 99 4.19 -11.10 7.55
N GLU A 100 5.39 -10.51 7.48
CA GLU A 100 6.24 -10.37 8.64
C GLU A 100 5.66 -9.37 9.63
N ASN A 101 5.00 -8.35 9.11
CA ASN A 101 4.38 -7.33 9.95
C ASN A 101 2.90 -7.59 10.13
N LEU A 102 2.53 -8.87 10.22
CA LEU A 102 1.14 -9.26 10.40
C LEU A 102 0.67 -8.97 11.82
N GLY A 103 -0.64 -9.08 12.04
CA GLY A 103 -1.20 -8.82 13.35
C GLY A 103 -1.12 -7.36 13.74
N MET A 104 -1.02 -6.49 12.73
CA MET A 104 -0.94 -5.05 12.97
C MET A 104 -1.01 -4.28 11.66
N VAL A 105 -1.89 -3.28 11.61
CA VAL A 105 -2.05 -2.47 10.42
C VAL A 105 -0.71 -2.20 9.75
N MET A 106 -0.64 -2.48 8.44
CA MET A 106 0.58 -2.27 7.69
C MET A 106 0.29 -1.56 6.37
N ILE A 107 -0.43 -0.44 6.44
CA ILE A 107 -0.78 0.33 5.26
C ILE A 107 0.31 1.35 4.93
N PHE A 108 0.81 2.02 5.96
CA PHE A 108 1.86 3.03 5.78
C PHE A 108 3.19 2.37 5.45
N THR A 109 3.62 1.45 6.31
CA THR A 109 4.88 0.75 6.12
C THR A 109 5.04 0.28 4.68
N LEU A 110 4.05 -0.47 4.19
CA LEU A 110 4.07 -0.98 2.82
C LEU A 110 4.41 0.13 1.84
N VAL A 111 3.51 1.11 1.73
CA VAL A 111 3.71 2.23 0.82
C VAL A 111 5.18 2.66 0.78
N THR A 112 5.74 2.93 1.96
CA THR A 112 7.13 3.34 2.06
C THR A 112 8.04 2.43 1.25
N ALA A 113 7.92 1.12 1.48
CA ALA A 113 8.73 0.14 0.77
C ALA A 113 8.51 0.24 -0.73
N VAL A 114 7.26 0.33 -1.15
CA VAL A 114 6.92 0.44 -2.57
C VAL A 114 7.68 1.57 -3.23
N GLN A 115 7.51 2.78 -2.72
CA GLN A 115 8.19 3.95 -3.25
C GLN A 115 9.61 3.62 -3.66
N GLU A 116 10.34 2.96 -2.77
CA GLU A 116 11.72 2.58 -3.04
C GLU A 116 11.81 1.67 -4.26
N LYS A 117 10.93 0.66 -4.30
CA LYS A 117 10.90 -0.28 -5.41
C LYS A 117 10.81 0.45 -6.74
N LEU A 118 9.83 1.34 -6.85
CA LEU A 118 9.63 2.12 -8.07
C LEU A 118 10.90 2.86 -8.46
N ASN A 119 11.68 3.25 -7.46
CA ASN A 119 12.92 3.97 -7.70
C ASN A 119 14.01 3.03 -8.22
N GLU A 120 13.78 1.72 -8.07
CA GLU A 120 14.73 0.72 -8.51
C GLU A 120 14.45 0.30 -9.95
N ILE A 121 13.17 0.22 -10.30
CA ILE A 121 12.76 -0.16 -11.64
C ILE A 121 12.97 0.98 -12.64
N VAL A 122 12.45 2.15 -12.29
CA VAL A 122 12.58 3.32 -13.15
C VAL A 122 14.04 3.56 -13.54
N ASP A 123 14.95 3.26 -12.61
CA ASP A 123 16.37 3.44 -12.86
C ASP A 123 16.90 2.35 -13.79
N GLN A 124 16.30 1.16 -13.71
CA GLN A 124 16.71 0.05 -14.55
C GLN A 124 16.42 0.32 -16.02
N ILE A 125 15.26 0.91 -16.29
CA ILE A 125 14.86 1.23 -17.65
C ILE A 125 16.05 1.72 -18.47
N LYS A 126 16.98 2.40 -17.81
CA LYS A 126 18.17 2.93 -18.47
C LYS A 126 18.77 1.88 -19.40
N THR A 127 18.93 0.66 -18.89
CA THR A 127 19.50 -0.43 -19.67
C THR A 127 19.01 -0.39 -21.11
N ARG A 128 17.69 -0.50 -21.27
CA ARG A 128 17.08 -0.48 -22.60
C ARG A 128 16.71 0.95 -23.01
N GLY A 1 -16.02 -8.70 30.27
CA GLY A 1 -16.71 -7.96 29.23
C GLY A 1 -16.09 -8.14 27.86
N SER A 2 -15.67 -7.04 27.25
CA SER A 2 -15.05 -7.07 25.93
C SER A 2 -13.60 -6.62 26.00
N SER A 3 -12.71 -7.55 26.32
CA SER A 3 -11.28 -7.24 26.41
C SER A 3 -10.72 -6.84 25.05
N GLY A 4 -10.12 -5.65 24.99
CA GLY A 4 -9.56 -5.16 23.76
C GLY A 4 -8.05 -5.25 23.74
N SER A 5 -7.41 -4.76 24.80
CA SER A 5 -5.96 -4.78 24.90
C SER A 5 -5.43 -6.22 24.82
N SER A 6 -6.01 -7.10 25.63
CA SER A 6 -5.60 -8.50 25.66
C SER A 6 -6.67 -9.39 25.04
N GLY A 7 -6.25 -10.58 24.60
CA GLY A 7 -7.19 -11.50 23.99
C GLY A 7 -7.61 -11.08 22.60
N MET A 8 -8.75 -10.40 22.50
CA MET A 8 -9.26 -9.94 21.22
C MET A 8 -8.75 -8.54 20.91
N THR A 9 -8.56 -8.25 19.62
CA THR A 9 -8.08 -6.95 19.18
C THR A 9 -9.10 -6.25 18.30
N ASP A 10 -9.71 -5.20 18.82
CA ASP A 10 -10.70 -4.44 18.08
C ASP A 10 -10.14 -3.96 16.74
N TYR A 11 -10.56 -4.61 15.65
CA TYR A 11 -10.09 -4.25 14.32
C TYR A 11 -10.73 -2.95 13.85
N GLY A 12 -12.05 -2.97 13.69
CA GLY A 12 -12.77 -1.80 13.24
C GLY A 12 -12.15 -0.51 13.76
N GLU A 13 -11.70 -0.54 15.00
CA GLU A 13 -11.09 0.64 15.62
C GLU A 13 -9.87 1.09 14.83
N GLU A 14 -8.84 0.24 14.80
CA GLU A 14 -7.61 0.55 14.08
C GLU A 14 -7.89 0.85 12.61
N GLN A 15 -8.61 -0.06 11.95
CA GLN A 15 -8.95 0.11 10.55
C GLN A 15 -9.36 1.55 10.25
N ARG A 16 -10.09 2.16 11.19
CA ARG A 16 -10.54 3.53 11.03
C ARG A 16 -9.50 4.51 11.54
N ASN A 17 -9.19 4.41 12.83
CA ASN A 17 -8.20 5.29 13.44
C ASN A 17 -7.02 5.54 12.51
N GLU A 18 -6.71 4.54 11.69
CA GLU A 18 -5.61 4.64 10.74
C GLU A 18 -5.99 5.54 9.57
N LEU A 19 -7.16 5.30 8.99
CA LEU A 19 -7.64 6.09 7.87
C LEU A 19 -7.44 7.58 8.11
N GLU A 20 -7.76 8.02 9.33
CA GLU A 20 -7.61 9.43 9.69
C GLU A 20 -6.20 9.92 9.38
N ALA A 21 -5.23 9.41 10.14
CA ALA A 21 -3.83 9.80 9.94
C ALA A 21 -3.47 9.84 8.47
N LEU A 22 -3.66 8.70 7.78
CA LEU A 22 -3.34 8.60 6.36
C LEU A 22 -3.85 9.83 5.61
N GLU A 23 -5.06 10.28 5.96
CA GLU A 23 -5.66 11.44 5.32
C GLU A 23 -4.69 12.62 5.32
N SER A 24 -3.95 12.78 6.41
CA SER A 24 -2.99 13.87 6.54
C SER A 24 -1.81 13.67 5.58
N ILE A 25 -1.10 12.57 5.76
CA ILE A 25 0.04 12.27 4.91
C ILE A 25 -0.33 12.30 3.44
N TYR A 26 -1.55 11.86 3.14
CA TYR A 26 -2.03 11.84 1.76
C TYR A 26 -3.34 12.62 1.63
N PRO A 27 -3.22 13.95 1.54
CA PRO A 27 -4.39 14.85 1.40
C PRO A 27 -5.08 14.71 0.06
N ASP A 28 -4.31 14.29 -0.96
CA ASP A 28 -4.86 14.11 -2.30
C ASP A 28 -4.50 12.73 -2.85
N SER A 29 -3.27 12.30 -2.58
CA SER A 29 -2.80 11.00 -3.06
C SER A 29 -3.71 9.88 -2.57
N PHE A 30 -4.51 10.18 -1.55
CA PHE A 30 -5.43 9.20 -1.00
C PHE A 30 -6.87 9.47 -1.45
N THR A 31 -7.43 8.53 -2.20
CA THR A 31 -8.79 8.67 -2.70
C THR A 31 -9.62 7.43 -2.38
N VAL A 32 -10.81 7.64 -1.81
CA VAL A 32 -11.70 6.54 -1.47
C VAL A 32 -12.52 6.09 -2.67
N LEU A 33 -12.87 4.81 -2.70
CA LEU A 33 -13.65 4.25 -3.80
C LEU A 33 -15.09 3.99 -3.36
N SER A 34 -15.24 3.30 -2.23
CA SER A 34 -16.56 2.97 -1.71
C SER A 34 -16.61 3.18 -0.20
N GLU A 35 -17.83 3.25 0.34
CA GLU A 35 -18.01 3.45 1.77
C GLU A 35 -17.89 2.12 2.53
N ASN A 36 -18.57 1.11 2.03
CA ASN A 36 -18.53 -0.22 2.67
C ASN A 36 -18.53 -1.32 1.61
N PRO A 37 -17.50 -2.18 1.66
CA PRO A 37 -16.43 -2.09 2.66
C PRO A 37 -15.54 -0.87 2.43
N PRO A 38 -14.85 -0.43 3.49
CA PRO A 38 -13.94 0.71 3.43
C PRO A 38 -12.69 0.42 2.61
N SER A 39 -12.76 0.69 1.31
CA SER A 39 -11.63 0.44 0.42
C SER A 39 -11.16 1.74 -0.22
N PHE A 40 -9.87 1.80 -0.55
CA PHE A 40 -9.30 2.99 -1.17
C PHE A 40 -8.02 2.64 -1.93
N THR A 41 -7.47 3.62 -2.64
CA THR A 41 -6.25 3.42 -3.41
C THR A 41 -5.21 4.49 -3.10
N ILE A 42 -3.99 4.27 -3.55
CA ILE A 42 -2.91 5.22 -3.32
C ILE A 42 -1.97 5.30 -4.52
N THR A 43 -1.76 6.52 -5.01
CA THR A 43 -0.89 6.74 -6.17
C THR A 43 0.51 7.13 -5.73
N VAL A 44 1.47 6.23 -5.94
CA VAL A 44 2.85 6.49 -5.56
C VAL A 44 3.76 6.48 -6.79
N THR A 45 4.29 7.65 -7.14
CA THR A 45 5.18 7.77 -8.29
C THR A 45 6.64 7.82 -7.86
N SER A 46 7.50 7.20 -8.66
CA SER A 46 8.93 7.16 -8.35
C SER A 46 9.57 8.53 -8.56
N GLU A 47 10.80 8.68 -8.11
CA GLU A 47 11.52 9.94 -8.25
C GLU A 47 11.78 10.26 -9.73
N ALA A 48 12.08 11.51 -10.01
CA ALA A 48 12.35 11.96 -11.37
C ALA A 48 13.77 11.58 -11.80
N GLY A 49 13.88 10.52 -12.60
CA GLY A 49 15.17 10.07 -13.06
C GLY A 49 15.85 11.09 -13.96
N GLU A 50 16.67 10.60 -14.89
CA GLU A 50 17.37 11.48 -15.82
C GLU A 50 16.41 12.07 -16.83
N ASN A 51 15.63 11.22 -17.49
CA ASN A 51 14.68 11.66 -18.50
C ASN A 51 13.27 11.75 -17.90
N ASP A 52 13.13 12.57 -16.86
CA ASP A 52 11.84 12.75 -16.20
C ASP A 52 11.08 11.43 -16.12
N GLU A 53 11.84 10.34 -16.04
CA GLU A 53 11.23 9.01 -15.95
C GLU A 53 10.43 8.86 -14.66
N THR A 54 9.12 8.73 -14.79
CA THR A 54 8.25 8.58 -13.64
C THR A 54 7.31 7.38 -13.80
N VAL A 55 7.13 6.62 -12.71
CA VAL A 55 6.27 5.45 -12.74
C VAL A 55 5.55 5.27 -11.40
N GLN A 56 4.28 4.91 -11.47
CA GLN A 56 3.48 4.70 -10.26
C GLN A 56 2.54 3.51 -10.43
N THR A 57 1.98 3.05 -9.32
CA THR A 57 1.06 1.92 -9.34
C THR A 57 -0.11 2.14 -8.38
N THR A 58 -1.32 2.10 -8.92
CA THR A 58 -2.52 2.28 -8.13
C THR A 58 -2.75 1.10 -7.20
N LEU A 59 -2.33 1.24 -5.94
CA LEU A 59 -2.50 0.17 -4.96
C LEU A 59 -3.86 0.28 -4.26
N LYS A 60 -4.76 -0.63 -4.58
CA LYS A 60 -6.09 -0.65 -3.98
C LYS A 60 -6.11 -1.51 -2.73
N PHE A 61 -6.04 -0.87 -1.56
CA PHE A 61 -6.05 -1.59 -0.30
C PHE A 61 -7.48 -1.81 0.18
N THR A 62 -7.78 -3.03 0.61
CA THR A 62 -9.11 -3.37 1.09
C THR A 62 -9.05 -3.92 2.51
N TYR A 63 -9.89 -3.37 3.38
CA TYR A 63 -9.94 -3.80 4.77
C TYR A 63 -10.68 -5.12 4.92
N SER A 64 -9.93 -6.18 5.23
CA SER A 64 -10.52 -7.51 5.38
C SER A 64 -11.03 -7.70 6.80
N GLU A 65 -11.86 -8.73 6.99
CA GLU A 65 -12.42 -9.02 8.31
C GLU A 65 -11.32 -9.36 9.30
N LYS A 66 -10.38 -10.21 8.89
CA LYS A 66 -9.27 -10.60 9.75
C LYS A 66 -8.04 -9.76 9.47
N TYR A 67 -8.08 -8.50 9.89
CA TYR A 67 -6.97 -7.58 9.69
C TYR A 67 -6.92 -6.52 10.79
N PRO A 68 -5.69 -6.16 11.20
CA PRO A 68 -4.48 -6.74 10.65
C PRO A 68 -4.28 -8.19 11.04
N ASP A 69 -5.24 -8.73 11.77
CA ASP A 69 -5.18 -10.12 12.21
C ASP A 69 -4.50 -11.00 11.16
N GLU A 70 -4.82 -10.76 9.90
CA GLU A 70 -4.23 -11.52 8.80
C GLU A 70 -3.83 -10.61 7.64
N ALA A 71 -2.99 -11.12 6.75
CA ALA A 71 -2.53 -10.34 5.61
C ALA A 71 -3.71 -9.74 4.85
N PRO A 72 -3.65 -8.41 4.64
CA PRO A 72 -4.71 -7.68 3.93
C PRO A 72 -4.75 -8.02 2.44
N LEU A 73 -5.56 -7.29 1.69
CA LEU A 73 -5.69 -7.51 0.26
C LEU A 73 -4.99 -6.41 -0.52
N TYR A 74 -4.25 -6.79 -1.56
CA TYR A 74 -3.53 -5.83 -2.38
C TYR A 74 -3.75 -6.13 -3.87
N GLU A 75 -4.16 -5.10 -4.61
CA GLU A 75 -4.40 -5.25 -6.04
C GLU A 75 -4.03 -3.97 -6.79
N ILE A 76 -3.47 -4.13 -7.99
CA ILE A 76 -3.08 -2.99 -8.80
C ILE A 76 -4.13 -2.68 -9.87
N PHE A 77 -4.92 -1.63 -9.62
CA PHE A 77 -5.95 -1.23 -10.55
C PHE A 77 -5.36 -0.91 -11.92
N SER A 78 -4.32 -0.08 -11.93
CA SER A 78 -3.66 0.31 -13.18
C SER A 78 -2.21 0.68 -12.92
N GLN A 79 -1.39 0.54 -13.96
CA GLN A 79 0.03 0.85 -13.85
C GLN A 79 0.52 1.60 -15.10
N GLU A 80 1.69 2.23 -14.97
CA GLU A 80 2.27 2.97 -16.09
C GLU A 80 3.77 2.74 -16.18
N ASN A 81 4.26 2.50 -17.40
CA ASN A 81 5.67 2.26 -17.63
C ASN A 81 6.17 1.11 -16.75
N LEU A 82 5.32 0.12 -16.54
CA LEU A 82 5.67 -1.03 -15.72
C LEU A 82 5.24 -2.33 -16.38
N GLU A 83 6.21 -3.15 -16.77
CA GLU A 83 5.93 -4.42 -17.43
C GLU A 83 5.62 -5.50 -16.38
N ASP A 84 5.00 -6.59 -16.84
CA ASP A 84 4.64 -7.69 -15.95
C ASP A 84 5.73 -7.90 -14.90
N ASN A 85 6.94 -8.17 -15.36
CA ASN A 85 8.06 -8.40 -14.45
C ASN A 85 8.09 -7.36 -13.34
N ASP A 86 8.04 -6.08 -13.74
CA ASP A 86 8.06 -4.99 -12.76
C ASP A 86 6.88 -5.09 -11.81
N VAL A 87 5.69 -4.78 -12.31
CA VAL A 87 4.48 -4.84 -11.50
C VAL A 87 4.53 -6.00 -10.51
N SER A 88 4.98 -7.16 -10.99
CA SER A 88 5.08 -8.34 -10.15
C SER A 88 6.06 -8.12 -9.01
N ASP A 89 7.28 -7.69 -9.36
CA ASP A 89 8.31 -7.45 -8.37
C ASP A 89 7.73 -6.81 -7.11
N ILE A 90 6.71 -5.98 -7.30
CA ILE A 90 6.06 -5.31 -6.19
C ILE A 90 5.03 -6.21 -5.52
N LEU A 91 4.21 -6.88 -6.33
CA LEU A 91 3.18 -7.78 -5.82
C LEU A 91 3.81 -8.84 -4.90
N LYS A 92 4.93 -9.40 -5.34
CA LYS A 92 5.61 -10.42 -4.57
C LYS A 92 6.11 -9.85 -3.24
N LEU A 93 6.43 -8.56 -3.24
CA LEU A 93 6.92 -7.90 -2.03
C LEU A 93 5.79 -7.69 -1.03
N LEU A 94 4.81 -6.86 -1.41
CA LEU A 94 3.67 -6.58 -0.56
C LEU A 94 3.25 -7.81 0.23
N ALA A 95 3.22 -8.95 -0.43
CA ALA A 95 2.84 -10.21 0.21
C ALA A 95 3.65 -10.42 1.48
N LEU A 96 4.94 -10.69 1.33
CA LEU A 96 5.82 -10.92 2.47
C LEU A 96 5.65 -9.82 3.51
N GLN A 97 5.95 -8.59 3.13
CA GLN A 97 5.83 -7.45 4.03
C GLN A 97 4.64 -7.61 4.95
N ALA A 98 3.44 -7.64 4.38
CA ALA A 98 2.22 -7.79 5.15
C ALA A 98 2.31 -8.98 6.10
N GLU A 99 2.88 -10.08 5.62
CA GLU A 99 3.03 -11.28 6.43
C GLU A 99 4.01 -11.05 7.57
N GLU A 100 4.91 -10.09 7.39
CA GLU A 100 5.90 -9.77 8.41
C GLU A 100 5.36 -8.72 9.38
N ASN A 101 4.41 -7.91 8.91
CA ASN A 101 3.81 -6.87 9.73
C ASN A 101 2.41 -7.26 10.17
N LEU A 102 2.18 -8.56 10.33
CA LEU A 102 0.89 -9.07 10.75
C LEU A 102 0.53 -8.59 12.15
N GLY A 103 -0.76 -8.41 12.40
CA GLY A 103 -1.21 -7.95 13.70
C GLY A 103 -1.20 -6.43 13.81
N MET A 104 -0.31 -5.79 13.05
CA MET A 104 -0.21 -4.33 13.07
C MET A 104 -0.50 -3.76 11.69
N VAL A 105 -1.13 -2.58 11.67
CA VAL A 105 -1.47 -1.92 10.41
C VAL A 105 -0.22 -1.67 9.57
N MET A 106 -0.25 -2.17 8.34
CA MET A 106 0.88 -1.99 7.42
C MET A 106 0.45 -1.25 6.17
N ILE A 107 -0.23 -0.13 6.35
CA ILE A 107 -0.69 0.68 5.23
C ILE A 107 0.34 1.72 4.83
N PHE A 108 0.92 2.39 5.82
CA PHE A 108 1.92 3.42 5.58
C PHE A 108 3.26 2.79 5.21
N THR A 109 3.58 1.67 5.85
CA THR A 109 4.83 0.96 5.58
C THR A 109 4.85 0.39 4.16
N LEU A 110 3.81 -0.37 3.84
CA LEU A 110 3.71 -0.98 2.51
C LEU A 110 4.05 0.04 1.42
N VAL A 111 3.28 1.10 1.35
CA VAL A 111 3.49 2.15 0.35
C VAL A 111 4.96 2.55 0.30
N THR A 112 5.53 2.83 1.47
CA THR A 112 6.93 3.24 1.56
C THR A 112 7.84 2.21 0.90
N ALA A 113 7.76 0.97 1.36
CA ALA A 113 8.58 -0.10 0.81
C ALA A 113 8.40 -0.21 -0.70
N VAL A 114 7.19 0.07 -1.17
CA VAL A 114 6.88 0.00 -2.59
C VAL A 114 7.66 1.06 -3.37
N GLN A 115 7.54 2.31 -2.94
CA GLN A 115 8.23 3.42 -3.59
C GLN A 115 9.66 3.03 -3.95
N GLU A 116 10.32 2.34 -3.02
CA GLU A 116 11.71 1.93 -3.24
C GLU A 116 11.78 0.87 -4.34
N LYS A 117 10.77 0.00 -4.41
CA LYS A 117 10.73 -1.04 -5.41
C LYS A 117 10.55 -0.46 -6.80
N LEU A 118 10.00 0.75 -6.87
CA LEU A 118 9.77 1.42 -8.14
C LEU A 118 10.92 2.37 -8.46
N ASN A 119 11.43 3.05 -7.44
CA ASN A 119 12.53 4.00 -7.61
C ASN A 119 13.81 3.26 -8.00
N GLU A 120 13.79 1.94 -7.88
CA GLU A 120 14.95 1.12 -8.21
C GLU A 120 14.93 0.73 -9.69
N ILE A 121 13.76 0.35 -10.18
CA ILE A 121 13.60 -0.05 -11.57
C ILE A 121 13.72 1.15 -12.50
N VAL A 122 13.01 2.23 -12.17
CA VAL A 122 13.05 3.44 -12.98
C VAL A 122 14.47 3.91 -13.23
N ASP A 123 15.36 3.60 -12.28
CA ASP A 123 16.75 3.98 -12.39
C ASP A 123 17.49 3.08 -13.38
N GLN A 124 17.05 1.82 -13.45
CA GLN A 124 17.67 0.85 -14.35
C GLN A 124 17.48 1.26 -15.81
N ILE A 125 16.24 1.59 -16.17
CA ILE A 125 15.93 2.00 -17.53
C ILE A 125 16.96 3.00 -18.05
N LYS A 126 17.50 3.81 -17.14
CA LYS A 126 18.50 4.81 -17.51
C LYS A 126 19.55 4.21 -18.43
N THR A 127 19.89 2.94 -18.20
CA THR A 127 20.88 2.26 -19.01
C THR A 127 20.47 2.23 -20.48
N ARG A 128 19.21 1.92 -20.73
CA ARG A 128 18.68 1.85 -22.10
C ARG A 128 18.01 3.16 -22.48
N GLY A 1 -21.50 -15.54 17.97
CA GLY A 1 -20.17 -15.08 17.57
C GLY A 1 -19.16 -15.17 18.69
N SER A 2 -17.91 -14.82 18.40
CA SER A 2 -16.85 -14.87 19.39
C SER A 2 -16.77 -13.56 20.16
N SER A 3 -16.61 -12.46 19.43
CA SER A 3 -16.51 -11.14 20.04
C SER A 3 -17.50 -10.17 19.40
N GLY A 4 -18.59 -9.90 20.11
CA GLY A 4 -19.59 -8.99 19.59
C GLY A 4 -19.23 -7.53 19.81
N SER A 5 -19.27 -7.10 21.07
CA SER A 5 -18.94 -5.72 21.42
C SER A 5 -17.59 -5.64 22.13
N SER A 6 -17.40 -6.52 23.11
CA SER A 6 -16.16 -6.55 23.88
C SER A 6 -15.12 -7.42 23.19
N GLY A 7 -13.85 -7.15 23.46
CA GLY A 7 -12.78 -7.92 22.86
C GLY A 7 -11.40 -7.38 23.24
N MET A 8 -10.42 -8.28 23.28
CA MET A 8 -9.06 -7.90 23.63
C MET A 8 -8.44 -7.02 22.55
N THR A 9 -8.66 -7.39 21.29
CA THR A 9 -8.13 -6.63 20.16
C THR A 9 -9.26 -6.14 19.26
N ASP A 10 -9.23 -4.85 18.93
CA ASP A 10 -10.24 -4.26 18.07
C ASP A 10 -9.76 -4.21 16.62
N TYR A 11 -10.63 -4.64 15.71
CA TYR A 11 -10.29 -4.66 14.28
C TYR A 11 -10.82 -3.40 13.60
N GLY A 12 -12.09 -3.08 13.85
CA GLY A 12 -12.70 -1.91 13.23
C GLY A 12 -12.03 -0.63 13.67
N GLU A 13 -11.77 -0.50 14.97
CA GLU A 13 -11.14 0.70 15.50
C GLU A 13 -9.74 0.87 14.93
N GLU A 14 -8.94 -0.20 14.97
CA GLU A 14 -7.58 -0.15 14.46
C GLU A 14 -7.56 0.28 12.99
N GLN A 15 -8.47 -0.30 12.21
CA GLN A 15 -8.56 0.02 10.78
C GLN A 15 -8.92 1.48 10.58
N ARG A 16 -9.84 1.99 11.41
CA ARG A 16 -10.27 3.38 11.31
C ARG A 16 -9.15 4.32 11.75
N ASN A 17 -8.73 4.19 13.00
CA ASN A 17 -7.68 5.04 13.55
C ASN A 17 -6.61 5.33 12.50
N GLU A 18 -6.26 4.32 11.72
CA GLU A 18 -5.25 4.46 10.67
C GLU A 18 -5.75 5.41 9.58
N LEU A 19 -6.85 5.05 8.95
CA LEU A 19 -7.42 5.88 7.89
C LEU A 19 -7.26 7.36 8.21
N GLU A 20 -7.61 7.74 9.43
CA GLU A 20 -7.51 9.13 9.87
C GLU A 20 -6.14 9.71 9.51
N ALA A 21 -5.09 9.08 10.02
CA ALA A 21 -3.73 9.54 9.76
C ALA A 21 -3.53 9.86 8.29
N LEU A 22 -3.82 8.89 7.42
CA LEU A 22 -3.67 9.08 5.99
C LEU A 22 -4.37 10.36 5.53
N GLU A 23 -5.61 10.53 5.96
CA GLU A 23 -6.39 11.71 5.60
C GLU A 23 -5.52 12.97 5.65
N SER A 24 -4.59 13.00 6.60
CA SER A 24 -3.70 14.15 6.76
C SER A 24 -2.48 14.01 5.86
N ILE A 25 -1.81 12.86 5.94
CA ILE A 25 -0.63 12.60 5.13
C ILE A 25 -0.94 12.74 3.64
N TYR A 26 -1.88 11.93 3.16
CA TYR A 26 -2.27 11.98 1.76
C TYR A 26 -3.65 12.60 1.59
N PRO A 27 -3.70 13.94 1.61
CA PRO A 27 -4.95 14.69 1.46
C PRO A 27 -5.53 14.59 0.05
N ASP A 28 -4.65 14.37 -0.93
CA ASP A 28 -5.06 14.26 -2.32
C ASP A 28 -4.88 12.83 -2.82
N SER A 29 -3.63 12.38 -2.88
CA SER A 29 -3.32 11.04 -3.34
C SER A 29 -4.36 10.03 -2.83
N PHE A 30 -4.86 10.27 -1.63
CA PHE A 30 -5.85 9.39 -1.03
C PHE A 30 -7.23 9.63 -1.62
N THR A 31 -7.74 8.65 -2.36
CA THR A 31 -9.05 8.76 -2.98
C THR A 31 -9.92 7.54 -2.65
N VAL A 32 -10.95 7.77 -1.85
CA VAL A 32 -11.87 6.71 -1.45
C VAL A 32 -12.64 6.18 -2.65
N LEU A 33 -12.98 4.89 -2.61
CA LEU A 33 -13.73 4.27 -3.69
C LEU A 33 -15.14 3.89 -3.24
N SER A 34 -15.23 3.16 -2.14
CA SER A 34 -16.51 2.73 -1.60
C SER A 34 -16.52 2.82 -0.08
N GLU A 35 -17.70 3.09 0.49
CA GLU A 35 -17.84 3.21 1.94
C GLU A 35 -17.71 1.85 2.60
N ASN A 36 -18.48 0.88 2.12
CA ASN A 36 -18.45 -0.47 2.67
C ASN A 36 -18.50 -1.52 1.56
N PRO A 37 -17.48 -2.37 1.51
CA PRO A 37 -16.37 -2.34 2.47
C PRO A 37 -15.48 -1.11 2.27
N PRO A 38 -14.66 -0.80 3.29
CA PRO A 38 -13.74 0.34 3.25
C PRO A 38 -12.60 0.13 2.27
N SER A 39 -12.75 0.66 1.07
CA SER A 39 -11.73 0.54 0.03
C SER A 39 -11.25 1.91 -0.43
N PHE A 40 -9.97 1.99 -0.79
CA PHE A 40 -9.38 3.24 -1.26
C PHE A 40 -8.19 2.98 -2.17
N THR A 41 -7.63 4.05 -2.72
CA THR A 41 -6.48 3.94 -3.61
C THR A 41 -5.44 5.01 -3.29
N ILE A 42 -4.17 4.65 -3.44
CA ILE A 42 -3.08 5.58 -3.18
C ILE A 42 -2.19 5.75 -4.41
N THR A 43 -1.90 7.00 -4.76
CA THR A 43 -1.06 7.29 -5.91
C THR A 43 0.41 7.38 -5.51
N VAL A 44 1.20 6.43 -6.00
CA VAL A 44 2.63 6.39 -5.69
C VAL A 44 3.46 6.64 -6.95
N THR A 45 4.06 7.83 -7.04
CA THR A 45 4.88 8.19 -8.18
C THR A 45 6.35 8.22 -7.80
N SER A 46 7.19 7.63 -8.66
CA SER A 46 8.63 7.58 -8.42
C SER A 46 9.25 8.96 -8.61
N GLU A 47 10.51 9.09 -8.19
CA GLU A 47 11.22 10.36 -8.31
C GLU A 47 11.84 10.51 -9.70
N ALA A 48 12.10 11.75 -10.10
CA ALA A 48 12.68 12.03 -11.40
C ALA A 48 14.06 11.38 -11.53
N GLY A 49 14.21 10.51 -12.53
CA GLY A 49 15.49 9.84 -12.73
C GLY A 49 16.45 10.68 -13.55
N GLU A 50 17.03 10.07 -14.58
CA GLU A 50 17.98 10.77 -15.44
C GLU A 50 17.26 11.67 -16.43
N ASN A 51 16.36 11.10 -17.21
CA ASN A 51 15.60 11.85 -18.20
C ASN A 51 14.21 12.20 -17.67
N ASP A 52 14.13 12.46 -16.37
CA ASP A 52 12.86 12.81 -15.74
C ASP A 52 11.85 11.68 -15.88
N GLU A 53 12.36 10.45 -16.01
CA GLU A 53 11.51 9.28 -16.15
C GLU A 53 10.84 8.93 -14.83
N THR A 54 9.51 9.00 -14.80
CA THR A 54 8.75 8.69 -13.60
C THR A 54 7.68 7.64 -13.88
N VAL A 55 7.38 6.82 -12.88
CA VAL A 55 6.38 5.78 -13.01
C VAL A 55 5.30 5.90 -11.95
N GLN A 56 4.13 5.34 -12.22
CA GLN A 56 3.02 5.40 -11.29
C GLN A 56 2.26 4.07 -11.27
N THR A 57 1.62 3.78 -10.13
CA THR A 57 0.86 2.54 -9.99
C THR A 57 -0.26 2.71 -8.97
N THR A 58 -1.49 2.45 -9.41
CA THR A 58 -2.66 2.59 -8.54
C THR A 58 -2.83 1.35 -7.67
N LEU A 59 -2.68 1.53 -6.36
CA LEU A 59 -2.82 0.43 -5.41
C LEU A 59 -4.16 0.49 -4.70
N LYS A 60 -4.91 -0.61 -4.77
CA LYS A 60 -6.22 -0.69 -4.12
C LYS A 60 -6.14 -1.47 -2.81
N PHE A 61 -5.99 -0.75 -1.71
CA PHE A 61 -5.90 -1.37 -0.40
C PHE A 61 -7.29 -1.66 0.16
N THR A 62 -7.46 -2.86 0.72
CA THR A 62 -8.75 -3.25 1.29
C THR A 62 -8.57 -3.84 2.69
N TYR A 63 -9.38 -3.37 3.63
CA TYR A 63 -9.30 -3.84 5.01
C TYR A 63 -10.10 -5.13 5.18
N SER A 64 -9.40 -6.20 5.55
CA SER A 64 -10.03 -7.50 5.74
C SER A 64 -10.69 -7.58 7.12
N GLU A 65 -11.36 -8.70 7.39
CA GLU A 65 -12.03 -8.90 8.66
C GLU A 65 -11.02 -9.13 9.78
N LYS A 66 -10.07 -10.02 9.53
CA LYS A 66 -9.04 -10.34 10.52
C LYS A 66 -8.09 -9.16 10.71
N TYR A 67 -7.69 -8.55 9.60
CA TYR A 67 -6.77 -7.41 9.66
C TYR A 67 -7.01 -6.58 10.91
N PRO A 68 -5.91 -6.10 11.51
CA PRO A 68 -4.56 -6.34 11.00
C PRO A 68 -4.13 -7.80 11.17
N ASP A 69 -4.76 -8.49 12.11
CA ASP A 69 -4.45 -9.89 12.37
C ASP A 69 -4.07 -10.61 11.08
N GLU A 70 -4.76 -10.29 10.00
CA GLU A 70 -4.49 -10.90 8.70
C GLU A 70 -4.04 -9.87 7.69
N ALA A 71 -3.14 -10.27 6.80
CA ALA A 71 -2.62 -9.38 5.78
C ALA A 71 -3.74 -8.83 4.90
N PRO A 72 -3.67 -7.54 4.58
CA PRO A 72 -4.67 -6.87 3.74
C PRO A 72 -4.62 -7.33 2.29
N LEU A 73 -5.54 -6.83 1.48
CA LEU A 73 -5.60 -7.19 0.06
C LEU A 73 -5.03 -6.07 -0.81
N TYR A 74 -3.94 -6.37 -1.51
CA TYR A 74 -3.30 -5.40 -2.38
C TYR A 74 -3.53 -5.74 -3.85
N GLU A 75 -3.90 -4.73 -4.64
CA GLU A 75 -4.16 -4.93 -6.06
C GLU A 75 -3.71 -3.72 -6.86
N ILE A 76 -3.51 -3.91 -8.17
CA ILE A 76 -3.08 -2.84 -9.05
C ILE A 76 -4.14 -2.53 -10.09
N PHE A 77 -4.91 -1.47 -9.84
CA PHE A 77 -5.97 -1.06 -10.77
C PHE A 77 -5.38 -0.66 -12.12
N SER A 78 -4.28 0.07 -12.08
CA SER A 78 -3.62 0.54 -13.30
C SER A 78 -2.11 0.63 -13.10
N GLN A 79 -1.37 0.59 -14.20
CA GLN A 79 0.08 0.67 -14.15
C GLN A 79 0.64 1.29 -15.42
N GLU A 80 1.71 2.07 -15.28
CA GLU A 80 2.35 2.72 -16.43
C GLU A 80 3.86 2.62 -16.34
N ASN A 81 4.50 2.35 -17.47
CA ASN A 81 5.95 2.23 -17.52
C ASN A 81 6.43 1.07 -16.66
N LEU A 82 5.62 0.02 -16.58
CA LEU A 82 5.97 -1.16 -15.79
C LEU A 82 5.68 -2.44 -16.57
N GLU A 83 6.54 -3.43 -16.40
CA GLU A 83 6.39 -4.71 -17.09
C GLU A 83 6.04 -5.82 -16.10
N ASP A 84 5.49 -6.92 -16.61
CA ASP A 84 5.12 -8.05 -15.77
C ASP A 84 6.18 -8.31 -14.71
N ASN A 85 7.45 -8.23 -15.12
CA ASN A 85 8.56 -8.47 -14.20
C ASN A 85 8.49 -7.53 -13.02
N ASP A 86 8.43 -6.23 -13.30
CA ASP A 86 8.36 -5.22 -12.25
C ASP A 86 7.06 -5.35 -11.46
N VAL A 87 5.94 -5.23 -12.15
CA VAL A 87 4.64 -5.33 -11.51
C VAL A 87 4.58 -6.53 -10.56
N SER A 88 5.02 -7.68 -11.06
CA SER A 88 5.01 -8.90 -10.25
C SER A 88 5.85 -8.73 -8.99
N ASP A 89 7.14 -8.45 -9.18
CA ASP A 89 8.04 -8.26 -8.05
C ASP A 89 7.41 -7.38 -6.98
N ILE A 90 6.79 -6.29 -7.42
CA ILE A 90 6.13 -5.36 -6.50
C ILE A 90 5.00 -6.04 -5.75
N LEU A 91 4.26 -6.89 -6.45
CA LEU A 91 3.13 -7.61 -5.84
C LEU A 91 3.63 -8.56 -4.76
N LYS A 92 4.50 -9.48 -5.13
CA LYS A 92 5.06 -10.45 -4.19
C LYS A 92 5.70 -9.75 -3.00
N LEU A 93 6.30 -8.59 -3.26
CA LEU A 93 6.95 -7.82 -2.21
C LEU A 93 5.97 -7.46 -1.10
N LEU A 94 4.83 -6.90 -1.48
CA LEU A 94 3.81 -6.52 -0.52
C LEU A 94 3.39 -7.71 0.33
N ALA A 95 3.22 -8.86 -0.30
CA ALA A 95 2.83 -10.08 0.41
C ALA A 95 3.82 -10.40 1.52
N LEU A 96 5.07 -10.63 1.15
CA LEU A 96 6.11 -10.95 2.12
C LEU A 96 6.15 -9.92 3.24
N GLN A 97 6.45 -8.67 2.87
CA GLN A 97 6.54 -7.59 3.83
C GLN A 97 5.38 -7.67 4.84
N ALA A 98 4.16 -7.65 4.32
CA ALA A 98 2.97 -7.72 5.17
C ALA A 98 2.97 -8.99 6.00
N GLU A 99 2.86 -10.13 5.34
CA GLU A 99 2.84 -11.42 6.02
C GLU A 99 3.83 -11.42 7.18
N GLU A 100 5.00 -10.84 6.97
CA GLU A 100 6.03 -10.79 8.00
C GLU A 100 5.65 -9.79 9.10
N ASN A 101 5.14 -8.64 8.69
CA ASN A 101 4.73 -7.60 9.64
C ASN A 101 3.27 -7.77 10.02
N LEU A 102 2.80 -9.01 10.05
CA LEU A 102 1.42 -9.30 10.41
C LEU A 102 1.18 -9.10 11.90
N GLY A 103 0.04 -8.51 12.24
CA GLY A 103 -0.29 -8.28 13.64
C GLY A 103 -0.86 -6.90 13.87
N MET A 104 -0.24 -5.89 13.26
CA MET A 104 -0.69 -4.51 13.41
C MET A 104 -0.75 -3.81 12.05
N VAL A 105 -1.56 -2.75 11.98
CA VAL A 105 -1.70 -1.99 10.74
C VAL A 105 -0.36 -1.49 10.24
N MET A 106 -0.06 -1.77 8.98
CA MET A 106 1.21 -1.34 8.38
C MET A 106 0.97 -0.70 7.02
N ILE A 107 -0.02 0.18 6.95
CA ILE A 107 -0.36 0.87 5.71
C ILE A 107 0.79 1.75 5.25
N PHE A 108 1.24 2.64 6.13
CA PHE A 108 2.34 3.55 5.82
C PHE A 108 3.59 2.77 5.42
N THR A 109 3.81 1.64 6.09
CA THR A 109 4.97 0.81 5.81
C THR A 109 4.95 0.30 4.37
N LEU A 110 4.05 -0.63 4.10
CA LEU A 110 3.92 -1.21 2.77
C LEU A 110 4.24 -0.16 1.70
N VAL A 111 3.76 1.06 1.90
CA VAL A 111 3.99 2.15 0.97
C VAL A 111 5.48 2.33 0.70
N THR A 112 6.23 2.59 1.75
CA THR A 112 7.67 2.79 1.63
C THR A 112 8.31 1.69 0.78
N ALA A 113 7.85 0.46 0.98
CA ALA A 113 8.38 -0.68 0.23
C ALA A 113 7.99 -0.59 -1.24
N VAL A 114 6.90 0.12 -1.52
CA VAL A 114 6.41 0.28 -2.89
C VAL A 114 7.16 1.40 -3.60
N GLN A 115 7.15 2.58 -3.01
CA GLN A 115 7.83 3.74 -3.59
C GLN A 115 9.27 3.41 -3.93
N GLU A 116 9.92 2.62 -3.07
CA GLU A 116 11.31 2.23 -3.29
C GLU A 116 11.43 1.28 -4.48
N LYS A 117 10.54 0.30 -4.53
CA LYS A 117 10.54 -0.68 -5.62
C LYS A 117 10.32 0.01 -6.96
N LEU A 118 9.64 1.14 -6.93
CA LEU A 118 9.36 1.90 -8.16
C LEU A 118 10.44 2.94 -8.41
N ASN A 119 10.96 3.53 -7.34
CA ASN A 119 12.01 4.54 -7.45
C ASN A 119 13.37 3.89 -7.65
N GLU A 120 13.43 2.58 -7.46
CA GLU A 120 14.68 1.84 -7.63
C GLU A 120 14.83 1.36 -9.08
N ILE A 121 13.74 0.82 -9.63
CA ILE A 121 13.75 0.32 -11.00
C ILE A 121 13.88 1.46 -12.00
N VAL A 122 13.21 2.57 -11.72
CA VAL A 122 13.26 3.74 -12.59
C VAL A 122 14.69 4.10 -12.96
N ASP A 123 15.63 3.68 -12.12
CA ASP A 123 17.04 3.95 -12.35
C ASP A 123 17.67 2.89 -13.25
N GLN A 124 17.10 1.68 -13.20
CA GLN A 124 17.60 0.57 -14.00
C GLN A 124 17.36 0.82 -15.48
N ILE A 125 16.16 1.31 -15.81
CA ILE A 125 15.80 1.58 -17.19
C ILE A 125 16.97 2.21 -17.95
N LYS A 126 17.82 2.91 -17.22
CA LYS A 126 18.99 3.56 -17.83
C LYS A 126 19.74 2.59 -18.74
N THR A 127 19.94 1.37 -18.26
CA THR A 127 20.65 0.36 -19.03
C THR A 127 20.24 0.40 -20.49
N ARG A 128 18.96 0.71 -20.74
CA ARG A 128 18.45 0.79 -22.10
C ARG A 128 17.91 2.19 -22.40
N GLY A 1 1.00 5.35 28.45
CA GLY A 1 0.76 4.96 29.83
C GLY A 1 0.57 3.47 29.96
N SER A 2 -0.63 2.98 29.63
CA SER A 2 -0.93 1.55 29.73
C SER A 2 -1.25 0.97 28.36
N SER A 3 -0.80 -0.25 28.12
CA SER A 3 -1.03 -0.93 26.85
C SER A 3 -2.38 -1.65 26.86
N GLY A 4 -3.21 -1.35 25.86
CA GLY A 4 -4.51 -1.98 25.78
C GLY A 4 -5.57 -1.24 26.58
N SER A 5 -5.83 0.01 26.21
CA SER A 5 -6.82 0.82 26.90
C SER A 5 -8.15 0.09 27.02
N SER A 6 -8.70 -0.30 25.86
CA SER A 6 -9.98 -1.00 25.83
C SER A 6 -9.82 -2.44 26.32
N GLY A 7 -8.85 -3.15 25.75
CA GLY A 7 -8.61 -4.52 26.14
C GLY A 7 -8.61 -5.47 24.95
N MET A 8 -9.79 -5.76 24.42
CA MET A 8 -9.92 -6.65 23.28
C MET A 8 -9.67 -5.91 21.97
N THR A 9 -8.57 -6.26 21.30
CA THR A 9 -8.22 -5.63 20.04
C THR A 9 -9.42 -5.54 19.10
N ASP A 10 -10.06 -4.37 19.07
CA ASP A 10 -11.22 -4.16 18.22
C ASP A 10 -10.81 -3.74 16.82
N TYR A 11 -10.74 -4.70 15.91
CA TYR A 11 -10.34 -4.43 14.53
C TYR A 11 -11.21 -3.33 13.93
N GLY A 12 -12.40 -3.15 14.49
CA GLY A 12 -13.30 -2.12 14.00
C GLY A 12 -12.77 -0.73 14.19
N GLU A 13 -11.80 -0.58 15.09
CA GLU A 13 -11.20 0.72 15.38
C GLU A 13 -9.92 0.92 14.57
N GLU A 14 -8.91 0.10 14.85
CA GLU A 14 -7.64 0.18 14.15
C GLU A 14 -7.84 0.56 12.69
N GLN A 15 -8.75 -0.15 12.03
CA GLN A 15 -9.04 0.11 10.62
C GLN A 15 -9.36 1.58 10.39
N ARG A 16 -10.39 2.07 11.08
CA ARG A 16 -10.80 3.47 10.95
C ARG A 16 -9.71 4.41 11.48
N ASN A 17 -9.37 4.25 12.75
CA ASN A 17 -8.35 5.08 13.37
C ASN A 17 -7.18 5.32 12.41
N GLU A 18 -6.88 4.32 11.59
CA GLU A 18 -5.79 4.42 10.64
C GLU A 18 -6.17 5.35 9.49
N LEU A 19 -7.38 5.19 8.98
CA LEU A 19 -7.87 6.02 7.87
C LEU A 19 -7.70 7.50 8.18
N GLU A 20 -7.85 7.84 9.46
CA GLU A 20 -7.71 9.23 9.89
C GLU A 20 -6.29 9.73 9.70
N ALA A 21 -5.31 8.84 9.93
CA ALA A 21 -3.91 9.18 9.78
C ALA A 21 -3.55 9.43 8.32
N LEU A 22 -3.68 8.38 7.51
CA LEU A 22 -3.37 8.47 6.08
C LEU A 22 -4.04 9.70 5.47
N GLU A 23 -5.12 10.16 6.08
CA GLU A 23 -5.84 11.32 5.59
C GLU A 23 -5.01 12.59 5.75
N SER A 24 -4.34 12.70 6.89
CA SER A 24 -3.50 13.87 7.17
C SER A 24 -2.19 13.80 6.39
N ILE A 25 -1.60 12.62 6.35
CA ILE A 25 -0.34 12.41 5.64
C ILE A 25 -0.52 12.60 4.13
N TYR A 26 -1.45 11.85 3.56
CA TYR A 26 -1.72 11.94 2.12
C TYR A 26 -3.12 12.51 1.88
N PRO A 27 -3.23 13.85 1.98
CA PRO A 27 -4.50 14.55 1.75
C PRO A 27 -4.93 14.52 0.29
N ASP A 28 -3.97 14.39 -0.61
CA ASP A 28 -4.25 14.34 -2.04
C ASP A 28 -4.11 12.93 -2.57
N SER A 29 -2.88 12.42 -2.61
CA SER A 29 -2.61 11.08 -3.11
C SER A 29 -3.70 10.11 -2.66
N PHE A 30 -4.25 10.36 -1.48
CA PHE A 30 -5.32 9.51 -0.94
C PHE A 30 -6.63 9.74 -1.67
N THR A 31 -7.22 8.66 -2.18
CA THR A 31 -8.48 8.75 -2.90
C THR A 31 -9.43 7.62 -2.49
N VAL A 32 -10.64 7.99 -2.10
CA VAL A 32 -11.64 7.01 -1.69
C VAL A 32 -12.47 6.53 -2.88
N LEU A 33 -12.76 5.24 -2.90
CA LEU A 33 -13.55 4.65 -3.98
C LEU A 33 -15.00 4.45 -3.56
N SER A 34 -15.18 3.88 -2.37
CA SER A 34 -16.52 3.62 -1.85
C SER A 34 -16.54 3.78 -0.33
N GLU A 35 -17.75 3.83 0.24
CA GLU A 35 -17.91 3.98 1.68
C GLU A 35 -17.83 2.62 2.37
N ASN A 36 -18.64 1.68 1.91
CA ASN A 36 -18.65 0.34 2.49
C ASN A 36 -18.64 -0.73 1.40
N PRO A 37 -17.65 -1.63 1.46
CA PRO A 37 -16.62 -1.60 2.50
C PRO A 37 -15.67 -0.42 2.35
N PRO A 38 -14.96 -0.09 3.44
CA PRO A 38 -14.01 1.02 3.45
C PRO A 38 -12.77 0.74 2.61
N SER A 39 -12.89 0.97 1.31
CA SER A 39 -11.78 0.74 0.39
C SER A 39 -11.20 2.05 -0.12
N PHE A 40 -9.89 2.07 -0.36
CA PHE A 40 -9.22 3.26 -0.86
C PHE A 40 -7.99 2.90 -1.70
N THR A 41 -7.47 3.88 -2.42
CA THR A 41 -6.31 3.66 -3.27
C THR A 41 -5.28 4.77 -3.09
N ILE A 42 -4.00 4.41 -3.09
CA ILE A 42 -2.94 5.37 -2.93
C ILE A 42 -2.08 5.46 -4.19
N THR A 43 -1.73 6.67 -4.58
CA THR A 43 -0.91 6.89 -5.77
C THR A 43 0.54 7.16 -5.39
N VAL A 44 1.46 6.43 -6.03
CA VAL A 44 2.88 6.59 -5.76
C VAL A 44 3.65 6.88 -7.05
N THR A 45 4.45 7.95 -7.03
CA THR A 45 5.24 8.32 -8.20
C THR A 45 6.72 8.15 -7.94
N SER A 46 7.40 7.39 -8.78
CA SER A 46 8.82 7.15 -8.64
C SER A 46 9.63 8.36 -9.07
N GLU A 47 10.87 8.45 -8.59
CA GLU A 47 11.74 9.57 -8.92
C GLU A 47 12.02 9.60 -10.42
N ALA A 48 12.34 10.78 -10.93
CA ALA A 48 12.64 10.96 -12.35
C ALA A 48 14.09 10.57 -12.65
N GLY A 49 14.29 9.87 -13.77
CA GLY A 49 15.63 9.46 -14.15
C GLY A 49 16.29 10.46 -15.08
N GLU A 50 16.82 9.97 -16.20
CA GLU A 50 17.50 10.83 -17.16
C GLU A 50 16.49 11.60 -18.00
N ASN A 51 15.63 10.87 -18.70
CA ASN A 51 14.61 11.49 -19.54
C ASN A 51 13.34 11.76 -18.75
N ASP A 52 13.50 12.10 -17.48
CA ASP A 52 12.37 12.40 -16.61
C ASP A 52 11.44 11.18 -16.49
N GLU A 53 12.01 10.00 -16.63
CA GLU A 53 11.24 8.77 -16.55
C GLU A 53 10.51 8.67 -15.21
N THR A 54 9.18 8.68 -15.27
CA THR A 54 8.37 8.59 -14.06
C THR A 54 7.29 7.53 -14.20
N VAL A 55 7.19 6.65 -13.20
CA VAL A 55 6.20 5.58 -13.22
C VAL A 55 5.21 5.74 -12.06
N GLN A 56 3.99 5.24 -12.26
CA GLN A 56 2.96 5.33 -11.23
C GLN A 56 2.18 4.02 -11.14
N THR A 57 1.62 3.76 -9.96
CA THR A 57 0.85 2.54 -9.74
C THR A 57 -0.25 2.76 -8.71
N THR A 58 -1.48 2.41 -9.08
CA THR A 58 -2.62 2.57 -8.19
C THR A 58 -2.83 1.33 -7.33
N LEU A 59 -2.45 1.43 -6.06
CA LEU A 59 -2.59 0.31 -5.13
C LEU A 59 -3.95 0.36 -4.43
N LYS A 60 -4.77 -0.65 -4.67
CA LYS A 60 -6.09 -0.73 -4.06
C LYS A 60 -6.06 -1.61 -2.82
N PHE A 61 -6.12 -0.98 -1.65
CA PHE A 61 -6.10 -1.70 -0.39
C PHE A 61 -7.51 -1.86 0.17
N THR A 62 -7.78 -3.01 0.77
CA THR A 62 -9.10 -3.29 1.34
C THR A 62 -8.99 -3.73 2.79
N TYR A 63 -9.86 -3.20 3.64
CA TYR A 63 -9.85 -3.54 5.05
C TYR A 63 -10.62 -4.83 5.30
N SER A 64 -9.90 -5.85 5.77
CA SER A 64 -10.52 -7.16 6.04
C SER A 64 -11.13 -7.18 7.44
N GLU A 65 -11.96 -8.18 7.70
CA GLU A 65 -12.62 -8.31 8.99
C GLU A 65 -11.64 -8.83 10.04
N LYS A 66 -10.53 -9.40 9.59
CA LYS A 66 -9.51 -9.94 10.49
C LYS A 66 -8.32 -8.98 10.59
N TYR A 67 -7.93 -8.42 9.46
CA TYR A 67 -6.79 -7.49 9.42
C TYR A 67 -6.89 -6.47 10.56
N PRO A 68 -5.73 -6.01 11.03
CA PRO A 68 -4.43 -6.43 10.50
C PRO A 68 -4.10 -7.88 10.85
N ASP A 69 -4.86 -8.44 11.79
CA ASP A 69 -4.66 -9.82 12.22
C ASP A 69 -4.24 -10.70 11.04
N GLU A 70 -4.96 -10.57 9.94
CA GLU A 70 -4.66 -11.36 8.74
C GLU A 70 -4.30 -10.46 7.57
N ALA A 71 -3.22 -10.80 6.87
CA ALA A 71 -2.77 -10.02 5.72
C ALA A 71 -3.95 -9.47 4.94
N PRO A 72 -3.92 -8.16 4.67
CA PRO A 72 -4.98 -7.47 3.92
C PRO A 72 -5.00 -7.88 2.45
N LEU A 73 -5.85 -7.22 1.67
CA LEU A 73 -5.97 -7.51 0.25
C LEU A 73 -5.37 -6.38 -0.59
N TYR A 74 -4.43 -6.73 -1.46
CA TYR A 74 -3.78 -5.75 -2.32
C TYR A 74 -3.95 -6.11 -3.79
N GLU A 75 -3.96 -5.10 -4.64
CA GLU A 75 -4.12 -5.31 -6.08
C GLU A 75 -3.97 -4.00 -6.84
N ILE A 76 -3.11 -4.00 -7.86
CA ILE A 76 -2.87 -2.80 -8.67
C ILE A 76 -4.04 -2.56 -9.62
N PHE A 77 -4.85 -1.55 -9.32
CA PHE A 77 -6.00 -1.21 -10.15
C PHE A 77 -5.54 -0.76 -11.54
N SER A 78 -4.30 -0.28 -11.62
CA SER A 78 -3.75 0.19 -12.88
C SER A 78 -2.25 0.46 -12.75
N GLN A 79 -1.54 0.38 -13.88
CA GLN A 79 -0.10 0.61 -13.89
C GLN A 79 0.34 1.20 -15.22
N GLU A 80 1.53 1.80 -15.24
CA GLU A 80 2.07 2.40 -16.45
C GLU A 80 3.59 2.29 -16.49
N ASN A 81 4.14 2.16 -17.69
CA ASN A 81 5.59 2.03 -17.86
C ASN A 81 6.15 0.92 -16.97
N LEU A 82 5.45 -0.20 -16.92
CA LEU A 82 5.88 -1.33 -16.12
C LEU A 82 5.44 -2.65 -16.75
N GLU A 83 6.41 -3.48 -17.12
CA GLU A 83 6.12 -4.76 -17.73
C GLU A 83 5.76 -5.80 -16.68
N ASP A 84 5.19 -6.92 -17.12
CA ASP A 84 4.80 -7.99 -16.21
C ASP A 84 5.85 -8.22 -15.14
N ASN A 85 7.11 -8.35 -15.57
CA ASN A 85 8.21 -8.57 -14.65
C ASN A 85 8.20 -7.54 -13.53
N ASP A 86 8.14 -6.26 -13.90
CA ASP A 86 8.13 -5.18 -12.93
C ASP A 86 6.94 -5.33 -11.98
N VAL A 87 5.74 -5.15 -12.51
CA VAL A 87 4.52 -5.26 -11.72
C VAL A 87 4.60 -6.45 -10.76
N SER A 88 5.16 -7.55 -11.25
CA SER A 88 5.29 -8.76 -10.45
C SER A 88 6.24 -8.53 -9.27
N ASP A 89 7.43 -8.00 -9.56
CA ASP A 89 8.42 -7.74 -8.54
C ASP A 89 7.82 -6.90 -7.41
N ILE A 90 6.79 -6.14 -7.74
CA ILE A 90 6.13 -5.29 -6.75
C ILE A 90 5.08 -6.07 -5.96
N LEU A 91 4.30 -6.87 -6.67
CA LEU A 91 3.26 -7.68 -6.03
C LEU A 91 3.86 -8.60 -4.96
N LYS A 92 4.98 -9.24 -5.31
CA LYS A 92 5.65 -10.14 -4.38
C LYS A 92 6.18 -9.39 -3.17
N LEU A 93 6.73 -8.20 -3.41
CA LEU A 93 7.27 -7.38 -2.34
C LEU A 93 6.23 -7.14 -1.25
N LEU A 94 5.02 -6.75 -1.66
CA LEU A 94 3.94 -6.49 -0.72
C LEU A 94 3.64 -7.74 0.11
N ALA A 95 3.95 -8.91 -0.45
CA ALA A 95 3.71 -10.17 0.24
C ALA A 95 4.62 -10.31 1.46
N LEU A 96 5.91 -10.48 1.21
CA LEU A 96 6.89 -10.62 2.29
C LEU A 96 6.80 -9.45 3.26
N GLN A 97 6.35 -8.31 2.76
CA GLN A 97 6.22 -7.11 3.59
C GLN A 97 5.07 -7.25 4.58
N ALA A 98 3.88 -7.56 4.06
CA ALA A 98 2.71 -7.72 4.90
C ALA A 98 2.90 -8.85 5.91
N GLU A 99 3.43 -9.98 5.43
CA GLU A 99 3.68 -11.13 6.30
C GLU A 99 4.58 -10.75 7.47
N GLU A 100 5.47 -9.80 7.22
CA GLU A 100 6.41 -9.35 8.26
C GLU A 100 5.73 -8.35 9.20
N ASN A 101 4.91 -7.47 8.63
CA ASN A 101 4.21 -6.47 9.42
C ASN A 101 2.86 -7.00 9.89
N LEU A 102 2.77 -8.31 10.07
CA LEU A 102 1.54 -8.94 10.53
C LEU A 102 1.25 -8.60 11.98
N GLY A 103 0.00 -8.28 12.29
CA GLY A 103 -0.38 -7.94 13.65
C GLY A 103 -0.45 -6.44 13.87
N MET A 104 -0.27 -5.67 12.81
CA MET A 104 -0.30 -4.22 12.89
C MET A 104 -0.55 -3.60 11.52
N VAL A 105 -1.34 -2.53 11.50
CA VAL A 105 -1.65 -1.84 10.25
C VAL A 105 -0.42 -1.72 9.37
N MET A 106 -0.34 -2.59 8.37
CA MET A 106 0.80 -2.59 7.44
C MET A 106 0.48 -1.76 6.21
N ILE A 107 -0.10 -0.59 6.41
CA ILE A 107 -0.46 0.30 5.32
C ILE A 107 0.70 1.22 4.96
N PHE A 108 0.96 2.21 5.81
CA PHE A 108 2.04 3.16 5.59
C PHE A 108 3.35 2.43 5.32
N THR A 109 3.45 1.20 5.78
CA THR A 109 4.64 0.39 5.60
C THR A 109 4.70 -0.20 4.20
N LEU A 110 3.53 -0.54 3.66
CA LEU A 110 3.45 -1.11 2.32
C LEU A 110 3.75 -0.06 1.26
N VAL A 111 3.20 1.13 1.44
CA VAL A 111 3.42 2.23 0.50
C VAL A 111 4.87 2.70 0.53
N THR A 112 5.57 2.37 1.61
CA THR A 112 6.96 2.76 1.76
C THR A 112 7.89 1.86 0.95
N ALA A 113 7.73 0.55 1.13
CA ALA A 113 8.56 -0.41 0.40
C ALA A 113 8.35 -0.29 -1.10
N VAL A 114 7.16 0.15 -1.50
CA VAL A 114 6.83 0.31 -2.92
C VAL A 114 7.64 1.44 -3.54
N GLN A 115 7.55 2.63 -2.94
CA GLN A 115 8.27 3.79 -3.44
C GLN A 115 9.70 3.42 -3.83
N GLU A 116 10.43 2.82 -2.89
CA GLU A 116 11.80 2.41 -3.14
C GLU A 116 11.89 1.50 -4.36
N LYS A 117 10.98 0.53 -4.43
CA LYS A 117 10.96 -0.41 -5.55
C LYS A 117 10.89 0.33 -6.88
N LEU A 118 9.80 1.06 -7.10
CA LEU A 118 9.62 1.81 -8.34
C LEU A 118 10.78 2.77 -8.57
N ASN A 119 11.21 3.44 -7.50
CA ASN A 119 12.31 4.39 -7.59
C ASN A 119 13.58 3.69 -8.06
N GLU A 120 13.68 2.39 -7.78
CA GLU A 120 14.85 1.62 -8.17
C GLU A 120 14.67 1.04 -9.58
N ILE A 121 13.42 0.94 -10.02
CA ILE A 121 13.12 0.42 -11.34
C ILE A 121 13.15 1.52 -12.40
N VAL A 122 12.76 2.73 -11.99
CA VAL A 122 12.74 3.87 -12.89
C VAL A 122 14.16 4.25 -13.32
N ASP A 123 15.14 3.74 -12.59
CA ASP A 123 16.54 4.03 -12.88
C ASP A 123 17.16 2.91 -13.71
N GLN A 124 16.90 1.67 -13.31
CA GLN A 124 17.44 0.52 -14.01
C GLN A 124 17.07 0.55 -15.49
N ILE A 125 15.90 1.11 -15.79
CA ILE A 125 15.42 1.21 -17.16
C ILE A 125 16.50 1.78 -18.07
N LYS A 126 17.47 2.48 -17.49
CA LYS A 126 18.56 3.07 -18.24
C LYS A 126 19.79 2.16 -18.23
N THR A 127 19.92 1.37 -17.17
CA THR A 127 21.05 0.45 -17.04
C THR A 127 20.57 -0.98 -16.91
N ARG A 128 19.58 -1.35 -17.72
CA ARG A 128 19.03 -2.71 -17.70
C ARG A 128 19.66 -3.56 -18.80
N GLY A 1 3.72 -1.90 33.84
CA GLY A 1 3.81 -3.28 33.42
C GLY A 1 2.75 -3.65 32.40
N SER A 2 3.01 -3.30 31.14
CA SER A 2 2.06 -3.59 30.07
C SER A 2 1.71 -5.07 30.05
N SER A 3 0.60 -5.41 29.39
CA SER A 3 0.16 -6.78 29.29
C SER A 3 1.13 -7.62 28.47
N GLY A 4 1.57 -7.07 27.34
CA GLY A 4 2.50 -7.77 26.48
C GLY A 4 2.19 -7.58 25.01
N SER A 5 1.64 -8.62 24.39
CA SER A 5 1.29 -8.56 22.97
C SER A 5 0.26 -9.63 22.62
N SER A 6 -0.87 -9.19 22.07
CA SER A 6 -1.95 -10.11 21.70
C SER A 6 -2.15 -10.11 20.19
N GLY A 7 -2.96 -11.05 19.71
CA GLY A 7 -3.23 -11.13 18.28
C GLY A 7 -4.53 -10.46 17.89
N MET A 8 -5.63 -10.95 18.45
CA MET A 8 -6.95 -10.40 18.16
C MET A 8 -7.04 -8.95 18.62
N THR A 9 -7.14 -8.02 17.68
CA THR A 9 -7.24 -6.61 18.00
C THR A 9 -8.50 -5.99 17.42
N ASP A 10 -8.89 -4.83 17.94
CA ASP A 10 -10.09 -4.15 17.47
C ASP A 10 -9.89 -3.62 16.05
N TYR A 11 -10.00 -4.50 15.07
CA TYR A 11 -9.83 -4.13 13.68
C TYR A 11 -10.66 -2.90 13.34
N GLY A 12 -11.90 -2.89 13.81
CA GLY A 12 -12.78 -1.75 13.54
C GLY A 12 -12.11 -0.42 13.81
N GLU A 13 -11.66 -0.22 15.05
CA GLU A 13 -11.01 1.01 15.44
C GLU A 13 -9.71 1.21 14.66
N GLU A 14 -8.97 0.13 14.46
CA GLU A 14 -7.72 0.17 13.72
C GLU A 14 -7.95 0.56 12.27
N GLN A 15 -9.15 0.25 11.77
CA GLN A 15 -9.50 0.56 10.38
C GLN A 15 -9.92 2.03 10.24
N ARG A 16 -10.62 2.53 11.26
CA ARG A 16 -11.09 3.91 11.25
C ARG A 16 -9.96 4.86 11.59
N ASN A 17 -9.32 4.64 12.74
CA ASN A 17 -8.22 5.49 13.18
C ASN A 17 -7.19 5.67 12.07
N GLU A 18 -6.85 4.57 11.40
CA GLU A 18 -5.87 4.61 10.32
C GLU A 18 -6.38 5.49 9.17
N LEU A 19 -7.52 5.10 8.60
CA LEU A 19 -8.11 5.86 7.49
C LEU A 19 -7.99 7.36 7.73
N GLU A 20 -7.89 7.75 8.99
CA GLU A 20 -7.77 9.15 9.35
C GLU A 20 -6.33 9.63 9.24
N ALA A 21 -5.41 8.82 9.76
CA ALA A 21 -3.99 9.16 9.72
C ALA A 21 -3.52 9.42 8.29
N LEU A 22 -4.09 8.68 7.35
CA LEU A 22 -3.74 8.82 5.94
C LEU A 22 -4.28 10.14 5.38
N GLU A 23 -5.22 10.74 6.09
CA GLU A 23 -5.81 12.00 5.67
C GLU A 23 -4.87 13.17 5.95
N SER A 24 -4.16 13.08 7.08
CA SER A 24 -3.23 14.13 7.48
C SER A 24 -1.97 14.08 6.63
N ILE A 25 -1.56 12.88 6.25
CA ILE A 25 -0.36 12.69 5.44
C ILE A 25 -0.70 12.72 3.95
N TYR A 26 -1.79 12.05 3.58
CA TYR A 26 -2.21 12.01 2.19
C TYR A 26 -3.59 12.65 2.02
N PRO A 27 -3.62 13.99 2.03
CA PRO A 27 -4.86 14.76 1.88
C PRO A 27 -5.44 14.66 0.47
N ASP A 28 -4.55 14.67 -0.52
CA ASP A 28 -4.97 14.58 -1.91
C ASP A 28 -4.50 13.26 -2.54
N SER A 29 -3.45 12.68 -1.97
CA SER A 29 -2.90 11.44 -2.47
C SER A 29 -3.70 10.25 -1.96
N PHE A 30 -4.83 10.53 -1.33
CA PHE A 30 -5.69 9.48 -0.80
C PHE A 30 -7.09 9.55 -1.42
N THR A 31 -7.42 8.55 -2.22
CA THR A 31 -8.72 8.50 -2.88
C THR A 31 -9.52 7.27 -2.44
N VAL A 32 -10.72 7.50 -1.94
CA VAL A 32 -11.57 6.42 -1.49
C VAL A 32 -12.53 5.96 -2.59
N LEU A 33 -12.47 4.68 -2.91
CA LEU A 33 -13.33 4.12 -3.95
C LEU A 33 -14.69 3.73 -3.39
N SER A 34 -14.69 3.11 -2.21
CA SER A 34 -15.93 2.69 -1.57
C SER A 34 -15.73 2.54 -0.06
N GLU A 35 -16.82 2.69 0.68
CA GLU A 35 -16.77 2.58 2.13
C GLU A 35 -17.21 1.19 2.59
N ASN A 36 -18.14 0.59 1.85
CA ASN A 36 -18.65 -0.73 2.17
C ASN A 36 -18.72 -1.61 0.93
N PRO A 37 -17.68 -2.43 0.72
CA PRO A 37 -16.53 -2.51 1.64
C PRO A 37 -15.67 -1.25 1.58
N PRO A 38 -14.97 -0.97 2.68
CA PRO A 38 -14.09 0.20 2.79
C PRO A 38 -12.85 0.07 1.92
N SER A 39 -13.01 0.34 0.63
CA SER A 39 -11.90 0.25 -0.32
C SER A 39 -11.36 1.63 -0.66
N PHE A 40 -10.07 1.70 -0.95
CA PHE A 40 -9.43 2.97 -1.28
C PHE A 40 -8.14 2.73 -2.09
N THR A 41 -7.56 3.82 -2.60
CA THR A 41 -6.34 3.73 -3.39
C THR A 41 -5.36 4.83 -3.00
N ILE A 42 -4.07 4.53 -3.08
CA ILE A 42 -3.04 5.49 -2.75
C ILE A 42 -2.09 5.72 -3.93
N THR A 43 -1.76 6.97 -4.18
CA THR A 43 -0.86 7.32 -5.28
C THR A 43 0.58 7.44 -4.79
N VAL A 44 1.47 6.63 -5.38
CA VAL A 44 2.88 6.65 -5.01
C VAL A 44 3.76 6.78 -6.24
N THR A 45 4.24 8.00 -6.48
CA THR A 45 5.10 8.26 -7.63
C THR A 45 6.58 8.14 -7.26
N SER A 46 7.37 7.57 -8.16
CA SER A 46 8.79 7.38 -7.92
C SER A 46 9.55 8.69 -8.11
N GLU A 47 10.74 8.78 -7.51
CA GLU A 47 11.57 9.97 -7.61
C GLU A 47 11.95 10.25 -9.06
N ALA A 48 12.26 11.51 -9.37
CA ALA A 48 12.64 11.90 -10.71
C ALA A 48 14.00 11.31 -11.09
N GLY A 49 14.04 10.57 -12.18
CA GLY A 49 15.29 9.97 -12.63
C GLY A 49 16.10 10.91 -13.52
N GLU A 50 17.11 10.35 -14.19
CA GLU A 50 17.96 11.14 -15.07
C GLU A 50 17.13 12.10 -15.91
N ASN A 51 16.33 11.54 -16.81
CA ASN A 51 15.48 12.35 -17.69
C ASN A 51 14.13 12.61 -17.04
N ASP A 52 14.15 12.90 -15.74
CA ASP A 52 12.92 13.18 -15.00
C ASP A 52 11.94 12.01 -15.11
N GLU A 53 12.48 10.81 -15.32
CA GLU A 53 11.65 9.62 -15.46
C GLU A 53 10.94 9.30 -14.14
N THR A 54 9.62 9.17 -14.21
CA THR A 54 8.83 8.87 -13.02
C THR A 54 7.74 7.84 -13.34
N VAL A 55 7.60 6.86 -12.45
CA VAL A 55 6.60 5.81 -12.63
C VAL A 55 5.52 5.89 -11.55
N GLN A 56 4.29 5.56 -11.93
CA GLN A 56 3.18 5.58 -10.99
C GLN A 56 2.46 4.23 -10.94
N THR A 57 1.91 3.91 -9.78
CA THR A 57 1.20 2.64 -9.61
C THR A 57 0.09 2.77 -8.57
N THR A 58 -1.15 2.58 -9.02
CA THR A 58 -2.30 2.67 -8.14
C THR A 58 -2.46 1.42 -7.28
N LEU A 59 -2.28 1.57 -5.97
CA LEU A 59 -2.40 0.46 -5.05
C LEU A 59 -3.78 0.43 -4.40
N LYS A 60 -4.55 -0.61 -4.70
CA LYS A 60 -5.89 -0.76 -4.14
C LYS A 60 -5.86 -1.59 -2.86
N PHE A 61 -6.01 -0.92 -1.71
CA PHE A 61 -6.00 -1.60 -0.43
C PHE A 61 -7.41 -1.78 0.10
N THR A 62 -7.74 -3.01 0.49
CA THR A 62 -9.06 -3.32 1.03
C THR A 62 -8.97 -4.02 2.37
N TYR A 63 -9.89 -3.69 3.28
CA TYR A 63 -9.91 -4.29 4.60
C TYR A 63 -10.79 -5.54 4.63
N SER A 64 -10.14 -6.70 4.78
CA SER A 64 -10.86 -7.97 4.81
C SER A 64 -11.42 -8.23 6.20
N GLU A 65 -12.05 -9.40 6.37
CA GLU A 65 -12.64 -9.77 7.66
C GLU A 65 -11.55 -9.98 8.71
N LYS A 66 -10.31 -10.15 8.24
CA LYS A 66 -9.19 -10.36 9.14
C LYS A 66 -8.03 -9.43 8.80
N TYR A 67 -7.98 -8.29 9.47
CA TYR A 67 -6.92 -7.31 9.24
C TYR A 67 -6.89 -6.25 10.35
N PRO A 68 -5.67 -5.87 10.76
CA PRO A 68 -4.44 -6.42 10.20
C PRO A 68 -4.22 -7.88 10.58
N ASP A 69 -5.11 -8.41 11.41
CA ASP A 69 -5.02 -9.79 11.85
C ASP A 69 -4.44 -10.68 10.75
N GLU A 70 -4.97 -10.54 9.54
CA GLU A 70 -4.51 -11.33 8.41
C GLU A 70 -4.14 -10.42 7.24
N ALA A 71 -3.11 -10.81 6.50
CA ALA A 71 -2.65 -10.04 5.36
C ALA A 71 -3.82 -9.42 4.60
N PRO A 72 -3.78 -8.09 4.42
CA PRO A 72 -4.84 -7.36 3.72
C PRO A 72 -4.85 -7.66 2.23
N LEU A 73 -5.80 -7.04 1.52
CA LEU A 73 -5.93 -7.25 0.08
C LEU A 73 -5.17 -6.16 -0.69
N TYR A 74 -4.17 -6.57 -1.47
CA TYR A 74 -3.38 -5.64 -2.24
C TYR A 74 -3.49 -5.94 -3.74
N GLU A 75 -3.84 -4.92 -4.52
CA GLU A 75 -3.99 -5.09 -5.96
C GLU A 75 -3.54 -3.82 -6.70
N ILE A 76 -3.25 -3.97 -7.98
CA ILE A 76 -2.82 -2.84 -8.80
C ILE A 76 -3.83 -2.54 -9.90
N PHE A 77 -4.72 -1.59 -9.64
CA PHE A 77 -5.74 -1.21 -10.61
C PHE A 77 -5.11 -0.79 -11.94
N SER A 78 -4.26 0.23 -11.88
CA SER A 78 -3.58 0.73 -13.07
C SER A 78 -2.11 1.02 -12.77
N GLN A 79 -1.27 0.90 -13.81
CA GLN A 79 0.15 1.15 -13.66
C GLN A 79 0.73 1.77 -14.93
N GLU A 80 1.89 2.40 -14.81
CA GLU A 80 2.54 3.03 -15.95
C GLU A 80 4.05 2.77 -15.93
N ASN A 81 4.62 2.57 -17.10
CA ASN A 81 6.05 2.31 -17.22
C ASN A 81 6.46 1.09 -16.39
N LEU A 82 5.62 0.05 -16.44
CA LEU A 82 5.90 -1.17 -15.69
C LEU A 82 5.36 -2.39 -16.43
N GLU A 83 6.25 -3.35 -16.70
CA GLU A 83 5.86 -4.57 -17.40
C GLU A 83 5.43 -5.65 -16.42
N ASP A 84 4.72 -6.66 -16.92
CA ASP A 84 4.24 -7.75 -16.09
C ASP A 84 5.31 -8.16 -15.07
N ASN A 85 6.56 -8.20 -15.53
CA ASN A 85 7.68 -8.59 -14.65
C ASN A 85 7.82 -7.59 -13.50
N ASP A 86 8.12 -6.35 -13.84
CA ASP A 86 8.30 -5.30 -12.83
C ASP A 86 7.12 -5.28 -11.86
N VAL A 87 5.90 -5.27 -12.40
CA VAL A 87 4.71 -5.25 -11.58
C VAL A 87 4.69 -6.43 -10.61
N SER A 88 4.98 -7.62 -11.12
CA SER A 88 4.99 -8.82 -10.29
C SER A 88 5.90 -8.64 -9.08
N ASP A 89 7.18 -8.38 -9.34
CA ASP A 89 8.15 -8.20 -8.28
C ASP A 89 7.56 -7.37 -7.14
N ILE A 90 6.81 -6.33 -7.50
CA ILE A 90 6.18 -5.47 -6.50
C ILE A 90 5.16 -6.25 -5.67
N LEU A 91 4.33 -7.03 -6.35
CA LEU A 91 3.31 -7.83 -5.67
C LEU A 91 3.95 -8.79 -4.66
N LYS A 92 4.86 -9.62 -5.14
CA LYS A 92 5.55 -10.58 -4.29
C LYS A 92 6.32 -9.88 -3.18
N LEU A 93 6.90 -8.73 -3.50
CA LEU A 93 7.66 -7.95 -2.52
C LEU A 93 6.80 -7.60 -1.32
N LEU A 94 5.52 -7.36 -1.56
CA LEU A 94 4.58 -7.01 -0.50
C LEU A 94 4.25 -8.23 0.35
N ALA A 95 3.87 -9.32 -0.32
CA ALA A 95 3.54 -10.56 0.38
C ALA A 95 4.42 -10.76 1.60
N LEU A 96 5.73 -10.66 1.41
CA LEU A 96 6.68 -10.84 2.50
C LEU A 96 6.52 -9.74 3.55
N GLN A 97 6.62 -8.49 3.10
CA GLN A 97 6.49 -7.35 4.00
C GLN A 97 5.23 -7.48 4.86
N ALA A 98 4.08 -7.54 4.21
CA ALA A 98 2.81 -7.68 4.91
C ALA A 98 2.83 -8.86 5.87
N GLU A 99 3.15 -10.04 5.34
CA GLU A 99 3.20 -11.25 6.14
C GLU A 99 4.08 -11.04 7.38
N GLU A 100 5.01 -10.10 7.28
CA GLU A 100 5.92 -9.81 8.38
C GLU A 100 5.31 -8.79 9.33
N ASN A 101 4.48 -7.90 8.79
CA ASN A 101 3.82 -6.88 9.59
C ASN A 101 2.41 -7.30 9.97
N LEU A 102 2.19 -8.60 10.07
CA LEU A 102 0.88 -9.13 10.43
C LEU A 102 0.60 -8.94 11.91
N GLY A 103 -0.56 -8.35 12.22
CA GLY A 103 -0.93 -8.12 13.61
C GLY A 103 -1.14 -6.65 13.91
N MET A 104 -0.83 -5.80 12.93
CA MET A 104 -0.98 -4.35 13.10
C MET A 104 -0.97 -3.65 11.76
N VAL A 105 -1.75 -2.57 11.65
CA VAL A 105 -1.83 -1.81 10.41
C VAL A 105 -0.45 -1.60 9.80
N MET A 106 -0.33 -1.79 8.50
CA MET A 106 0.93 -1.61 7.80
C MET A 106 0.76 -0.72 6.57
N ILE A 107 -0.45 -0.22 6.39
CA ILE A 107 -0.75 0.65 5.24
C ILE A 107 0.46 1.51 4.88
N PHE A 108 0.80 2.44 5.77
CA PHE A 108 1.94 3.32 5.55
C PHE A 108 3.19 2.53 5.20
N THR A 109 3.51 1.53 6.03
CA THR A 109 4.68 0.70 5.81
C THR A 109 4.74 0.20 4.38
N LEU A 110 3.83 -0.71 4.03
CA LEU A 110 3.77 -1.27 2.69
C LEU A 110 4.11 -0.21 1.64
N VAL A 111 3.41 0.92 1.70
CA VAL A 111 3.64 2.00 0.76
C VAL A 111 5.12 2.38 0.70
N THR A 112 5.77 2.38 1.86
CA THR A 112 7.18 2.71 1.94
C THR A 112 8.02 1.76 1.12
N ALA A 113 7.79 0.47 1.30
CA ALA A 113 8.53 -0.56 0.57
C ALA A 113 8.29 -0.44 -0.93
N VAL A 114 7.09 -0.01 -1.30
CA VAL A 114 6.74 0.15 -2.70
C VAL A 114 7.42 1.37 -3.31
N GLN A 115 7.56 2.43 -2.52
CA GLN A 115 8.20 3.65 -2.97
C GLN A 115 9.61 3.38 -3.48
N GLU A 116 10.43 2.78 -2.62
CA GLU A 116 11.81 2.45 -2.98
C GLU A 116 11.86 1.47 -4.15
N LYS A 117 10.88 0.58 -4.19
CA LYS A 117 10.81 -0.42 -5.25
C LYS A 117 10.83 0.23 -6.62
N LEU A 118 9.87 1.11 -6.88
CA LEU A 118 9.80 1.82 -8.16
C LEU A 118 11.05 2.65 -8.40
N ASN A 119 11.69 3.08 -7.31
CA ASN A 119 12.89 3.89 -7.41
C ASN A 119 14.05 3.07 -7.97
N GLU A 120 13.95 1.75 -7.86
CA GLU A 120 14.99 0.85 -8.36
C GLU A 120 14.67 0.40 -9.78
N ILE A 121 13.41 0.51 -10.17
CA ILE A 121 12.99 0.12 -11.51
C ILE A 121 13.04 1.30 -12.47
N VAL A 122 12.67 2.48 -11.97
CA VAL A 122 12.67 3.68 -12.79
C VAL A 122 14.09 4.07 -13.18
N ASP A 123 15.07 3.45 -12.53
CA ASP A 123 16.47 3.73 -12.82
C ASP A 123 17.01 2.77 -13.88
N GLN A 124 16.52 1.54 -13.86
CA GLN A 124 16.95 0.53 -14.82
C GLN A 124 16.57 0.93 -16.25
N ILE A 125 15.41 1.58 -16.38
CA ILE A 125 14.93 2.01 -17.68
C ILE A 125 16.01 2.79 -18.44
N LYS A 126 17.01 3.24 -17.71
CA LYS A 126 18.11 3.99 -18.31
C LYS A 126 19.26 3.07 -18.71
N THR A 127 19.46 2.02 -17.91
CA THR A 127 20.53 1.06 -18.19
C THR A 127 19.95 -0.31 -18.52
N ARG A 128 18.89 -0.32 -19.32
CA ARG A 128 18.25 -1.57 -19.71
C ARG A 128 18.68 -1.99 -21.10
N GLY A 1 -11.00 -20.24 19.02
CA GLY A 1 -11.68 -19.62 17.90
C GLY A 1 -10.90 -18.45 17.33
N SER A 2 -10.45 -17.56 18.21
CA SER A 2 -9.69 -16.39 17.78
C SER A 2 -8.35 -16.32 18.50
N SER A 3 -7.34 -15.80 17.82
CA SER A 3 -6.00 -15.68 18.40
C SER A 3 -5.45 -14.27 18.19
N GLY A 4 -4.80 -13.74 19.23
CA GLY A 4 -4.23 -12.41 19.14
C GLY A 4 -3.27 -12.11 20.28
N SER A 5 -2.09 -11.61 19.94
CA SER A 5 -1.07 -11.29 20.94
C SER A 5 -1.72 -10.76 22.22
N SER A 6 -2.71 -9.88 22.05
CA SER A 6 -3.40 -9.30 23.19
C SER A 6 -4.74 -9.99 23.41
N GLY A 7 -5.53 -10.09 22.36
CA GLY A 7 -6.83 -10.73 22.46
C GLY A 7 -7.97 -9.77 22.22
N MET A 8 -7.83 -8.54 22.72
CA MET A 8 -8.86 -7.52 22.56
C MET A 8 -8.56 -6.64 21.35
N THR A 9 -8.13 -7.26 20.25
CA THR A 9 -7.81 -6.54 19.03
C THR A 9 -9.08 -6.15 18.28
N ASP A 10 -9.48 -4.89 18.41
CA ASP A 10 -10.68 -4.39 17.74
C ASP A 10 -10.35 -3.95 16.31
N TYR A 11 -10.58 -4.84 15.35
CA TYR A 11 -10.32 -4.54 13.96
C TYR A 11 -11.31 -3.51 13.41
N GLY A 12 -12.52 -3.53 13.95
CA GLY A 12 -13.55 -2.60 13.52
C GLY A 12 -13.15 -1.15 13.74
N GLU A 13 -12.46 -0.89 14.84
CA GLU A 13 -12.02 0.45 15.17
C GLU A 13 -10.70 0.78 14.47
N GLU A 14 -9.69 -0.04 14.71
CA GLU A 14 -8.38 0.17 14.10
C GLU A 14 -8.52 0.71 12.68
N GLN A 15 -9.19 -0.04 11.82
CA GLN A 15 -9.39 0.37 10.43
C GLN A 15 -9.80 1.84 10.36
N ARG A 16 -10.72 2.23 11.24
CA ARG A 16 -11.21 3.61 11.27
C ARG A 16 -10.15 4.54 11.85
N ASN A 17 -9.73 4.25 13.08
CA ASN A 17 -8.72 5.07 13.75
C ASN A 17 -7.54 5.35 12.84
N GLU A 18 -7.39 4.51 11.82
CA GLU A 18 -6.29 4.66 10.86
C GLU A 18 -6.68 5.59 9.72
N LEU A 19 -7.77 5.26 9.03
CA LEU A 19 -8.25 6.07 7.92
C LEU A 19 -8.18 7.56 8.26
N GLU A 20 -8.49 7.88 9.51
CA GLU A 20 -8.46 9.27 9.96
C GLU A 20 -7.05 9.84 9.89
N ALA A 21 -6.07 9.02 10.24
CA ALA A 21 -4.68 9.44 10.21
C ALA A 21 -4.18 9.60 8.77
N LEU A 22 -4.33 8.55 7.98
CA LEU A 22 -3.91 8.57 6.58
C LEU A 22 -4.39 9.83 5.88
N GLU A 23 -5.64 10.21 6.16
CA GLU A 23 -6.22 11.40 5.55
C GLU A 23 -5.24 12.57 5.61
N SER A 24 -4.42 12.59 6.65
CA SER A 24 -3.44 13.65 6.83
C SER A 24 -2.13 13.31 6.14
N ILE A 25 -1.87 12.02 5.97
CA ILE A 25 -0.65 11.55 5.32
C ILE A 25 -0.60 12.00 3.86
N TYR A 26 -1.75 11.94 3.19
CA TYR A 26 -1.83 12.34 1.79
C TYR A 26 -3.08 13.17 1.53
N PRO A 27 -2.88 14.42 1.12
CA PRO A 27 -3.98 15.35 0.83
C PRO A 27 -4.76 14.96 -0.42
N ASP A 28 -4.05 14.40 -1.40
CA ASP A 28 -4.68 13.98 -2.65
C ASP A 28 -4.35 12.53 -2.95
N SER A 29 -3.07 12.21 -3.02
CA SER A 29 -2.63 10.85 -3.30
C SER A 29 -3.59 9.82 -2.70
N PHE A 30 -4.07 10.11 -1.49
CA PHE A 30 -5.00 9.23 -0.80
C PHE A 30 -6.43 9.50 -1.22
N THR A 31 -6.98 8.65 -2.08
CA THR A 31 -8.34 8.80 -2.56
C THR A 31 -9.20 7.60 -2.18
N VAL A 32 -10.48 7.86 -1.88
CA VAL A 32 -11.40 6.80 -1.51
C VAL A 32 -12.26 6.38 -2.69
N LEU A 33 -12.59 5.08 -2.74
CA LEU A 33 -13.42 4.56 -3.82
C LEU A 33 -14.81 4.18 -3.31
N SER A 34 -14.86 3.37 -2.26
CA SER A 34 -16.12 2.94 -1.68
C SER A 34 -16.11 3.09 -0.16
N GLU A 35 -17.28 3.26 0.42
CA GLU A 35 -17.40 3.42 1.87
C GLU A 35 -17.52 2.06 2.56
N ASN A 36 -18.39 1.21 2.03
CA ASN A 36 -18.61 -0.11 2.59
C ASN A 36 -18.66 -1.17 1.48
N PRO A 37 -17.62 -2.01 1.43
CA PRO A 37 -16.49 -1.95 2.35
C PRO A 37 -15.62 -0.71 2.12
N PRO A 38 -14.96 -0.25 3.19
CA PRO A 38 -14.08 0.92 3.13
C PRO A 38 -12.81 0.66 2.32
N SER A 39 -12.87 0.92 1.02
CA SER A 39 -11.73 0.71 0.14
C SER A 39 -11.15 2.04 -0.32
N PHE A 40 -9.86 2.04 -0.65
CA PHE A 40 -9.19 3.25 -1.11
C PHE A 40 -8.00 2.90 -2.00
N THR A 41 -7.39 3.92 -2.58
CA THR A 41 -6.24 3.72 -3.46
C THR A 41 -5.17 4.78 -3.22
N ILE A 42 -3.91 4.40 -3.37
CA ILE A 42 -2.80 5.32 -3.17
C ILE A 42 -1.86 5.32 -4.37
N THR A 43 -1.46 6.51 -4.79
CA THR A 43 -0.56 6.65 -5.94
C THR A 43 0.84 7.06 -5.49
N VAL A 44 1.85 6.46 -6.11
CA VAL A 44 3.24 6.76 -5.78
C VAL A 44 4.08 6.95 -7.03
N THR A 45 4.70 8.12 -7.14
CA THR A 45 5.54 8.43 -8.30
C THR A 45 7.01 8.43 -7.93
N SER A 46 7.85 7.95 -8.85
CA SER A 46 9.28 7.87 -8.61
C SER A 46 9.95 9.20 -8.95
N GLU A 47 11.19 9.37 -8.50
CA GLU A 47 11.94 10.60 -8.75
C GLU A 47 12.50 10.61 -10.18
N ALA A 48 12.99 11.77 -10.60
CA ALA A 48 13.57 11.91 -11.93
C ALA A 48 14.95 11.29 -12.00
N GLY A 49 15.09 10.23 -12.79
CA GLY A 49 16.37 9.56 -12.92
C GLY A 49 17.26 10.22 -13.96
N GLU A 50 18.08 9.42 -14.62
CA GLU A 50 19.00 9.94 -15.64
C GLU A 50 18.23 10.74 -16.69
N ASN A 51 17.27 10.08 -17.35
CA ASN A 51 16.47 10.74 -18.38
C ASN A 51 15.15 11.24 -17.80
N ASP A 52 15.17 11.60 -16.52
CA ASP A 52 13.98 12.10 -15.85
C ASP A 52 12.86 11.07 -15.90
N GLU A 53 13.23 9.79 -15.91
CA GLU A 53 12.26 8.71 -15.95
C GLU A 53 11.33 8.76 -14.73
N THR A 54 10.03 8.67 -14.98
CA THR A 54 9.04 8.70 -13.91
C THR A 54 8.01 7.60 -14.08
N VAL A 55 7.80 6.83 -13.01
CA VAL A 55 6.84 5.73 -13.04
C VAL A 55 5.83 5.87 -11.90
N GLN A 56 4.58 5.53 -12.19
CA GLN A 56 3.51 5.61 -11.19
C GLN A 56 2.76 4.28 -11.09
N THR A 57 2.21 4.02 -9.91
CA THR A 57 1.47 2.79 -9.68
C THR A 57 0.34 3.00 -8.68
N THR A 58 -0.90 2.84 -9.14
CA THR A 58 -2.06 3.02 -8.28
C THR A 58 -2.38 1.74 -7.51
N LEU A 59 -2.06 1.74 -6.23
CA LEU A 59 -2.31 0.58 -5.38
C LEU A 59 -3.70 0.65 -4.75
N LYS A 60 -4.36 -0.49 -4.64
CA LYS A 60 -5.69 -0.56 -4.06
C LYS A 60 -5.68 -1.38 -2.77
N PHE A 61 -5.84 -0.70 -1.64
CA PHE A 61 -5.85 -1.36 -0.34
C PHE A 61 -7.28 -1.57 0.15
N THR A 62 -7.61 -2.82 0.47
CA THR A 62 -8.95 -3.14 0.96
C THR A 62 -8.91 -3.60 2.41
N TYR A 63 -9.75 -2.97 3.24
CA TYR A 63 -9.80 -3.30 4.66
C TYR A 63 -10.49 -4.65 4.88
N SER A 64 -9.71 -5.66 5.23
CA SER A 64 -10.25 -6.99 5.47
C SER A 64 -11.02 -7.05 6.79
N GLU A 65 -11.49 -8.23 7.14
CA GLU A 65 -12.24 -8.42 8.38
C GLU A 65 -11.32 -8.78 9.53
N LYS A 66 -10.26 -9.53 9.22
CA LYS A 66 -9.28 -9.93 10.24
C LYS A 66 -8.16 -8.91 10.34
N TYR A 67 -7.82 -8.29 9.22
CA TYR A 67 -6.75 -7.30 9.19
C TYR A 67 -6.88 -6.32 10.35
N PRO A 68 -5.72 -5.84 10.84
CA PRO A 68 -4.41 -6.23 10.31
C PRO A 68 -4.06 -7.68 10.63
N ASP A 69 -4.73 -8.25 11.63
CA ASP A 69 -4.48 -9.63 12.02
C ASP A 69 -4.14 -10.49 10.81
N GLU A 70 -4.95 -10.37 9.76
CA GLU A 70 -4.73 -11.14 8.54
C GLU A 70 -4.26 -10.24 7.41
N ALA A 71 -3.27 -10.71 6.66
CA ALA A 71 -2.73 -9.95 5.54
C ALA A 71 -3.84 -9.29 4.73
N PRO A 72 -3.70 -7.99 4.46
CA PRO A 72 -4.69 -7.23 3.68
C PRO A 72 -4.71 -7.63 2.22
N LEU A 73 -5.40 -6.84 1.40
CA LEU A 73 -5.50 -7.11 -0.02
C LEU A 73 -4.87 -5.98 -0.84
N TYR A 74 -3.83 -6.30 -1.59
CA TYR A 74 -3.15 -5.32 -2.42
C TYR A 74 -3.31 -5.64 -3.90
N GLU A 75 -3.83 -4.69 -4.66
CA GLU A 75 -4.03 -4.88 -6.09
C GLU A 75 -3.66 -3.61 -6.87
N ILE A 76 -2.98 -3.79 -7.99
CA ILE A 76 -2.56 -2.67 -8.82
C ILE A 76 -3.65 -2.30 -9.83
N PHE A 77 -4.37 -1.22 -9.55
CA PHE A 77 -5.43 -0.77 -10.43
C PHE A 77 -4.87 -0.29 -11.76
N SER A 78 -3.82 0.52 -11.70
CA SER A 78 -3.18 1.05 -12.90
C SER A 78 -1.68 1.25 -12.68
N GLN A 79 -0.91 1.09 -13.75
CA GLN A 79 0.53 1.24 -13.68
C GLN A 79 1.10 1.78 -15.00
N GLU A 80 2.28 2.39 -14.93
CA GLU A 80 2.92 2.94 -16.11
C GLU A 80 4.41 2.65 -16.10
N ASN A 81 4.96 2.34 -17.28
CA ASN A 81 6.38 2.06 -17.40
C ASN A 81 6.78 0.91 -16.48
N LEU A 82 6.02 -0.17 -16.52
CA LEU A 82 6.30 -1.34 -15.69
C LEU A 82 5.95 -2.63 -16.41
N GLU A 83 6.92 -3.53 -16.52
CA GLU A 83 6.71 -4.80 -17.19
C GLU A 83 6.31 -5.88 -16.19
N ASP A 84 5.88 -7.02 -16.71
CA ASP A 84 5.46 -8.14 -15.87
C ASP A 84 6.44 -8.35 -14.73
N ASN A 85 7.70 -8.60 -15.08
CA ASN A 85 8.74 -8.82 -14.08
C ASN A 85 8.62 -7.82 -12.94
N ASP A 86 8.58 -6.53 -13.28
CA ASP A 86 8.46 -5.47 -12.29
C ASP A 86 7.17 -5.62 -11.48
N VAL A 87 6.05 -5.38 -12.15
CA VAL A 87 4.74 -5.48 -11.50
C VAL A 87 4.71 -6.66 -10.53
N SER A 88 5.28 -7.78 -10.95
CA SER A 88 5.30 -8.99 -10.12
C SER A 88 6.13 -8.76 -8.86
N ASP A 89 7.44 -8.53 -9.04
CA ASP A 89 8.34 -8.30 -7.93
C ASP A 89 7.66 -7.44 -6.86
N ILE A 90 7.00 -6.37 -7.30
CA ILE A 90 6.31 -5.47 -6.37
C ILE A 90 5.16 -6.18 -5.66
N LEU A 91 4.35 -6.88 -6.44
CA LEU A 91 3.20 -7.61 -5.87
C LEU A 91 3.67 -8.65 -4.87
N LYS A 92 4.88 -9.17 -5.07
CA LYS A 92 5.45 -10.18 -4.18
C LYS A 92 6.06 -9.53 -2.95
N LEU A 93 6.70 -8.38 -3.14
CA LEU A 93 7.33 -7.66 -2.04
C LEU A 93 6.29 -7.23 -1.00
N LEU A 94 5.07 -6.97 -1.47
CA LEU A 94 3.99 -6.55 -0.58
C LEU A 94 3.44 -7.75 0.21
N ALA A 95 3.70 -8.95 -0.30
CA ALA A 95 3.24 -10.16 0.36
C ALA A 95 4.12 -10.50 1.56
N LEU A 96 5.42 -10.54 1.33
CA LEU A 96 6.37 -10.85 2.40
C LEU A 96 6.38 -9.76 3.46
N GLN A 97 6.68 -8.54 3.05
CA GLN A 97 6.71 -7.41 3.98
C GLN A 97 5.49 -7.41 4.88
N ALA A 98 4.32 -7.62 4.29
CA ALA A 98 3.08 -7.64 5.05
C ALA A 98 2.99 -8.89 5.92
N GLU A 99 3.18 -10.05 5.30
CA GLU A 99 3.12 -11.32 6.02
C GLU A 99 4.07 -11.31 7.21
N GLU A 100 5.11 -10.48 7.13
CA GLU A 100 6.09 -10.39 8.20
C GLU A 100 5.66 -9.37 9.25
N ASN A 101 4.94 -8.34 8.80
CA ASN A 101 4.46 -7.28 9.69
C ASN A 101 3.01 -7.54 10.10
N LEU A 102 2.62 -8.81 10.10
CA LEU A 102 1.26 -9.18 10.47
C LEU A 102 1.01 -8.94 11.97
N GLY A 103 -0.14 -8.37 12.28
CA GLY A 103 -0.48 -8.10 13.68
C GLY A 103 -1.14 -6.75 13.86
N MET A 104 -0.59 -5.73 13.20
CA MET A 104 -1.13 -4.38 13.30
C MET A 104 -1.21 -3.73 11.93
N VAL A 105 -1.68 -2.48 11.88
CA VAL A 105 -1.80 -1.74 10.63
C VAL A 105 -0.43 -1.38 10.08
N MET A 106 -0.22 -1.69 8.79
CA MET A 106 1.05 -1.39 8.14
C MET A 106 0.81 -0.76 6.77
N ILE A 107 -0.30 -0.04 6.65
CA ILE A 107 -0.64 0.63 5.40
C ILE A 107 0.45 1.62 4.99
N PHE A 108 0.96 2.36 5.96
CA PHE A 108 2.00 3.34 5.71
C PHE A 108 3.34 2.67 5.41
N THR A 109 3.62 1.60 6.15
CA THR A 109 4.86 0.86 5.97
C THR A 109 4.96 0.27 4.57
N LEU A 110 3.97 -0.54 4.20
CA LEU A 110 3.93 -1.16 2.88
C LEU A 110 4.30 -0.16 1.80
N VAL A 111 3.66 1.01 1.83
CA VAL A 111 3.92 2.05 0.86
C VAL A 111 5.41 2.37 0.76
N THR A 112 6.06 2.43 1.91
CA THR A 112 7.49 2.72 1.96
C THR A 112 8.28 1.79 1.04
N ALA A 113 8.21 0.49 1.33
CA ALA A 113 8.90 -0.50 0.53
C ALA A 113 8.68 -0.26 -0.96
N VAL A 114 7.46 0.15 -1.32
CA VAL A 114 7.12 0.41 -2.71
C VAL A 114 7.88 1.60 -3.25
N GLN A 115 7.72 2.75 -2.59
CA GLN A 115 8.41 3.97 -3.01
C GLN A 115 9.84 3.68 -3.44
N GLU A 116 10.50 2.78 -2.73
CA GLU A 116 11.87 2.40 -3.04
C GLU A 116 11.95 1.63 -4.35
N LYS A 117 11.01 0.71 -4.55
CA LYS A 117 10.97 -0.09 -5.77
C LYS A 117 11.01 0.81 -7.01
N LEU A 118 9.94 1.58 -7.20
CA LEU A 118 9.86 2.48 -8.35
C LEU A 118 11.15 3.29 -8.50
N ASN A 119 11.75 3.64 -7.37
CA ASN A 119 12.98 4.42 -7.37
C ASN A 119 14.15 3.61 -7.94
N GLU A 120 14.07 2.29 -7.76
CA GLU A 120 15.11 1.40 -8.25
C GLU A 120 14.85 0.99 -9.70
N ILE A 121 13.62 0.55 -9.96
CA ILE A 121 13.22 0.13 -11.30
C ILE A 121 13.29 1.30 -12.28
N VAL A 122 12.61 2.40 -11.94
CA VAL A 122 12.61 3.58 -12.79
C VAL A 122 13.96 3.81 -13.42
N ASP A 123 15.02 3.38 -12.74
CA ASP A 123 16.38 3.54 -13.24
C ASP A 123 16.71 2.46 -14.27
N GLN A 124 16.36 1.22 -13.95
CA GLN A 124 16.62 0.10 -14.84
C GLN A 124 16.00 0.33 -16.21
N ILE A 125 14.73 0.72 -16.23
CA ILE A 125 14.03 0.99 -17.48
C ILE A 125 14.95 1.64 -18.50
N LYS A 126 15.82 2.54 -18.02
CA LYS A 126 16.75 3.24 -18.89
C LYS A 126 17.57 2.26 -19.72
N THR A 127 18.10 1.23 -19.06
CA THR A 127 18.89 0.22 -19.73
C THR A 127 18.37 -0.05 -21.15
N ARG A 128 17.05 -0.20 -21.27
CA ARG A 128 16.44 -0.46 -22.56
C ARG A 128 15.67 0.77 -23.05
N GLY A 1 -16.56 3.91 24.60
CA GLY A 1 -17.51 3.11 25.36
C GLY A 1 -16.84 2.27 26.43
N SER A 2 -16.73 0.98 26.18
CA SER A 2 -16.12 0.05 27.13
C SER A 2 -14.79 0.62 27.63
N SER A 3 -14.56 0.48 28.94
CA SER A 3 -13.32 0.98 29.55
C SER A 3 -12.67 -0.09 30.41
N GLY A 4 -11.35 -0.03 30.54
CA GLY A 4 -10.64 -1.00 31.34
C GLY A 4 -10.18 -2.20 30.54
N SER A 5 -11.05 -3.21 30.43
CA SER A 5 -10.73 -4.42 29.70
C SER A 5 -9.98 -4.08 28.41
N SER A 6 -8.96 -4.88 28.10
CA SER A 6 -8.17 -4.66 26.89
C SER A 6 -8.88 -5.21 25.66
N GLY A 7 -9.32 -6.46 25.75
CA GLY A 7 -10.03 -7.08 24.64
C GLY A 7 -9.08 -7.79 23.68
N MET A 8 -9.35 -7.66 22.38
CA MET A 8 -8.52 -8.30 21.37
C MET A 8 -8.32 -7.37 20.18
N THR A 9 -7.49 -7.80 19.22
CA THR A 9 -7.20 -7.00 18.04
C THR A 9 -8.49 -6.44 17.44
N ASP A 10 -8.66 -5.13 17.53
CA ASP A 10 -9.84 -4.47 17.00
C ASP A 10 -9.73 -4.28 15.49
N TYR A 11 -10.26 -5.24 14.74
CA TYR A 11 -10.21 -5.19 13.29
C TYR A 11 -10.88 -3.93 12.76
N GLY A 12 -11.64 -3.26 13.64
CA GLY A 12 -12.32 -2.04 13.24
C GLY A 12 -11.50 -0.80 13.51
N GLU A 13 -11.12 -0.60 14.77
CA GLU A 13 -10.33 0.57 15.16
C GLU A 13 -9.02 0.61 14.38
N GLU A 14 -8.26 -0.47 14.45
CA GLU A 14 -6.97 -0.56 13.75
C GLU A 14 -7.08 0.04 12.35
N GLN A 15 -8.13 -0.34 11.63
CA GLN A 15 -8.33 0.17 10.28
C GLN A 15 -8.81 1.60 10.30
N ARG A 16 -10.04 1.82 10.77
CA ARG A 16 -10.61 3.15 10.86
C ARG A 16 -9.57 4.16 11.31
N ASN A 17 -9.07 3.97 12.53
CA ASN A 17 -8.06 4.87 13.09
C ASN A 17 -7.05 5.29 12.01
N GLU A 18 -6.36 4.31 11.44
CA GLU A 18 -5.37 4.58 10.41
C GLU A 18 -5.99 5.36 9.25
N LEU A 19 -7.06 4.82 8.69
CA LEU A 19 -7.74 5.46 7.58
C LEU A 19 -7.82 6.97 7.78
N GLU A 20 -8.07 7.38 9.03
CA GLU A 20 -8.17 8.80 9.35
C GLU A 20 -6.81 9.48 9.27
N ALA A 21 -5.82 8.88 9.93
CA ALA A 21 -4.46 9.42 9.92
C ALA A 21 -3.94 9.60 8.50
N LEU A 22 -4.11 8.56 7.69
CA LEU A 22 -3.65 8.60 6.30
C LEU A 22 -4.21 9.83 5.58
N GLU A 23 -5.37 10.29 6.03
CA GLU A 23 -6.01 11.45 5.43
C GLU A 23 -5.09 12.66 5.46
N SER A 24 -4.35 12.81 6.56
CA SER A 24 -3.43 13.93 6.71
C SER A 24 -2.20 13.74 5.84
N ILE A 25 -1.47 12.65 6.08
CA ILE A 25 -0.27 12.36 5.31
C ILE A 25 -0.54 12.43 3.81
N TYR A 26 -1.58 11.75 3.38
CA TYR A 26 -1.96 11.74 1.96
C TYR A 26 -3.27 12.48 1.74
N PRO A 27 -3.19 13.82 1.65
CA PRO A 27 -4.37 14.66 1.43
C PRO A 27 -4.95 14.50 0.03
N ASP A 28 -4.10 14.10 -0.91
CA ASP A 28 -4.53 13.91 -2.30
C ASP A 28 -4.29 12.47 -2.74
N SER A 29 -3.02 12.04 -2.68
CA SER A 29 -2.66 10.69 -3.08
C SER A 29 -3.71 9.68 -2.63
N PHE A 30 -4.17 9.84 -1.39
CA PHE A 30 -5.18 8.93 -0.83
C PHE A 30 -6.58 9.36 -1.26
N THR A 31 -7.18 8.59 -2.16
CA THR A 31 -8.51 8.89 -2.66
C THR A 31 -9.47 7.72 -2.39
N VAL A 32 -10.49 7.98 -1.57
CA VAL A 32 -11.47 6.95 -1.24
C VAL A 32 -12.36 6.63 -2.43
N LEU A 33 -12.78 5.38 -2.54
CA LEU A 33 -13.63 4.94 -3.63
C LEU A 33 -15.04 4.61 -3.14
N SER A 34 -15.09 3.88 -2.02
CA SER A 34 -16.37 3.49 -1.44
C SER A 34 -16.26 3.36 0.08
N GLU A 35 -17.23 3.93 0.79
CA GLU A 35 -17.24 3.88 2.25
C GLU A 35 -17.31 2.45 2.75
N ASN A 36 -18.19 1.65 2.12
CA ASN A 36 -18.35 0.26 2.51
C ASN A 36 -18.53 -0.63 1.28
N PRO A 37 -17.59 -1.57 1.08
CA PRO A 37 -16.45 -1.75 1.99
C PRO A 37 -15.46 -0.59 1.90
N PRO A 38 -14.61 -0.45 2.94
CA PRO A 38 -13.60 0.61 3.00
C PRO A 38 -12.49 0.40 1.98
N SER A 39 -12.74 0.81 0.75
CA SER A 39 -11.75 0.67 -0.32
C SER A 39 -11.17 2.02 -0.71
N PHE A 40 -9.85 2.08 -0.82
CA PHE A 40 -9.17 3.32 -1.19
C PHE A 40 -8.01 3.05 -2.13
N THR A 41 -7.46 4.11 -2.70
CA THR A 41 -6.34 3.98 -3.63
C THR A 41 -5.27 5.04 -3.35
N ILE A 42 -4.01 4.61 -3.37
CA ILE A 42 -2.90 5.53 -3.11
C ILE A 42 -2.03 5.68 -4.35
N THR A 43 -1.83 6.94 -4.77
CA THR A 43 -1.02 7.22 -5.95
C THR A 43 0.43 7.48 -5.56
N VAL A 44 1.30 6.54 -5.91
CA VAL A 44 2.73 6.66 -5.60
C VAL A 44 3.55 6.86 -6.87
N THR A 45 4.30 7.96 -6.92
CA THR A 45 5.13 8.26 -8.07
C THR A 45 6.61 8.24 -7.71
N SER A 46 7.44 7.82 -8.65
CA SER A 46 8.89 7.75 -8.42
C SER A 46 9.54 9.11 -8.68
N GLU A 47 10.80 9.23 -8.29
CA GLU A 47 11.54 10.48 -8.47
C GLU A 47 12.08 10.58 -9.89
N ALA A 48 12.43 11.79 -10.31
CA ALA A 48 12.96 12.03 -11.64
C ALA A 48 14.26 11.27 -11.86
N GLY A 49 14.31 10.48 -12.93
CA GLY A 49 15.51 9.70 -13.22
C GLY A 49 16.43 10.42 -14.19
N GLU A 50 17.23 9.65 -14.92
CA GLU A 50 18.18 10.22 -15.88
C GLU A 50 17.46 11.19 -16.83
N ASN A 51 16.46 10.67 -17.54
CA ASN A 51 15.71 11.49 -18.48
C ASN A 51 14.37 11.91 -17.88
N ASP A 52 14.37 12.21 -16.59
CA ASP A 52 13.15 12.63 -15.90
C ASP A 52 12.11 11.52 -15.92
N GLU A 53 12.57 10.27 -15.87
CA GLU A 53 11.67 9.13 -15.89
C GLU A 53 10.86 9.05 -14.60
N THR A 54 9.54 8.95 -14.75
CA THR A 54 8.65 8.87 -13.60
C THR A 54 7.56 7.83 -13.82
N VAL A 55 7.41 6.92 -12.85
CA VAL A 55 6.40 5.87 -12.95
C VAL A 55 5.28 6.10 -11.95
N GLN A 56 4.15 5.44 -12.17
CA GLN A 56 2.99 5.57 -11.29
C GLN A 56 2.23 4.25 -11.18
N THR A 57 1.69 3.99 -9.99
CA THR A 57 0.93 2.76 -9.76
C THR A 57 -0.23 3.01 -8.80
N THR A 58 -1.42 2.57 -9.20
CA THR A 58 -2.61 2.74 -8.38
C THR A 58 -2.88 1.50 -7.53
N LEU A 59 -2.47 1.57 -6.26
CA LEU A 59 -2.66 0.45 -5.35
C LEU A 59 -4.03 0.53 -4.68
N LYS A 60 -4.85 -0.50 -4.89
CA LYS A 60 -6.18 -0.55 -4.30
C LYS A 60 -6.19 -1.43 -3.06
N PHE A 61 -6.09 -0.80 -1.89
CA PHE A 61 -6.08 -1.53 -0.63
C PHE A 61 -7.51 -1.83 -0.17
N THR A 62 -7.77 -3.09 0.12
CA THR A 62 -9.10 -3.52 0.57
C THR A 62 -9.02 -4.28 1.89
N TYR A 63 -9.67 -3.75 2.92
CA TYR A 63 -9.67 -4.39 4.23
C TYR A 63 -10.50 -5.66 4.22
N SER A 64 -10.00 -6.70 4.88
CA SER A 64 -10.70 -7.98 4.94
C SER A 64 -11.11 -8.30 6.38
N GLU A 65 -11.76 -9.45 6.55
CA GLU A 65 -12.22 -9.87 7.87
C GLU A 65 -11.03 -10.18 8.78
N LYS A 66 -10.00 -10.79 8.20
CA LYS A 66 -8.79 -11.14 8.95
C LYS A 66 -7.74 -10.05 8.85
N TYR A 67 -7.91 -8.99 9.64
CA TYR A 67 -6.97 -7.88 9.63
C TYR A 67 -7.17 -6.99 10.85
N PRO A 68 -6.04 -6.50 11.42
CA PRO A 68 -4.71 -6.81 10.89
C PRO A 68 -4.31 -8.26 11.12
N ASP A 69 -5.16 -9.01 11.79
CA ASP A 69 -4.91 -10.42 12.08
C ASP A 69 -4.13 -11.06 10.93
N GLU A 70 -4.62 -10.88 9.71
CA GLU A 70 -3.98 -11.44 8.53
C GLU A 70 -3.67 -10.35 7.50
N ALA A 71 -2.88 -10.71 6.49
CA ALA A 71 -2.52 -9.76 5.44
C ALA A 71 -3.75 -9.32 4.65
N PRO A 72 -3.87 -8.00 4.43
CA PRO A 72 -4.98 -7.42 3.69
C PRO A 72 -4.94 -7.77 2.20
N LEU A 73 -5.85 -7.17 1.44
CA LEU A 73 -5.92 -7.42 0.00
C LEU A 73 -5.41 -6.22 -0.77
N TYR A 74 -4.35 -6.42 -1.56
CA TYR A 74 -3.77 -5.36 -2.36
C TYR A 74 -3.84 -5.69 -3.84
N GLU A 75 -4.09 -4.67 -4.66
CA GLU A 75 -4.18 -4.85 -6.10
C GLU A 75 -3.67 -3.61 -6.84
N ILE A 76 -3.56 -3.72 -8.15
CA ILE A 76 -3.09 -2.62 -8.97
C ILE A 76 -4.08 -2.28 -10.09
N PHE A 77 -4.86 -1.23 -9.89
CA PHE A 77 -5.85 -0.82 -10.88
C PHE A 77 -5.19 -0.56 -12.23
N SER A 78 -4.08 0.18 -12.22
CA SER A 78 -3.37 0.50 -13.44
C SER A 78 -1.93 0.91 -13.14
N GLN A 79 -1.04 0.69 -14.09
CA GLN A 79 0.37 1.03 -13.93
C GLN A 79 1.01 1.38 -15.27
N GLU A 80 2.06 2.19 -15.22
CA GLU A 80 2.76 2.60 -16.44
C GLU A 80 4.26 2.38 -16.29
N ASN A 81 4.93 2.15 -17.42
CA ASN A 81 6.37 1.92 -17.42
C ASN A 81 6.74 0.74 -16.52
N LEU A 82 5.88 -0.27 -16.50
CA LEU A 82 6.11 -1.46 -15.68
C LEU A 82 5.55 -2.70 -16.34
N GLU A 83 6.44 -3.54 -16.89
CA GLU A 83 6.02 -4.77 -17.56
C GLU A 83 5.39 -5.74 -16.56
N ASP A 84 4.80 -6.81 -17.09
CA ASP A 84 4.16 -7.81 -16.24
C ASP A 84 5.08 -8.23 -15.11
N ASN A 85 6.33 -8.53 -15.44
CA ASN A 85 7.30 -8.95 -14.44
C ASN A 85 7.49 -7.87 -13.37
N ASP A 86 7.75 -6.65 -13.81
CA ASP A 86 7.94 -5.54 -12.88
C ASP A 86 6.78 -5.44 -11.89
N VAL A 87 5.56 -5.49 -12.42
CA VAL A 87 4.37 -5.40 -11.58
C VAL A 87 4.35 -6.52 -10.55
N SER A 88 4.54 -7.75 -11.01
CA SER A 88 4.54 -8.91 -10.12
C SER A 88 5.54 -8.73 -8.98
N ASP A 89 6.75 -8.32 -9.33
CA ASP A 89 7.80 -8.10 -8.34
C ASP A 89 7.28 -7.28 -7.17
N ILE A 90 6.89 -6.04 -7.46
CA ILE A 90 6.37 -5.15 -6.43
C ILE A 90 5.37 -5.86 -5.54
N LEU A 91 4.41 -6.53 -6.16
CA LEU A 91 3.38 -7.26 -5.42
C LEU A 91 4.01 -8.21 -4.41
N LYS A 92 4.94 -9.02 -4.88
CA LYS A 92 5.62 -9.98 -4.01
C LYS A 92 6.19 -9.30 -2.77
N LEU A 93 6.93 -8.21 -2.99
CA LEU A 93 7.52 -7.45 -1.89
C LEU A 93 6.51 -7.26 -0.76
N LEU A 94 5.36 -6.69 -1.10
CA LEU A 94 4.31 -6.44 -0.12
C LEU A 94 3.96 -7.71 0.64
N ALA A 95 3.62 -8.76 -0.10
CA ALA A 95 3.28 -10.04 0.51
C ALA A 95 4.14 -10.31 1.75
N LEU A 96 5.44 -10.10 1.62
CA LEU A 96 6.36 -10.32 2.73
C LEU A 96 6.26 -9.20 3.76
N GLN A 97 6.48 -7.97 3.32
CA GLN A 97 6.40 -6.81 4.21
C GLN A 97 5.28 -6.97 5.22
N ALA A 98 4.10 -7.37 4.73
CA ALA A 98 2.94 -7.56 5.59
C ALA A 98 3.15 -8.74 6.53
N GLU A 99 3.67 -9.83 5.98
CA GLU A 99 3.91 -11.04 6.77
C GLU A 99 4.75 -10.72 8.01
N GLU A 100 5.78 -9.90 7.83
CA GLU A 100 6.65 -9.51 8.93
C GLU A 100 5.98 -8.49 9.83
N ASN A 101 5.08 -7.70 9.25
CA ASN A 101 4.36 -6.68 10.00
C ASN A 101 2.91 -7.11 10.26
N LEU A 102 2.72 -8.40 10.49
CA LEU A 102 1.39 -8.94 10.75
C LEU A 102 0.82 -8.39 12.06
N GLY A 103 -0.42 -8.73 12.35
CA GLY A 103 -1.07 -8.26 13.56
C GLY A 103 -0.82 -6.78 13.82
N MET A 104 -0.75 -6.01 12.74
CA MET A 104 -0.51 -4.58 12.85
C MET A 104 -0.81 -3.86 11.55
N VAL A 105 -1.34 -2.65 11.63
CA VAL A 105 -1.67 -1.87 10.46
C VAL A 105 -0.44 -1.59 9.61
N MET A 106 -0.16 -2.49 8.66
CA MET A 106 0.99 -2.34 7.79
C MET A 106 0.62 -1.55 6.54
N ILE A 107 -0.35 -0.66 6.68
CA ILE A 107 -0.80 0.16 5.56
C ILE A 107 0.30 1.12 5.11
N PHE A 108 0.91 1.81 6.06
CA PHE A 108 1.97 2.76 5.78
C PHE A 108 3.26 2.02 5.41
N THR A 109 3.54 0.95 6.14
CA THR A 109 4.75 0.17 5.89
C THR A 109 4.79 -0.37 4.47
N LEU A 110 3.68 -0.96 4.04
CA LEU A 110 3.58 -1.51 2.68
C LEU A 110 3.91 -0.44 1.64
N VAL A 111 3.09 0.61 1.62
CA VAL A 111 3.29 1.70 0.66
C VAL A 111 4.74 2.19 0.69
N THR A 112 5.16 2.71 1.84
CA THR A 112 6.52 3.22 1.99
C THR A 112 7.52 2.33 1.26
N ALA A 113 7.42 1.03 1.46
CA ALA A 113 8.31 0.06 0.83
C ALA A 113 8.19 0.13 -0.69
N VAL A 114 6.97 0.28 -1.18
CA VAL A 114 6.72 0.36 -2.61
C VAL A 114 7.54 1.47 -3.25
N GLN A 115 7.41 2.68 -2.73
CA GLN A 115 8.14 3.83 -3.24
C GLN A 115 9.58 3.45 -3.55
N GLU A 116 10.26 2.86 -2.57
CA GLU A 116 11.65 2.46 -2.73
C GLU A 116 11.81 1.56 -3.96
N LYS A 117 10.88 0.62 -4.12
CA LYS A 117 10.92 -0.31 -5.25
C LYS A 117 10.84 0.45 -6.58
N LEU A 118 9.74 1.17 -6.77
CA LEU A 118 9.54 1.94 -7.99
C LEU A 118 10.78 2.75 -8.34
N ASN A 119 11.39 3.35 -7.31
CA ASN A 119 12.59 4.16 -7.51
C ASN A 119 13.73 3.32 -8.07
N GLU A 120 13.81 2.06 -7.63
CA GLU A 120 14.85 1.15 -8.10
C GLU A 120 14.66 0.82 -9.58
N ILE A 121 13.43 0.45 -9.94
CA ILE A 121 13.13 0.11 -11.33
C ILE A 121 13.37 1.29 -12.25
N VAL A 122 12.59 2.35 -12.07
CA VAL A 122 12.71 3.55 -12.89
C VAL A 122 14.18 3.86 -13.19
N ASP A 123 15.07 3.46 -12.28
CA ASP A 123 16.50 3.69 -12.45
C ASP A 123 17.10 2.65 -13.38
N GLN A 124 16.69 1.39 -13.21
CA GLN A 124 17.21 0.30 -14.03
C GLN A 124 17.05 0.64 -15.52
N ILE A 125 15.98 1.33 -15.87
CA ILE A 125 15.72 1.71 -17.25
C ILE A 125 16.97 2.28 -17.90
N LYS A 126 17.83 2.89 -17.09
CA LYS A 126 19.07 3.48 -17.59
C LYS A 126 19.74 2.56 -18.60
N THR A 127 19.50 1.26 -18.46
CA THR A 127 20.07 0.27 -19.36
C THR A 127 19.02 -0.69 -19.87
N ARG A 128 17.92 -0.13 -20.38
CA ARG A 128 16.82 -0.94 -20.91
C ARG A 128 17.36 -2.16 -21.64
N GLY A 1 -3.95 8.48 20.45
CA GLY A 1 -3.80 7.16 21.04
C GLY A 1 -3.59 7.22 22.54
N SER A 2 -4.00 6.17 23.23
CA SER A 2 -3.87 6.10 24.68
C SER A 2 -3.74 4.66 25.15
N SER A 3 -2.58 4.33 25.70
CA SER A 3 -2.33 2.97 26.19
C SER A 3 -2.61 2.87 27.69
N GLY A 4 -3.84 2.50 28.02
CA GLY A 4 -4.22 2.37 29.42
C GLY A 4 -4.92 1.05 29.72
N SER A 5 -6.25 1.09 29.83
CA SER A 5 -7.02 -0.10 30.11
C SER A 5 -7.73 -0.60 28.86
N SER A 6 -7.37 -1.80 28.41
CA SER A 6 -7.97 -2.39 27.23
C SER A 6 -8.47 -3.81 27.51
N GLY A 7 -9.34 -4.31 26.65
CA GLY A 7 -9.88 -5.65 26.83
C GLY A 7 -9.77 -6.48 25.56
N MET A 8 -10.18 -5.90 24.43
CA MET A 8 -10.13 -6.60 23.16
C MET A 8 -9.66 -5.66 22.05
N THR A 9 -9.23 -6.25 20.93
CA THR A 9 -8.75 -5.46 19.79
C THR A 9 -9.81 -5.39 18.70
N ASP A 10 -10.66 -4.36 18.77
CA ASP A 10 -11.71 -4.18 17.78
C ASP A 10 -11.13 -3.83 16.42
N TYR A 11 -11.04 -4.83 15.53
CA TYR A 11 -10.49 -4.62 14.21
C TYR A 11 -11.00 -3.31 13.60
N GLY A 12 -12.30 -3.07 13.73
CA GLY A 12 -12.88 -1.85 13.19
C GLY A 12 -12.12 -0.61 13.61
N GLU A 13 -11.85 -0.49 14.90
CA GLU A 13 -11.12 0.67 15.42
C GLU A 13 -9.85 0.91 14.61
N GLU A 14 -8.93 -0.05 14.65
CA GLU A 14 -7.67 0.06 13.93
C GLU A 14 -7.89 0.70 12.56
N GLN A 15 -8.58 -0.02 11.68
CA GLN A 15 -8.84 0.48 10.33
C GLN A 15 -9.16 1.97 10.36
N ARG A 16 -10.15 2.34 11.17
CA ARG A 16 -10.55 3.75 11.28
C ARG A 16 -9.37 4.61 11.70
N ASN A 17 -8.83 4.34 12.88
CA ASN A 17 -7.69 5.10 13.39
C ASN A 17 -6.66 5.36 12.29
N GLU A 18 -6.08 4.29 11.78
CA GLU A 18 -5.08 4.41 10.72
C GLU A 18 -5.62 5.20 9.54
N LEU A 19 -6.80 4.81 9.06
CA LEU A 19 -7.42 5.49 7.93
C LEU A 19 -7.29 7.00 8.06
N GLU A 20 -7.75 7.53 9.18
CA GLU A 20 -7.67 8.97 9.43
C GLU A 20 -6.26 9.49 9.20
N ALA A 21 -5.27 8.68 9.56
CA ALA A 21 -3.87 9.05 9.38
C ALA A 21 -3.53 9.23 7.91
N LEU A 22 -4.01 8.31 7.09
CA LEU A 22 -3.74 8.36 5.65
C LEU A 22 -4.37 9.61 5.03
N GLU A 23 -5.48 10.07 5.62
CA GLU A 23 -6.17 11.25 5.13
C GLU A 23 -5.25 12.47 5.16
N SER A 24 -4.66 12.72 6.33
CA SER A 24 -3.77 13.86 6.50
C SER A 24 -2.50 13.70 5.65
N ILE A 25 -1.70 12.69 5.98
CA ILE A 25 -0.47 12.43 5.24
C ILE A 25 -0.72 12.45 3.73
N TYR A 26 -1.86 11.94 3.31
CA TYR A 26 -2.22 11.91 1.90
C TYR A 26 -3.53 12.63 1.64
N PRO A 27 -3.46 13.96 1.51
CA PRO A 27 -4.65 14.80 1.26
C PRO A 27 -5.22 14.58 -0.13
N ASP A 28 -4.37 14.17 -1.07
CA ASP A 28 -4.80 13.92 -2.44
C ASP A 28 -4.40 12.53 -2.89
N SER A 29 -3.13 12.19 -2.72
CA SER A 29 -2.61 10.89 -3.12
C SER A 29 -3.55 9.77 -2.66
N PHE A 30 -4.17 9.97 -1.50
CA PHE A 30 -5.08 8.98 -0.95
C PHE A 30 -6.53 9.35 -1.26
N THR A 31 -7.25 8.44 -1.91
CA THR A 31 -8.64 8.67 -2.27
C THR A 31 -9.51 7.48 -1.88
N VAL A 32 -10.60 7.77 -1.16
CA VAL A 32 -11.51 6.72 -0.74
C VAL A 32 -12.55 6.41 -1.81
N LEU A 33 -12.40 5.26 -2.46
CA LEU A 33 -13.33 4.85 -3.51
C LEU A 33 -14.74 4.69 -2.97
N SER A 34 -14.92 3.72 -2.07
CA SER A 34 -16.23 3.47 -1.47
C SER A 34 -16.14 3.50 0.05
N GLU A 35 -17.28 3.25 0.70
CA GLU A 35 -17.33 3.26 2.15
C GLU A 35 -17.54 1.85 2.70
N ASN A 36 -18.28 1.03 1.95
CA ASN A 36 -18.57 -0.34 2.35
C ASN A 36 -18.70 -1.25 1.12
N PRO A 37 -17.68 -2.10 0.91
CA PRO A 37 -16.51 -2.17 1.78
C PRO A 37 -15.63 -0.93 1.66
N PRO A 38 -14.97 -0.56 2.77
CA PRO A 38 -14.08 0.61 2.81
C PRO A 38 -12.81 0.39 2.01
N SER A 39 -12.82 0.84 0.75
CA SER A 39 -11.67 0.69 -0.12
C SER A 39 -11.14 2.05 -0.57
N PHE A 40 -9.82 2.16 -0.70
CA PHE A 40 -9.21 3.42 -1.12
C PHE A 40 -8.02 3.15 -2.05
N THR A 41 -7.62 4.17 -2.81
CA THR A 41 -6.51 4.04 -3.73
C THR A 41 -5.42 5.06 -3.42
N ILE A 42 -4.19 4.58 -3.31
CA ILE A 42 -3.06 5.45 -3.02
C ILE A 42 -2.19 5.66 -4.26
N THR A 43 -2.16 6.90 -4.75
CA THR A 43 -1.37 7.25 -5.93
C THR A 43 0.09 7.50 -5.56
N VAL A 44 0.97 6.58 -5.95
CA VAL A 44 2.39 6.71 -5.66
C VAL A 44 3.19 6.88 -6.94
N THR A 45 3.97 7.96 -7.01
CA THR A 45 4.79 8.24 -8.18
C THR A 45 6.28 8.23 -7.82
N SER A 46 7.09 7.71 -8.73
CA SER A 46 8.53 7.64 -8.52
C SER A 46 9.19 8.98 -8.81
N GLU A 47 10.46 9.10 -8.44
CA GLU A 47 11.21 10.34 -8.64
C GLU A 47 11.80 10.37 -10.05
N ALA A 48 12.38 11.52 -10.41
CA ALA A 48 12.99 11.69 -11.73
C ALA A 48 14.31 10.92 -11.83
N GLY A 49 14.38 10.01 -12.78
CA GLY A 49 15.59 9.23 -12.97
C GLY A 49 16.64 9.96 -13.79
N GLU A 50 17.14 9.29 -14.83
CA GLU A 50 18.17 9.89 -15.69
C GLU A 50 17.52 10.78 -16.74
N ASN A 51 16.55 10.23 -17.47
CA ASN A 51 15.86 10.97 -18.51
C ASN A 51 14.53 11.51 -18.01
N ASP A 52 14.47 11.83 -16.73
CA ASP A 52 13.26 12.35 -16.12
C ASP A 52 12.14 11.31 -16.15
N GLU A 53 12.53 10.04 -16.14
CA GLU A 53 11.56 8.95 -16.17
C GLU A 53 10.84 8.83 -14.83
N THR A 54 9.52 8.70 -14.89
CA THR A 54 8.71 8.57 -13.67
C THR A 54 7.57 7.57 -13.87
N VAL A 55 7.48 6.61 -12.95
CA VAL A 55 6.43 5.59 -13.02
C VAL A 55 5.35 5.83 -11.98
N GLN A 56 4.18 5.27 -12.21
CA GLN A 56 3.06 5.42 -11.29
C GLN A 56 2.22 4.16 -11.23
N THR A 57 1.79 3.78 -10.03
CA THR A 57 0.98 2.59 -9.84
C THR A 57 -0.17 2.84 -8.87
N THR A 58 -1.35 2.34 -9.21
CA THR A 58 -2.53 2.52 -8.36
C THR A 58 -2.73 1.32 -7.44
N LEU A 59 -2.47 1.52 -6.16
CA LEU A 59 -2.62 0.46 -5.16
C LEU A 59 -3.98 0.55 -4.48
N LYS A 60 -4.79 -0.49 -4.66
CA LYS A 60 -6.12 -0.54 -4.06
C LYS A 60 -6.12 -1.43 -2.82
N PHE A 61 -6.06 -0.83 -1.65
CA PHE A 61 -6.06 -1.57 -0.40
C PHE A 61 -7.48 -1.74 0.13
N THR A 62 -7.92 -2.99 0.22
CA THR A 62 -9.26 -3.29 0.71
C THR A 62 -9.20 -3.98 2.08
N TYR A 63 -9.90 -3.40 3.05
CA TYR A 63 -9.93 -3.96 4.40
C TYR A 63 -10.73 -5.26 4.43
N SER A 64 -10.08 -6.35 4.82
CA SER A 64 -10.74 -7.65 4.90
C SER A 64 -11.36 -7.86 6.27
N GLU A 65 -12.27 -8.84 6.35
CA GLU A 65 -12.95 -9.13 7.62
C GLU A 65 -11.94 -9.38 8.73
N LYS A 66 -10.84 -10.04 8.39
CA LYS A 66 -9.79 -10.35 9.37
C LYS A 66 -8.58 -9.46 9.15
N TYR A 67 -8.62 -8.25 9.71
CA TYR A 67 -7.52 -7.30 9.59
C TYR A 67 -7.49 -6.35 10.77
N PRO A 68 -6.27 -6.01 11.22
CA PRO A 68 -5.03 -6.51 10.60
C PRO A 68 -4.82 -8.00 10.87
N ASP A 69 -5.78 -8.62 11.55
CA ASP A 69 -5.70 -10.04 11.87
C ASP A 69 -5.02 -10.81 10.75
N GLU A 70 -5.34 -10.46 9.51
CA GLU A 70 -4.77 -11.12 8.36
C GLU A 70 -4.39 -10.10 7.28
N ALA A 71 -3.25 -10.32 6.62
CA ALA A 71 -2.79 -9.43 5.57
C ALA A 71 -3.96 -8.86 4.78
N PRO A 72 -3.92 -7.54 4.52
CA PRO A 72 -4.97 -6.85 3.76
C PRO A 72 -4.98 -7.24 2.29
N LEU A 73 -5.98 -6.74 1.56
CA LEU A 73 -6.11 -7.04 0.14
C LEU A 73 -5.41 -5.98 -0.71
N TYR A 74 -4.41 -6.41 -1.47
CA TYR A 74 -3.66 -5.49 -2.33
C TYR A 74 -3.85 -5.85 -3.80
N GLU A 75 -4.26 -4.87 -4.59
CA GLU A 75 -4.48 -5.08 -6.02
C GLU A 75 -4.08 -3.84 -6.81
N ILE A 76 -3.40 -4.06 -7.94
CA ILE A 76 -2.96 -2.96 -8.79
C ILE A 76 -3.97 -2.70 -9.90
N PHE A 77 -4.78 -1.66 -9.73
CA PHE A 77 -5.79 -1.31 -10.73
C PHE A 77 -5.14 -1.04 -12.09
N SER A 78 -4.05 -0.29 -12.08
CA SER A 78 -3.33 0.03 -13.31
C SER A 78 -1.95 0.60 -13.01
N GLN A 79 -1.00 0.31 -13.89
CA GLN A 79 0.37 0.79 -13.72
C GLN A 79 0.80 1.65 -14.91
N GLU A 80 1.97 2.28 -14.78
CA GLU A 80 2.49 3.14 -15.84
C GLU A 80 4.00 2.94 -16.00
N ASN A 81 4.42 2.62 -17.22
CA ASN A 81 5.84 2.41 -17.51
C ASN A 81 6.34 1.13 -16.84
N LEU A 82 5.42 0.21 -16.59
CA LEU A 82 5.77 -1.06 -15.95
C LEU A 82 5.26 -2.24 -16.78
N GLU A 83 5.61 -3.45 -16.35
CA GLU A 83 5.19 -4.66 -17.05
C GLU A 83 5.04 -5.83 -16.07
N ASP A 84 4.38 -6.88 -16.53
CA ASP A 84 4.15 -8.06 -15.70
C ASP A 84 5.38 -8.36 -14.84
N ASN A 85 6.56 -8.15 -15.41
CA ASN A 85 7.81 -8.40 -14.70
C ASN A 85 7.97 -7.45 -13.53
N ASP A 86 7.92 -6.15 -13.82
CA ASP A 86 8.04 -5.13 -12.78
C ASP A 86 6.89 -5.20 -11.79
N VAL A 87 5.66 -5.09 -12.31
CA VAL A 87 4.48 -5.14 -11.48
C VAL A 87 4.53 -6.31 -10.50
N SER A 88 5.00 -7.46 -10.99
CA SER A 88 5.11 -8.66 -10.16
C SER A 88 6.13 -8.45 -9.04
N ASP A 89 7.35 -8.10 -9.44
CA ASP A 89 8.42 -7.87 -8.48
C ASP A 89 7.94 -7.02 -7.31
N ILE A 90 7.01 -6.11 -7.59
CA ILE A 90 6.45 -5.22 -6.57
C ILE A 90 5.34 -5.92 -5.79
N LEU A 91 4.59 -6.78 -6.48
CA LEU A 91 3.50 -7.50 -5.85
C LEU A 91 4.02 -8.46 -4.78
N LYS A 92 5.13 -9.11 -5.07
CA LYS A 92 5.74 -10.04 -4.14
C LYS A 92 6.23 -9.33 -2.88
N LEU A 93 7.02 -8.27 -3.08
CA LEU A 93 7.56 -7.50 -1.97
C LEU A 93 6.48 -7.25 -0.91
N LEU A 94 5.25 -7.12 -1.35
CA LEU A 94 4.13 -6.89 -0.44
C LEU A 94 3.79 -8.14 0.35
N ALA A 95 3.84 -9.28 -0.31
CA ALA A 95 3.55 -10.57 0.33
C ALA A 95 4.33 -10.70 1.64
N LEU A 96 5.66 -10.76 1.53
CA LEU A 96 6.51 -10.90 2.71
C LEU A 96 6.25 -9.78 3.70
N GLN A 97 6.66 -8.56 3.35
CA GLN A 97 6.47 -7.41 4.21
C GLN A 97 5.14 -7.50 4.97
N ALA A 98 4.06 -7.68 4.21
CA ALA A 98 2.73 -7.78 4.80
C ALA A 98 2.70 -8.85 5.89
N GLU A 99 3.04 -10.08 5.53
CA GLU A 99 3.05 -11.20 6.47
C GLU A 99 3.88 -10.86 7.70
N GLU A 100 5.07 -10.30 7.46
CA GLU A 100 5.97 -9.93 8.55
C GLU A 100 5.32 -8.89 9.45
N ASN A 101 4.41 -8.11 8.90
CA ASN A 101 3.72 -7.07 9.66
C ASN A 101 2.30 -7.51 10.00
N LEU A 102 2.14 -8.78 10.34
CA LEU A 102 0.83 -9.32 10.69
C LEU A 102 0.37 -8.79 12.04
N GLY A 103 -0.94 -8.87 12.29
CA GLY A 103 -1.48 -8.40 13.55
C GLY A 103 -1.20 -6.93 13.79
N MET A 104 -1.02 -6.18 12.70
CA MET A 104 -0.74 -4.75 12.80
C MET A 104 -0.97 -4.07 11.46
N VAL A 105 -1.36 -2.79 11.52
CA VAL A 105 -1.62 -2.02 10.30
C VAL A 105 -0.35 -1.93 9.45
N MET A 106 -0.30 -2.73 8.39
CA MET A 106 0.85 -2.74 7.49
C MET A 106 0.59 -1.85 6.28
N ILE A 107 0.02 -0.67 6.52
CA ILE A 107 -0.28 0.28 5.45
C ILE A 107 0.87 1.26 5.25
N PHE A 108 0.99 2.20 6.18
CA PHE A 108 2.05 3.20 6.10
C PHE A 108 3.37 2.58 5.67
N THR A 109 3.51 1.28 5.92
CA THR A 109 4.72 0.56 5.57
C THR A 109 4.65 0.02 4.14
N LEU A 110 3.73 -0.91 3.92
CA LEU A 110 3.55 -1.50 2.59
C LEU A 110 3.79 -0.47 1.50
N VAL A 111 3.49 0.79 1.80
CA VAL A 111 3.67 1.87 0.84
C VAL A 111 5.14 2.22 0.68
N THR A 112 5.76 2.72 1.75
CA THR A 112 7.17 3.08 1.72
C THR A 112 8.00 2.03 0.99
N ALA A 113 7.73 0.77 1.28
CA ALA A 113 8.45 -0.33 0.65
C ALA A 113 8.25 -0.32 -0.86
N VAL A 114 7.03 -0.02 -1.29
CA VAL A 114 6.70 0.02 -2.71
C VAL A 114 7.36 1.21 -3.39
N GLN A 115 7.20 2.39 -2.79
CA GLN A 115 7.79 3.60 -3.34
C GLN A 115 9.25 3.40 -3.71
N GLU A 116 9.99 2.74 -2.81
CA GLU A 116 11.40 2.47 -3.04
C GLU A 116 11.59 1.43 -4.14
N LYS A 117 10.62 0.52 -4.26
CA LYS A 117 10.69 -0.52 -5.28
C LYS A 117 10.57 0.07 -6.67
N LEU A 118 9.98 1.25 -6.76
CA LEU A 118 9.81 1.93 -8.05
C LEU A 118 10.98 2.86 -8.33
N ASN A 119 11.42 3.57 -7.29
CA ASN A 119 12.54 4.50 -7.42
C ASN A 119 13.82 3.77 -7.79
N GLU A 120 13.79 2.44 -7.68
CA GLU A 120 14.95 1.62 -7.99
C GLU A 120 14.90 1.13 -9.43
N ILE A 121 13.70 0.86 -9.92
CA ILE A 121 13.51 0.39 -11.28
C ILE A 121 13.62 1.53 -12.29
N VAL A 122 12.91 2.62 -11.99
CA VAL A 122 12.92 3.80 -12.87
C VAL A 122 14.34 4.18 -13.25
N ASP A 123 15.32 3.70 -12.48
CA ASP A 123 16.72 3.99 -12.74
C ASP A 123 17.35 2.91 -13.59
N GLN A 124 16.82 1.69 -13.48
CA GLN A 124 17.33 0.56 -14.25
C GLN A 124 17.03 0.74 -15.74
N ILE A 125 15.87 1.30 -16.04
CA ILE A 125 15.46 1.52 -17.42
C ILE A 125 16.54 2.26 -18.20
N LYS A 126 17.44 2.92 -17.48
CA LYS A 126 18.53 3.64 -18.11
C LYS A 126 19.56 2.69 -18.72
N THR A 127 19.85 1.61 -18.00
CA THR A 127 20.81 0.62 -18.46
C THR A 127 20.15 -0.40 -19.37
N ARG A 128 19.13 0.04 -20.11
CA ARG A 128 18.41 -0.84 -21.01
C ARG A 128 19.30 -1.27 -22.18
N GLY A 1 -1.32 -25.46 24.44
CA GLY A 1 -1.55 -24.16 23.87
C GLY A 1 -0.29 -23.32 23.79
N SER A 2 -0.29 -22.31 22.93
CA SER A 2 0.86 -21.44 22.76
C SER A 2 0.49 -19.98 22.99
N SER A 3 -0.81 -19.71 23.02
CA SER A 3 -1.31 -18.36 23.22
C SER A 3 -1.57 -18.09 24.71
N GLY A 4 -1.04 -16.98 25.21
CA GLY A 4 -1.23 -16.65 26.60
C GLY A 4 -2.66 -16.24 26.91
N SER A 5 -2.93 -14.95 26.87
CA SER A 5 -4.26 -14.43 27.15
C SER A 5 -5.02 -14.14 25.86
N SER A 6 -6.34 -14.16 25.93
CA SER A 6 -7.19 -13.91 24.77
C SER A 6 -6.61 -12.78 23.93
N GLY A 7 -6.48 -11.60 24.54
CA GLY A 7 -5.94 -10.45 23.84
C GLY A 7 -7.02 -9.63 23.17
N MET A 8 -7.27 -8.44 23.71
CA MET A 8 -8.30 -7.55 23.16
C MET A 8 -7.72 -6.72 22.01
N THR A 9 -8.22 -6.95 20.80
CA THR A 9 -7.76 -6.23 19.63
C THR A 9 -8.93 -5.70 18.81
N ASP A 10 -9.08 -4.38 18.79
CA ASP A 10 -10.16 -3.75 18.04
C ASP A 10 -9.82 -3.66 16.56
N TYR A 11 -10.04 -4.75 15.84
CA TYR A 11 -9.76 -4.79 14.41
C TYR A 11 -10.46 -3.66 13.68
N GLY A 12 -11.73 -3.46 14.00
CA GLY A 12 -12.50 -2.40 13.36
C GLY A 12 -11.88 -1.03 13.56
N GLU A 13 -11.86 -0.56 14.80
CA GLU A 13 -11.30 0.75 15.12
C GLU A 13 -10.05 1.01 14.27
N GLU A 14 -9.10 0.08 14.32
CA GLU A 14 -7.87 0.22 13.57
C GLU A 14 -8.14 0.65 12.13
N GLN A 15 -9.11 -0.01 11.49
CA GLN A 15 -9.48 0.30 10.12
C GLN A 15 -9.83 1.78 9.98
N ARG A 16 -10.61 2.30 10.93
CA ARG A 16 -11.01 3.70 10.91
C ARG A 16 -9.90 4.60 11.42
N ASN A 17 -9.62 4.51 12.71
CA ASN A 17 -8.58 5.33 13.33
C ASN A 17 -7.39 5.51 12.37
N GLU A 18 -7.05 4.44 11.66
CA GLU A 18 -5.94 4.48 10.71
C GLU A 18 -6.31 5.29 9.48
N LEU A 19 -7.51 5.05 8.95
CA LEU A 19 -7.98 5.77 7.77
C LEU A 19 -7.78 7.26 7.92
N GLU A 20 -8.13 7.79 9.09
CA GLU A 20 -7.99 9.21 9.35
C GLU A 20 -6.54 9.66 9.18
N ALA A 21 -5.61 8.81 9.59
CA ALA A 21 -4.19 9.10 9.48
C ALA A 21 -3.79 9.32 8.02
N LEU A 22 -3.99 8.29 7.20
CA LEU A 22 -3.64 8.37 5.78
C LEU A 22 -4.25 9.62 5.14
N GLU A 23 -5.45 9.98 5.57
CA GLU A 23 -6.13 11.15 5.04
C GLU A 23 -5.25 12.39 5.17
N SER A 24 -4.68 12.58 6.36
CA SER A 24 -3.83 13.73 6.61
C SER A 24 -2.54 13.64 5.81
N ILE A 25 -1.71 12.66 6.13
CA ILE A 25 -0.45 12.46 5.44
C ILE A 25 -0.63 12.55 3.93
N TYR A 26 -1.60 11.82 3.41
CA TYR A 26 -1.89 11.80 1.98
C TYR A 26 -3.17 12.56 1.67
N PRO A 27 -3.06 13.89 1.50
CA PRO A 27 -4.21 14.74 1.21
C PRO A 27 -4.76 14.52 -0.19
N ASP A 28 -3.89 14.08 -1.10
CA ASP A 28 -4.28 13.83 -2.48
C ASP A 28 -3.99 12.38 -2.87
N SER A 29 -2.74 11.97 -2.72
CA SER A 29 -2.32 10.62 -3.05
C SER A 29 -3.37 9.60 -2.59
N PHE A 30 -4.02 9.91 -1.48
CA PHE A 30 -5.04 9.02 -0.93
C PHE A 30 -6.43 9.41 -1.43
N THR A 31 -7.08 8.49 -2.12
CA THR A 31 -8.42 8.73 -2.66
C THR A 31 -9.38 7.60 -2.30
N VAL A 32 -10.42 7.94 -1.55
CA VAL A 32 -11.41 6.95 -1.14
C VAL A 32 -12.35 6.60 -2.28
N LEU A 33 -12.70 5.32 -2.39
CA LEU A 33 -13.59 4.85 -3.44
C LEU A 33 -14.99 4.58 -2.89
N SER A 34 -15.08 3.70 -1.91
CA SER A 34 -16.35 3.34 -1.30
C SER A 34 -16.26 3.39 0.23
N GLU A 35 -17.39 3.17 0.89
CA GLU A 35 -17.44 3.18 2.34
C GLU A 35 -17.50 1.78 2.90
N ASN A 36 -18.39 0.96 2.33
CA ASN A 36 -18.55 -0.43 2.78
C ASN A 36 -18.76 -1.36 1.59
N PRO A 37 -17.77 -2.22 1.33
CA PRO A 37 -16.54 -2.28 2.13
C PRO A 37 -15.66 -1.05 1.93
N PRO A 38 -14.92 -0.67 2.98
CA PRO A 38 -14.01 0.49 2.94
C PRO A 38 -12.80 0.26 2.04
N SER A 39 -12.83 0.86 0.86
CA SER A 39 -11.74 0.72 -0.09
C SER A 39 -11.19 2.09 -0.50
N PHE A 40 -9.91 2.12 -0.85
CA PHE A 40 -9.26 3.36 -1.26
C PHE A 40 -8.02 3.08 -2.09
N THR A 41 -7.47 4.13 -2.71
CA THR A 41 -6.28 3.99 -3.54
C THR A 41 -5.19 4.95 -3.09
N ILE A 42 -3.94 4.52 -3.20
CA ILE A 42 -2.81 5.34 -2.81
C ILE A 42 -1.85 5.57 -3.98
N THR A 43 -1.75 6.82 -4.43
CA THR A 43 -0.88 7.16 -5.53
C THR A 43 0.54 7.44 -5.05
N VAL A 44 1.50 6.70 -5.59
CA VAL A 44 2.91 6.88 -5.21
C VAL A 44 3.77 7.12 -6.44
N THR A 45 4.22 8.37 -6.60
CA THR A 45 5.06 8.73 -7.72
C THR A 45 6.54 8.66 -7.36
N SER A 46 7.35 8.13 -8.27
CA SER A 46 8.79 8.00 -8.03
C SER A 46 9.50 9.31 -8.35
N GLU A 47 10.77 9.39 -7.96
CA GLU A 47 11.57 10.59 -8.20
C GLU A 47 11.99 10.67 -9.66
N ALA A 48 12.19 11.90 -10.14
CA ALA A 48 12.60 12.11 -11.53
C ALA A 48 13.97 11.52 -11.80
N GLY A 49 14.13 10.91 -12.97
CA GLY A 49 15.40 10.31 -13.33
C GLY A 49 16.22 11.18 -14.26
N GLU A 50 17.12 10.56 -15.01
CA GLU A 50 17.97 11.30 -15.94
C GLU A 50 17.13 12.22 -16.83
N ASN A 51 16.21 11.63 -17.57
CA ASN A 51 15.35 12.39 -18.47
C ASN A 51 14.00 12.67 -17.81
N ASP A 52 13.99 12.76 -16.49
CA ASP A 52 12.77 13.03 -15.75
C ASP A 52 11.86 11.81 -15.74
N GLU A 53 12.46 10.63 -15.74
CA GLU A 53 11.70 9.38 -15.74
C GLU A 53 10.88 9.24 -14.46
N THR A 54 9.56 9.18 -14.61
CA THR A 54 8.66 9.06 -13.47
C THR A 54 7.62 7.97 -13.71
N VAL A 55 7.56 7.00 -12.81
CA VAL A 55 6.60 5.91 -12.92
C VAL A 55 5.63 5.91 -11.75
N GLN A 56 4.37 5.55 -12.03
CA GLN A 56 3.34 5.52 -11.01
C GLN A 56 2.64 4.16 -10.98
N THR A 57 2.02 3.85 -9.85
CA THR A 57 1.31 2.57 -9.70
C THR A 57 0.20 2.68 -8.67
N THR A 58 -1.04 2.64 -9.14
CA THR A 58 -2.20 2.74 -8.27
C THR A 58 -2.35 1.47 -7.42
N LEU A 59 -2.32 1.65 -6.10
CA LEU A 59 -2.46 0.53 -5.18
C LEU A 59 -3.79 0.58 -4.45
N LYS A 60 -4.61 -0.45 -4.64
CA LYS A 60 -5.91 -0.53 -4.01
C LYS A 60 -5.86 -1.42 -2.77
N PHE A 61 -6.08 -0.82 -1.60
CA PHE A 61 -6.07 -1.57 -0.36
C PHE A 61 -7.48 -1.76 0.19
N THR A 62 -7.86 -3.01 0.42
CA THR A 62 -9.19 -3.32 0.94
C THR A 62 -9.10 -4.01 2.30
N TYR A 63 -9.81 -3.47 3.28
CA TYR A 63 -9.82 -4.03 4.62
C TYR A 63 -10.58 -5.35 4.67
N SER A 64 -9.90 -6.41 5.08
CA SER A 64 -10.51 -7.73 5.17
C SER A 64 -11.06 -8.00 6.57
N GLU A 65 -11.99 -8.93 6.67
CA GLU A 65 -12.59 -9.27 7.96
C GLU A 65 -11.52 -9.45 9.03
N LYS A 66 -10.43 -10.11 8.67
CA LYS A 66 -9.33 -10.35 9.59
C LYS A 66 -8.16 -9.41 9.30
N TYR A 67 -8.19 -8.23 9.92
CA TYR A 67 -7.14 -7.24 9.72
C TYR A 67 -7.08 -6.26 10.89
N PRO A 68 -5.86 -5.86 11.27
CA PRO A 68 -4.64 -6.33 10.61
C PRO A 68 -4.35 -7.80 10.90
N ASP A 69 -5.22 -8.43 11.67
CA ASP A 69 -5.06 -9.84 12.03
C ASP A 69 -4.42 -10.60 10.87
N GLU A 70 -5.02 -10.50 9.69
CA GLU A 70 -4.52 -11.19 8.52
C GLU A 70 -4.16 -10.20 7.41
N ALA A 71 -3.18 -10.57 6.58
CA ALA A 71 -2.75 -9.72 5.48
C ALA A 71 -3.95 -9.20 4.68
N PRO A 72 -3.96 -7.87 4.43
CA PRO A 72 -5.03 -7.23 3.68
C PRO A 72 -5.02 -7.61 2.21
N LEU A 73 -5.96 -7.04 1.45
CA LEU A 73 -6.05 -7.33 0.02
C LEU A 73 -5.38 -6.22 -0.80
N TYR A 74 -4.33 -6.58 -1.53
CA TYR A 74 -3.59 -5.62 -2.35
C TYR A 74 -3.70 -5.98 -3.83
N GLU A 75 -3.88 -4.97 -4.67
CA GLU A 75 -3.99 -5.18 -6.10
C GLU A 75 -3.79 -3.87 -6.86
N ILE A 76 -3.06 -3.94 -7.97
CA ILE A 76 -2.80 -2.77 -8.78
C ILE A 76 -3.88 -2.58 -9.85
N PHE A 77 -4.74 -1.58 -9.63
CA PHE A 77 -5.83 -1.29 -10.57
C PHE A 77 -5.27 -0.80 -11.90
N SER A 78 -4.34 0.15 -11.83
CA SER A 78 -3.74 0.71 -13.03
C SER A 78 -2.29 1.11 -12.78
N GLN A 79 -1.48 1.07 -13.83
CA GLN A 79 -0.07 1.43 -13.71
C GLN A 79 0.48 1.93 -15.04
N GLU A 80 1.67 2.50 -15.01
CA GLU A 80 2.31 3.02 -16.22
C GLU A 80 3.82 2.86 -16.16
N ASN A 81 4.43 2.54 -17.31
CA ASN A 81 5.87 2.35 -17.37
C ASN A 81 6.32 1.21 -16.49
N LEU A 82 5.53 0.13 -16.47
CA LEU A 82 5.85 -1.03 -15.66
C LEU A 82 5.42 -2.32 -16.36
N GLU A 83 6.37 -3.21 -16.61
CA GLU A 83 6.08 -4.47 -17.27
C GLU A 83 5.69 -5.54 -16.26
N ASP A 84 5.31 -6.71 -16.76
CA ASP A 84 4.92 -7.82 -15.90
C ASP A 84 5.99 -8.12 -14.87
N ASN A 85 7.25 -8.11 -15.31
CA ASN A 85 8.37 -8.39 -14.41
C ASN A 85 8.44 -7.36 -13.30
N ASP A 86 8.41 -6.08 -13.66
CA ASP A 86 8.47 -5.01 -12.69
C ASP A 86 7.33 -5.12 -11.68
N VAL A 87 6.10 -5.06 -12.18
CA VAL A 87 4.91 -5.16 -11.33
C VAL A 87 5.00 -6.36 -10.40
N SER A 88 5.20 -7.54 -10.98
CA SER A 88 5.30 -8.77 -10.22
C SER A 88 6.20 -8.58 -9.00
N ASP A 89 7.44 -8.15 -9.25
CA ASP A 89 8.40 -7.93 -8.17
C ASP A 89 7.78 -7.11 -7.05
N ILE A 90 6.96 -6.13 -7.43
CA ILE A 90 6.29 -5.27 -6.45
C ILE A 90 5.26 -6.04 -5.64
N LEU A 91 4.65 -7.04 -6.28
CA LEU A 91 3.64 -7.86 -5.62
C LEU A 91 4.28 -8.80 -4.59
N LYS A 92 5.25 -9.58 -5.04
CA LYS A 92 5.95 -10.51 -4.16
C LYS A 92 6.61 -9.77 -2.99
N LEU A 93 6.98 -8.52 -3.23
CA LEU A 93 7.63 -7.70 -2.21
C LEU A 93 6.63 -7.34 -1.10
N LEU A 94 5.40 -7.07 -1.50
CA LEU A 94 4.35 -6.70 -0.54
C LEU A 94 3.83 -7.94 0.18
N ALA A 95 3.86 -9.08 -0.50
CA ALA A 95 3.39 -10.33 0.08
C ALA A 95 4.19 -10.68 1.33
N LEU A 96 5.51 -10.57 1.24
CA LEU A 96 6.39 -10.88 2.37
C LEU A 96 6.36 -9.75 3.40
N GLN A 97 6.75 -8.56 2.98
CA GLN A 97 6.75 -7.40 3.86
C GLN A 97 5.48 -7.33 4.69
N ALA A 98 4.36 -7.66 4.07
CA ALA A 98 3.06 -7.63 4.74
C ALA A 98 2.94 -8.79 5.72
N GLU A 99 3.11 -10.01 5.21
CA GLU A 99 3.02 -11.21 6.04
C GLU A 99 3.86 -11.06 7.29
N GLU A 100 5.01 -10.41 7.16
CA GLU A 100 5.92 -10.21 8.29
C GLU A 100 5.34 -9.20 9.27
N ASN A 101 4.68 -8.17 8.73
CA ASN A 101 4.08 -7.13 9.55
C ASN A 101 2.64 -7.48 9.92
N LEU A 102 2.37 -8.77 10.04
CA LEU A 102 1.03 -9.24 10.38
C LEU A 102 0.74 -9.05 11.87
N GLY A 103 -0.49 -8.67 12.18
CA GLY A 103 -0.88 -8.46 13.56
C GLY A 103 -1.20 -7.01 13.86
N MET A 104 -0.72 -6.11 13.00
CA MET A 104 -0.97 -4.68 13.18
C MET A 104 -1.11 -3.99 11.82
N VAL A 105 -1.60 -2.75 11.85
CA VAL A 105 -1.77 -1.97 10.63
C VAL A 105 -0.43 -1.65 9.98
N MET A 106 -0.24 -2.12 8.76
CA MET A 106 1.01 -1.88 8.03
C MET A 106 0.74 -1.13 6.73
N ILE A 107 -0.34 -0.35 6.71
CA ILE A 107 -0.71 0.41 5.53
C ILE A 107 0.45 1.28 5.05
N PHE A 108 0.98 2.11 5.95
CA PHE A 108 2.09 3.00 5.62
C PHE A 108 3.33 2.19 5.24
N THR A 109 3.82 1.39 6.19
CA THR A 109 5.00 0.57 5.95
C THR A 109 5.01 0.01 4.54
N LEU A 110 3.89 -0.58 4.14
CA LEU A 110 3.76 -1.17 2.81
C LEU A 110 4.11 -0.14 1.73
N VAL A 111 3.44 1.01 1.76
CA VAL A 111 3.68 2.06 0.80
C VAL A 111 5.16 2.45 0.76
N THR A 112 5.78 2.47 1.93
CA THR A 112 7.20 2.83 2.03
C THR A 112 8.06 1.88 1.19
N ALA A 113 7.86 0.59 1.39
CA ALA A 113 8.63 -0.41 0.65
C ALA A 113 8.41 -0.26 -0.85
N VAL A 114 7.21 0.16 -1.23
CA VAL A 114 6.87 0.34 -2.65
C VAL A 114 7.61 1.53 -3.24
N GLN A 115 7.43 2.70 -2.63
CA GLN A 115 8.09 3.92 -3.11
C GLN A 115 9.55 3.65 -3.43
N GLU A 116 10.21 2.87 -2.58
CA GLU A 116 11.61 2.55 -2.78
C GLU A 116 11.81 1.75 -4.07
N LYS A 117 10.97 0.75 -4.28
CA LYS A 117 11.05 -0.09 -5.47
C LYS A 117 10.97 0.77 -6.73
N LEU A 118 9.86 1.50 -6.87
CA LEU A 118 9.66 2.35 -8.03
C LEU A 118 10.89 3.22 -8.29
N ASN A 119 11.52 3.68 -7.22
CA ASN A 119 12.71 4.53 -7.33
C ASN A 119 13.88 3.74 -7.90
N GLU A 120 13.88 2.43 -7.67
CA GLU A 120 14.94 1.57 -8.16
C GLU A 120 14.66 1.11 -9.59
N ILE A 121 13.38 0.86 -9.87
CA ILE A 121 12.97 0.42 -11.20
C ILE A 121 13.07 1.56 -12.22
N VAL A 122 12.55 2.72 -11.85
CA VAL A 122 12.58 3.88 -12.72
C VAL A 122 14.01 4.21 -13.15
N ASP A 123 14.98 3.61 -12.47
CA ASP A 123 16.39 3.83 -12.77
C ASP A 123 16.94 2.70 -13.64
N GLN A 124 16.45 1.49 -13.39
CA GLN A 124 16.92 0.32 -14.14
C GLN A 124 16.49 0.42 -15.60
N ILE A 125 15.27 0.92 -15.82
CA ILE A 125 14.74 1.05 -17.18
C ILE A 125 15.85 1.42 -18.16
N LYS A 126 16.83 2.19 -17.69
CA LYS A 126 17.95 2.60 -18.52
C LYS A 126 18.46 1.45 -19.37
N THR A 127 18.72 0.32 -18.72
CA THR A 127 19.22 -0.87 -19.41
C THR A 127 18.56 -1.01 -20.78
N ARG A 128 17.24 -0.83 -20.81
CA ARG A 128 16.49 -0.94 -22.06
C ARG A 128 17.25 -0.32 -23.22
N GLY A 1 -11.47 2.87 31.42
CA GLY A 1 -11.82 2.51 32.78
C GLY A 1 -11.73 1.02 33.04
N SER A 2 -12.47 0.24 32.26
CA SER A 2 -12.47 -1.21 32.40
C SER A 2 -12.36 -1.90 31.04
N SER A 3 -11.30 -2.68 30.86
CA SER A 3 -11.07 -3.38 29.61
C SER A 3 -10.11 -4.56 29.82
N GLY A 4 -9.92 -5.35 28.76
CA GLY A 4 -9.03 -6.49 28.84
C GLY A 4 -7.85 -6.38 27.89
N SER A 5 -7.01 -7.40 27.88
CA SER A 5 -5.83 -7.41 27.01
C SER A 5 -5.89 -8.57 26.02
N SER A 6 -6.26 -9.75 26.52
CA SER A 6 -6.37 -10.94 25.68
C SER A 6 -7.81 -11.19 25.25
N GLY A 7 -8.19 -10.63 24.11
CA GLY A 7 -9.54 -10.81 23.62
C GLY A 7 -9.71 -10.30 22.20
N MET A 8 -9.97 -9.00 22.06
CA MET A 8 -10.16 -8.39 20.75
C MET A 8 -9.35 -7.10 20.63
N THR A 9 -8.60 -6.98 19.54
CA THR A 9 -7.77 -5.80 19.31
C THR A 9 -8.56 -4.72 18.57
N ASP A 10 -9.84 -4.58 18.91
CA ASP A 10 -10.69 -3.59 18.28
C ASP A 10 -10.33 -3.41 16.80
N TYR A 11 -10.14 -4.53 16.11
CA TYR A 11 -9.78 -4.50 14.70
C TYR A 11 -10.51 -3.36 13.98
N GLY A 12 -11.79 -3.21 14.28
CA GLY A 12 -12.58 -2.16 13.66
C GLY A 12 -11.98 -0.79 13.85
N GLU A 13 -11.82 -0.39 15.10
CA GLU A 13 -11.25 0.92 15.41
C GLU A 13 -9.94 1.15 14.66
N GLU A 14 -9.01 0.22 14.82
CA GLU A 14 -7.72 0.31 14.15
C GLU A 14 -7.87 0.91 12.75
N GLN A 15 -8.69 0.26 11.93
CA GLN A 15 -8.92 0.73 10.57
C GLN A 15 -9.39 2.18 10.56
N ARG A 16 -10.35 2.49 11.42
CA ARG A 16 -10.89 3.84 11.50
C ARG A 16 -9.79 4.84 11.87
N ASN A 17 -9.23 4.67 13.06
CA ASN A 17 -8.17 5.57 13.53
C ASN A 17 -7.11 5.77 12.44
N GLU A 18 -6.51 4.68 11.99
CA GLU A 18 -5.49 4.75 10.96
C GLU A 18 -5.98 5.54 9.75
N LEU A 19 -7.01 5.01 9.09
CA LEU A 19 -7.58 5.67 7.92
C LEU A 19 -7.57 7.19 8.08
N GLU A 20 -8.18 7.65 9.17
CA GLU A 20 -8.24 9.08 9.46
C GLU A 20 -6.86 9.71 9.39
N ALA A 21 -5.88 9.04 9.98
CA ALA A 21 -4.50 9.53 9.98
C ALA A 21 -3.98 9.71 8.56
N LEU A 22 -4.03 8.63 7.77
CA LEU A 22 -3.55 8.66 6.40
C LEU A 22 -4.09 9.89 5.66
N GLU A 23 -5.28 10.34 6.07
CA GLU A 23 -5.90 11.51 5.46
C GLU A 23 -4.94 12.70 5.45
N SER A 24 -4.30 12.95 6.59
CA SER A 24 -3.36 14.06 6.71
C SER A 24 -2.16 13.86 5.77
N ILE A 25 -1.40 12.79 6.02
CA ILE A 25 -0.23 12.49 5.20
C ILE A 25 -0.56 12.60 3.71
N TYR A 26 -1.71 12.05 3.33
CA TYR A 26 -2.13 12.07 1.94
C TYR A 26 -3.26 13.09 1.72
N PRO A 27 -2.90 14.25 1.15
CA PRO A 27 -3.86 15.33 0.88
C PRO A 27 -4.84 14.97 -0.22
N ASP A 28 -4.31 14.46 -1.33
CA ASP A 28 -5.14 14.07 -2.46
C ASP A 28 -4.80 12.67 -2.94
N SER A 29 -3.53 12.30 -2.82
CA SER A 29 -3.07 10.98 -3.24
C SER A 29 -3.97 9.89 -2.69
N PHE A 30 -4.68 10.21 -1.61
CA PHE A 30 -5.59 9.25 -0.99
C PHE A 30 -7.00 9.41 -1.52
N THR A 31 -7.38 8.55 -2.46
CA THR A 31 -8.72 8.60 -3.04
C THR A 31 -9.53 7.36 -2.67
N VAL A 32 -10.73 7.58 -2.15
CA VAL A 32 -11.61 6.50 -1.74
C VAL A 32 -12.48 6.03 -2.90
N LEU A 33 -12.49 4.72 -3.15
CA LEU A 33 -13.28 4.15 -4.23
C LEU A 33 -14.71 3.89 -3.78
N SER A 34 -14.85 3.25 -2.63
CA SER A 34 -16.17 2.93 -2.08
C SER A 34 -16.19 3.11 -0.57
N GLU A 35 -17.38 3.04 0.01
CA GLU A 35 -17.54 3.19 1.45
C GLU A 35 -17.53 1.84 2.15
N ASN A 36 -18.39 0.93 1.69
CA ASN A 36 -18.49 -0.40 2.27
C ASN A 36 -18.53 -1.47 1.18
N PRO A 37 -17.49 -2.31 1.13
CA PRO A 37 -16.36 -2.23 2.07
C PRO A 37 -15.50 -0.99 1.84
N PRO A 38 -14.71 -0.60 2.86
CA PRO A 38 -13.84 0.56 2.78
C PRO A 38 -12.66 0.34 1.83
N SER A 39 -12.91 0.53 0.54
CA SER A 39 -11.88 0.34 -0.47
C SER A 39 -11.35 1.69 -0.97
N PHE A 40 -10.04 1.77 -1.16
CA PHE A 40 -9.41 3.00 -1.62
C PHE A 40 -8.12 2.70 -2.37
N THR A 41 -7.50 3.74 -2.93
CA THR A 41 -6.26 3.59 -3.67
C THR A 41 -5.29 4.73 -3.38
N ILE A 42 -4.01 4.44 -3.35
CA ILE A 42 -2.98 5.43 -3.08
C ILE A 42 -2.08 5.64 -4.29
N THR A 43 -1.77 6.90 -4.59
CA THR A 43 -0.91 7.23 -5.72
C THR A 43 0.53 7.41 -5.28
N VAL A 44 1.45 6.75 -5.97
CA VAL A 44 2.88 6.85 -5.65
C VAL A 44 3.71 6.99 -6.91
N THR A 45 4.54 8.02 -6.95
CA THR A 45 5.40 8.27 -8.09
C THR A 45 6.87 8.33 -7.69
N SER A 46 7.73 7.73 -8.51
CA SER A 46 9.17 7.71 -8.23
C SER A 46 9.81 9.06 -8.56
N GLU A 47 10.99 9.29 -8.01
CA GLU A 47 11.71 10.53 -8.25
C GLU A 47 12.19 10.61 -9.70
N ALA A 48 12.70 11.78 -10.08
CA ALA A 48 13.21 11.99 -11.44
C ALA A 48 14.57 11.36 -11.61
N GLY A 49 14.72 10.57 -12.69
CA GLY A 49 16.00 9.93 -12.95
C GLY A 49 16.92 10.78 -13.79
N GLU A 50 17.56 10.16 -14.78
CA GLU A 50 18.48 10.88 -15.66
C GLU A 50 17.72 11.65 -16.73
N ASN A 51 16.68 11.03 -17.27
CA ASN A 51 15.86 11.66 -18.31
C ASN A 51 14.50 12.07 -17.75
N ASP A 52 14.46 12.37 -16.46
CA ASP A 52 13.22 12.79 -15.81
C ASP A 52 12.16 11.70 -15.91
N GLU A 53 12.60 10.44 -15.81
CA GLU A 53 11.69 9.31 -15.89
C GLU A 53 10.88 9.17 -14.61
N THR A 54 9.55 9.06 -14.75
CA THR A 54 8.67 8.93 -13.61
C THR A 54 7.71 7.76 -13.79
N VAL A 55 7.51 6.99 -12.73
CA VAL A 55 6.61 5.84 -12.78
C VAL A 55 5.58 5.90 -11.66
N GLN A 56 4.31 5.84 -12.02
CA GLN A 56 3.22 5.89 -11.04
C GLN A 56 2.46 4.58 -11.02
N THR A 57 1.86 4.27 -9.87
CA THR A 57 1.10 3.05 -9.71
C THR A 57 -0.06 3.24 -8.73
N THR A 58 -1.16 2.54 -9.00
CA THR A 58 -2.34 2.64 -8.14
C THR A 58 -2.53 1.36 -7.32
N LEU A 59 -2.26 1.47 -6.02
CA LEU A 59 -2.41 0.32 -5.13
C LEU A 59 -3.79 0.30 -4.48
N LYS A 60 -4.54 -0.77 -4.72
CA LYS A 60 -5.88 -0.92 -4.18
C LYS A 60 -5.85 -1.77 -2.90
N PHE A 61 -5.89 -1.11 -1.75
CA PHE A 61 -5.88 -1.81 -0.48
C PHE A 61 -7.29 -2.01 0.05
N THR A 62 -7.57 -3.22 0.54
CA THR A 62 -8.89 -3.53 1.08
C THR A 62 -8.79 -4.07 2.50
N TYR A 63 -9.72 -3.65 3.35
CA TYR A 63 -9.75 -4.07 4.74
C TYR A 63 -10.59 -5.33 4.92
N SER A 64 -9.96 -6.39 5.42
CA SER A 64 -10.65 -7.66 5.62
C SER A 64 -11.10 -7.80 7.08
N GLU A 65 -12.13 -8.60 7.30
CA GLU A 65 -12.66 -8.81 8.64
C GLU A 65 -11.52 -9.06 9.64
N LYS A 66 -10.57 -9.89 9.25
CA LYS A 66 -9.42 -10.20 10.10
C LYS A 66 -8.18 -9.42 9.68
N TYR A 67 -8.05 -8.20 10.20
CA TYR A 67 -6.91 -7.35 9.86
C TYR A 67 -6.66 -6.33 10.96
N PRO A 68 -5.37 -6.03 11.21
CA PRO A 68 -4.26 -6.65 10.47
C PRO A 68 -4.09 -8.13 10.81
N ASP A 69 -4.99 -8.64 11.67
CA ASP A 69 -4.94 -10.04 12.08
C ASP A 69 -4.43 -10.92 10.94
N GLU A 70 -4.98 -10.71 9.74
CA GLU A 70 -4.58 -11.49 8.58
C GLU A 70 -4.18 -10.57 7.42
N ALA A 71 -3.20 -11.01 6.65
CA ALA A 71 -2.72 -10.23 5.51
C ALA A 71 -3.89 -9.73 4.66
N PRO A 72 -3.96 -8.41 4.47
CA PRO A 72 -5.01 -7.77 3.69
C PRO A 72 -4.89 -8.06 2.20
N LEU A 73 -5.71 -7.40 1.39
CA LEU A 73 -5.69 -7.59 -0.06
C LEU A 73 -4.90 -6.48 -0.74
N TYR A 74 -4.16 -6.86 -1.78
CA TYR A 74 -3.36 -5.89 -2.52
C TYR A 74 -3.38 -6.20 -4.02
N GLU A 75 -3.68 -5.18 -4.82
CA GLU A 75 -3.75 -5.34 -6.27
C GLU A 75 -3.57 -4.00 -6.97
N ILE A 76 -2.68 -3.97 -7.97
CA ILE A 76 -2.42 -2.76 -8.73
C ILE A 76 -3.49 -2.53 -9.79
N PHE A 77 -4.39 -1.58 -9.52
CA PHE A 77 -5.46 -1.26 -10.45
C PHE A 77 -4.89 -0.78 -11.79
N SER A 78 -3.92 0.13 -11.72
CA SER A 78 -3.30 0.67 -12.92
C SER A 78 -1.85 1.04 -12.65
N GLN A 79 -1.01 0.91 -13.68
CA GLN A 79 0.41 1.23 -13.55
C GLN A 79 0.93 1.87 -14.84
N GLU A 80 1.92 2.75 -14.69
CA GLU A 80 2.51 3.43 -15.85
C GLU A 80 4.00 3.12 -15.95
N ASN A 81 4.44 2.77 -17.16
CA ASN A 81 5.84 2.43 -17.39
C ASN A 81 6.28 1.24 -16.55
N LEU A 82 5.41 0.24 -16.44
CA LEU A 82 5.71 -0.95 -15.67
C LEU A 82 5.25 -2.21 -16.40
N GLU A 83 6.20 -3.06 -16.75
CA GLU A 83 5.90 -4.30 -17.46
C GLU A 83 5.52 -5.41 -16.47
N ASP A 84 4.86 -6.44 -16.97
CA ASP A 84 4.44 -7.56 -16.14
C ASP A 84 5.50 -7.87 -15.08
N ASN A 85 6.77 -7.71 -15.45
CA ASN A 85 7.87 -7.98 -14.53
C ASN A 85 7.89 -6.95 -13.40
N ASP A 86 8.05 -5.68 -13.76
CA ASP A 86 8.10 -4.61 -12.77
C ASP A 86 6.92 -4.73 -11.80
N VAL A 87 5.72 -4.94 -12.34
CA VAL A 87 4.52 -5.06 -11.52
C VAL A 87 4.65 -6.24 -10.55
N SER A 88 5.01 -7.39 -11.08
CA SER A 88 5.17 -8.59 -10.26
C SER A 88 6.14 -8.35 -9.11
N ASP A 89 7.35 -7.93 -9.46
CA ASP A 89 8.38 -7.66 -8.47
C ASP A 89 7.78 -6.99 -7.24
N ILE A 90 6.95 -5.97 -7.47
CA ILE A 90 6.30 -5.25 -6.38
C ILE A 90 5.30 -6.14 -5.64
N LEU A 91 4.50 -6.87 -6.40
CA LEU A 91 3.51 -7.76 -5.83
C LEU A 91 4.14 -8.70 -4.80
N LYS A 92 5.16 -9.45 -5.24
CA LYS A 92 5.85 -10.38 -4.36
C LYS A 92 6.34 -9.67 -3.10
N LEU A 93 7.02 -8.55 -3.28
CA LEU A 93 7.55 -7.77 -2.16
C LEU A 93 6.47 -7.54 -1.11
N LEU A 94 5.33 -7.01 -1.56
CA LEU A 94 4.22 -6.73 -0.65
C LEU A 94 3.78 -8.00 0.07
N ALA A 95 3.74 -9.11 -0.66
CA ALA A 95 3.34 -10.39 -0.08
C ALA A 95 4.07 -10.66 1.23
N LEU A 96 5.40 -10.75 1.16
CA LEU A 96 6.22 -11.01 2.34
C LEU A 96 6.07 -9.89 3.36
N GLN A 97 6.51 -8.69 2.97
CA GLN A 97 6.43 -7.52 3.86
C GLN A 97 5.16 -7.58 4.70
N ALA A 98 4.02 -7.71 4.02
CA ALA A 98 2.73 -7.76 4.70
C ALA A 98 2.69 -8.90 5.71
N GLU A 99 2.97 -10.12 5.24
CA GLU A 99 2.97 -11.28 6.11
C GLU A 99 3.94 -11.11 7.27
N GLU A 100 4.95 -10.28 7.07
CA GLU A 100 5.95 -10.02 8.09
C GLU A 100 5.47 -8.96 9.08
N ASN A 101 4.54 -8.12 8.61
CA ASN A 101 4.00 -7.06 9.45
C ASN A 101 2.57 -7.39 9.90
N LEU A 102 2.27 -8.69 9.95
CA LEU A 102 0.96 -9.15 10.37
C LEU A 102 0.74 -8.88 11.86
N GLY A 103 -0.50 -8.55 12.22
CA GLY A 103 -0.82 -8.28 13.61
C GLY A 103 -1.06 -6.81 13.86
N MET A 104 -0.39 -5.96 13.10
CA MET A 104 -0.52 -4.51 13.25
C MET A 104 -0.65 -3.83 11.89
N VAL A 105 -1.39 -2.73 11.86
CA VAL A 105 -1.59 -1.98 10.62
C VAL A 105 -0.27 -1.72 9.91
N MET A 106 -0.21 -2.02 8.62
CA MET A 106 0.99 -1.82 7.83
C MET A 106 0.68 -1.05 6.56
N ILE A 107 -0.42 -0.32 6.56
CA ILE A 107 -0.82 0.47 5.40
C ILE A 107 0.22 1.52 5.06
N PHE A 108 0.91 2.02 6.09
CA PHE A 108 1.94 3.04 5.90
C PHE A 108 3.26 2.39 5.49
N THR A 109 3.55 1.23 6.06
CA THR A 109 4.78 0.52 5.77
C THR A 109 4.77 -0.01 4.34
N LEU A 110 3.71 -0.71 3.97
CA LEU A 110 3.58 -1.27 2.63
C LEU A 110 3.93 -0.23 1.56
N VAL A 111 3.29 0.93 1.64
CA VAL A 111 3.55 2.01 0.70
C VAL A 111 5.02 2.41 0.70
N THR A 112 5.64 2.37 1.88
CA THR A 112 7.04 2.72 2.01
C THR A 112 7.93 1.81 1.17
N ALA A 113 7.73 0.50 1.31
CA ALA A 113 8.49 -0.47 0.55
C ALA A 113 8.31 -0.29 -0.94
N VAL A 114 7.09 0.06 -1.34
CA VAL A 114 6.78 0.27 -2.76
C VAL A 114 7.47 1.51 -3.29
N GLN A 115 7.40 2.60 -2.52
CA GLN A 115 8.02 3.86 -2.92
C GLN A 115 9.48 3.66 -3.26
N GLU A 116 10.18 2.86 -2.46
CA GLU A 116 11.59 2.60 -2.68
C GLU A 116 11.80 1.74 -3.94
N LYS A 117 10.91 0.77 -4.12
CA LYS A 117 11.00 -0.12 -5.28
C LYS A 117 10.97 0.69 -6.58
N LEU A 118 9.93 1.49 -6.74
CA LEU A 118 9.78 2.31 -7.95
C LEU A 118 10.98 3.23 -8.13
N ASN A 119 11.57 3.65 -7.02
CA ASN A 119 12.74 4.53 -7.06
C ASN A 119 13.95 3.79 -7.60
N GLU A 120 13.96 2.47 -7.45
CA GLU A 120 15.07 1.65 -7.92
C GLU A 120 14.78 1.10 -9.32
N ILE A 121 13.50 0.83 -9.59
CA ILE A 121 13.09 0.30 -10.88
C ILE A 121 13.14 1.39 -11.95
N VAL A 122 12.74 2.60 -11.57
CA VAL A 122 12.74 3.72 -12.50
C VAL A 122 14.15 4.02 -13.02
N ASP A 123 15.14 3.43 -12.37
CA ASP A 123 16.54 3.63 -12.76
C ASP A 123 17.01 2.50 -13.67
N GLN A 124 16.54 1.28 -13.39
CA GLN A 124 16.93 0.11 -14.18
C GLN A 124 16.35 0.20 -15.59
N ILE A 125 15.29 0.98 -15.75
CA ILE A 125 14.65 1.16 -17.04
C ILE A 125 15.65 1.60 -18.09
N LYS A 126 16.61 2.43 -17.69
CA LYS A 126 17.64 2.92 -18.59
C LYS A 126 18.29 1.78 -19.35
N THR A 127 18.80 0.80 -18.62
CA THR A 127 19.46 -0.35 -19.23
C THR A 127 18.59 -1.60 -19.11
N ARG A 128 17.38 -1.53 -19.65
CA ARG A 128 16.46 -2.66 -19.58
C ARG A 128 17.15 -3.94 -20.01
N GLY A 1 -8.45 2.71 31.98
CA GLY A 1 -7.27 2.29 32.72
C GLY A 1 -7.00 0.80 32.56
N SER A 2 -8.04 -0.01 32.68
CA SER A 2 -7.89 -1.46 32.54
C SER A 2 -8.64 -1.97 31.31
N SER A 3 -8.00 -2.85 30.56
CA SER A 3 -8.59 -3.41 29.36
C SER A 3 -8.44 -4.93 29.33
N GLY A 4 -9.50 -5.62 28.96
CA GLY A 4 -9.47 -7.08 28.89
C GLY A 4 -9.16 -7.58 27.50
N SER A 5 -8.00 -7.21 26.98
CA SER A 5 -7.58 -7.64 25.64
C SER A 5 -6.78 -8.94 25.71
N SER A 6 -7.41 -10.03 25.29
CA SER A 6 -6.75 -11.33 25.30
C SER A 6 -6.37 -11.76 23.89
N GLY A 7 -5.12 -11.53 23.52
CA GLY A 7 -4.65 -11.90 22.20
C GLY A 7 -5.10 -10.92 21.13
N MET A 8 -6.28 -11.15 20.58
CA MET A 8 -6.83 -10.28 19.54
C MET A 8 -7.14 -8.90 20.10
N THR A 9 -7.12 -7.89 19.24
CA THR A 9 -7.41 -6.52 19.64
C THR A 9 -8.54 -5.93 18.80
N ASP A 10 -9.05 -4.78 19.24
CA ASP A 10 -10.12 -4.10 18.54
C ASP A 10 -9.69 -3.72 17.12
N TYR A 11 -9.81 -4.68 16.20
CA TYR A 11 -9.44 -4.45 14.81
C TYR A 11 -10.26 -3.33 14.19
N GLY A 12 -11.58 -3.45 14.31
CA GLY A 12 -12.47 -2.44 13.76
C GLY A 12 -11.93 -1.03 13.96
N GLU A 13 -11.12 -0.84 14.99
CA GLU A 13 -10.55 0.47 15.28
C GLU A 13 -9.35 0.75 14.39
N GLU A 14 -8.31 -0.08 14.52
CA GLU A 14 -7.09 0.08 13.73
C GLU A 14 -7.43 0.55 12.31
N GLN A 15 -8.42 -0.12 11.70
CA GLN A 15 -8.82 0.22 10.34
C GLN A 15 -9.28 1.68 10.26
N ARG A 16 -10.08 2.10 11.23
CA ARG A 16 -10.58 3.47 11.27
C ARG A 16 -9.47 4.44 11.67
N ASN A 17 -8.90 4.23 12.86
CA ASN A 17 -7.84 5.09 13.35
C ASN A 17 -6.80 5.36 12.27
N GLU A 18 -6.44 4.31 11.53
CA GLU A 18 -5.46 4.44 10.46
C GLU A 18 -6.01 5.29 9.32
N LEU A 19 -7.17 4.91 8.81
CA LEU A 19 -7.80 5.63 7.71
C LEU A 19 -7.64 7.14 7.89
N GLU A 20 -8.09 7.65 9.02
CA GLU A 20 -7.99 9.08 9.31
C GLU A 20 -6.56 9.58 9.09
N ALA A 21 -5.62 9.02 9.85
CA ALA A 21 -4.22 9.41 9.74
C ALA A 21 -3.82 9.59 8.27
N LEU A 22 -4.06 8.56 7.47
CA LEU A 22 -3.72 8.61 6.05
C LEU A 22 -4.36 9.82 5.38
N GLU A 23 -5.54 10.21 5.85
CA GLU A 23 -6.25 11.36 5.29
C GLU A 23 -5.42 12.62 5.43
N SER A 24 -4.50 12.62 6.39
CA SER A 24 -3.64 13.78 6.63
C SER A 24 -2.43 13.75 5.71
N ILE A 25 -1.61 12.71 5.85
CA ILE A 25 -0.41 12.56 5.03
C ILE A 25 -0.77 12.48 3.55
N TYR A 26 -1.92 11.90 3.25
CA TYR A 26 -2.38 11.77 1.87
C TYR A 26 -3.69 12.52 1.65
N PRO A 27 -3.58 13.84 1.45
CA PRO A 27 -4.74 14.71 1.22
C PRO A 27 -5.39 14.46 -0.14
N ASP A 28 -4.56 14.18 -1.14
CA ASP A 28 -5.06 13.92 -2.48
C ASP A 28 -4.66 12.52 -2.95
N SER A 29 -3.48 12.08 -2.51
CA SER A 29 -2.98 10.76 -2.88
C SER A 29 -3.93 9.65 -2.43
N PHE A 30 -4.51 9.84 -1.24
CA PHE A 30 -5.45 8.86 -0.68
C PHE A 30 -6.88 9.20 -1.07
N THR A 31 -7.44 8.39 -1.97
CA THR A 31 -8.81 8.61 -2.43
C THR A 31 -9.67 7.37 -2.20
N VAL A 32 -10.81 7.55 -1.54
CA VAL A 32 -11.71 6.45 -1.26
C VAL A 32 -12.56 6.12 -2.47
N LEU A 33 -12.88 4.84 -2.63
CA LEU A 33 -13.69 4.37 -3.74
C LEU A 33 -15.08 3.91 -3.28
N SER A 34 -15.10 3.11 -2.21
CA SER A 34 -16.35 2.61 -1.66
C SER A 34 -16.33 2.67 -0.13
N GLU A 35 -17.34 3.32 0.44
CA GLU A 35 -17.43 3.44 1.89
C GLU A 35 -17.72 2.08 2.53
N ASN A 36 -18.27 1.17 1.74
CA ASN A 36 -18.59 -0.17 2.24
C ASN A 36 -18.66 -1.17 1.09
N PRO A 37 -17.65 -2.05 1.01
CA PRO A 37 -16.54 -2.07 1.96
C PRO A 37 -15.62 -0.87 1.81
N PRO A 38 -14.91 -0.52 2.89
CA PRO A 38 -13.99 0.62 2.89
C PRO A 38 -12.75 0.37 2.04
N SER A 39 -12.79 0.82 0.80
CA SER A 39 -11.67 0.63 -0.11
C SER A 39 -11.16 1.98 -0.63
N PHE A 40 -9.85 2.06 -0.86
CA PHE A 40 -9.24 3.29 -1.35
C PHE A 40 -7.96 2.99 -2.12
N THR A 41 -7.54 3.93 -2.96
CA THR A 41 -6.33 3.76 -3.76
C THR A 41 -5.33 4.87 -3.47
N ILE A 42 -4.06 4.49 -3.36
CA ILE A 42 -2.99 5.45 -3.08
C ILE A 42 -2.17 5.73 -4.32
N THR A 43 -1.71 6.97 -4.46
CA THR A 43 -0.90 7.37 -5.61
C THR A 43 0.57 7.49 -5.23
N VAL A 44 1.40 6.65 -5.83
CA VAL A 44 2.84 6.67 -5.56
C VAL A 44 3.64 6.80 -6.84
N THR A 45 4.27 7.95 -7.03
CA THR A 45 5.07 8.21 -8.21
C THR A 45 6.56 8.18 -7.89
N SER A 46 7.37 7.83 -8.88
CA SER A 46 8.82 7.76 -8.70
C SER A 46 9.48 9.08 -9.09
N GLU A 47 10.75 9.22 -8.74
CA GLU A 47 11.50 10.43 -9.04
C GLU A 47 11.96 10.44 -10.50
N ALA A 48 12.35 11.60 -10.98
CA ALA A 48 12.81 11.75 -12.36
C ALA A 48 14.18 11.10 -12.55
N GLY A 49 14.37 10.47 -13.70
CA GLY A 49 15.64 9.81 -13.98
C GLY A 49 16.46 10.57 -15.00
N GLU A 50 16.99 9.84 -15.99
CA GLU A 50 17.81 10.44 -17.03
C GLU A 50 16.99 11.43 -17.87
N ASN A 51 16.07 10.90 -18.66
CA ASN A 51 15.22 11.72 -19.51
C ASN A 51 13.93 12.10 -18.78
N ASP A 52 14.04 12.35 -17.48
CA ASP A 52 12.89 12.72 -16.67
C ASP A 52 11.85 11.60 -16.67
N GLU A 53 12.31 10.37 -16.57
CA GLU A 53 11.43 9.21 -16.55
C GLU A 53 10.72 9.08 -15.20
N THR A 54 9.39 9.08 -15.23
CA THR A 54 8.60 8.97 -14.02
C THR A 54 7.56 7.86 -14.13
N VAL A 55 7.49 7.00 -13.11
CA VAL A 55 6.54 5.90 -13.11
C VAL A 55 5.57 6.03 -11.94
N GLN A 56 4.35 5.52 -12.12
CA GLN A 56 3.33 5.58 -11.09
C GLN A 56 2.54 4.27 -11.02
N THR A 57 1.94 4.00 -9.88
CA THR A 57 1.16 2.78 -9.69
C THR A 57 0.04 3.00 -8.67
N THR A 58 -1.19 2.75 -9.09
CA THR A 58 -2.35 2.90 -8.21
C THR A 58 -2.63 1.63 -7.43
N LEU A 59 -2.28 1.63 -6.15
CA LEU A 59 -2.49 0.48 -5.29
C LEU A 59 -3.84 0.58 -4.58
N LYS A 60 -4.66 -0.46 -4.74
CA LYS A 60 -5.97 -0.49 -4.10
C LYS A 60 -5.95 -1.37 -2.85
N PHE A 61 -5.92 -0.73 -1.69
CA PHE A 61 -5.90 -1.46 -0.42
C PHE A 61 -7.32 -1.66 0.11
N THR A 62 -7.65 -2.91 0.44
CA THR A 62 -8.97 -3.25 0.96
C THR A 62 -8.87 -3.85 2.36
N TYR A 63 -9.71 -3.36 3.27
CA TYR A 63 -9.72 -3.84 4.64
C TYR A 63 -10.43 -5.18 4.74
N SER A 64 -9.65 -6.26 4.77
CA SER A 64 -10.20 -7.60 4.86
C SER A 64 -10.81 -7.85 6.24
N GLU A 65 -11.77 -8.77 6.30
CA GLU A 65 -12.44 -9.09 7.55
C GLU A 65 -11.42 -9.42 8.64
N LYS A 66 -10.21 -9.76 8.22
CA LYS A 66 -9.14 -10.10 9.15
C LYS A 66 -7.91 -9.22 8.92
N TYR A 67 -7.79 -8.16 9.71
CA TYR A 67 -6.67 -7.24 9.59
C TYR A 67 -6.63 -6.27 10.77
N PRO A 68 -5.41 -5.89 11.17
CA PRO A 68 -4.18 -6.37 10.54
C PRO A 68 -3.92 -7.85 10.82
N ASP A 69 -4.62 -8.38 11.81
CA ASP A 69 -4.47 -9.79 12.18
C ASP A 69 -4.04 -10.62 10.97
N GLU A 70 -4.65 -10.36 9.82
CA GLU A 70 -4.33 -11.08 8.59
C GLU A 70 -4.02 -10.11 7.46
N ALA A 71 -3.08 -10.49 6.61
CA ALA A 71 -2.69 -9.65 5.47
C ALA A 71 -3.91 -9.26 4.65
N PRO A 72 -4.07 -7.94 4.43
CA PRO A 72 -5.19 -7.40 3.66
C PRO A 72 -5.09 -7.74 2.17
N LEU A 73 -5.88 -7.05 1.36
CA LEU A 73 -5.88 -7.28 -0.08
C LEU A 73 -5.20 -6.12 -0.81
N TYR A 74 -4.33 -6.46 -1.75
CA TYR A 74 -3.60 -5.46 -2.52
C TYR A 74 -3.65 -5.77 -4.01
N GLU A 75 -4.07 -4.79 -4.80
CA GLU A 75 -4.17 -4.95 -6.24
C GLU A 75 -3.78 -3.67 -6.97
N ILE A 76 -3.15 -3.81 -8.13
CA ILE A 76 -2.73 -2.67 -8.92
C ILE A 76 -3.76 -2.33 -10.00
N PHE A 77 -4.52 -1.26 -9.76
CA PHE A 77 -5.55 -0.84 -10.71
C PHE A 77 -4.93 -0.46 -12.05
N SER A 78 -3.79 0.23 -11.99
CA SER A 78 -3.10 0.65 -13.21
C SER A 78 -1.66 1.06 -12.90
N GLN A 79 -0.80 0.99 -13.90
CA GLN A 79 0.60 1.35 -13.74
C GLN A 79 1.18 1.92 -15.03
N GLU A 80 2.32 2.59 -14.92
CA GLU A 80 2.97 3.20 -16.09
C GLU A 80 4.47 2.91 -16.08
N ASN A 81 5.00 2.57 -17.24
CA ASN A 81 6.42 2.27 -17.38
C ASN A 81 6.81 1.09 -16.48
N LEU A 82 5.98 0.05 -16.48
CA LEU A 82 6.24 -1.13 -15.67
C LEU A 82 5.72 -2.39 -16.37
N GLU A 83 6.62 -3.31 -16.68
CA GLU A 83 6.25 -4.55 -17.34
C GLU A 83 5.77 -5.59 -16.32
N ASP A 84 5.20 -6.68 -16.83
CA ASP A 84 4.71 -7.75 -15.96
C ASP A 84 5.76 -8.16 -14.95
N ASN A 85 7.02 -8.19 -15.38
CA ASN A 85 8.12 -8.58 -14.51
C ASN A 85 8.26 -7.60 -13.35
N ASP A 86 8.21 -6.30 -13.66
CA ASP A 86 8.32 -5.27 -12.64
C ASP A 86 7.08 -5.25 -11.75
N VAL A 87 5.92 -5.09 -12.36
CA VAL A 87 4.66 -5.05 -11.62
C VAL A 87 4.58 -6.19 -10.62
N SER A 88 4.92 -7.40 -11.07
CA SER A 88 4.88 -8.57 -10.21
C SER A 88 5.79 -8.38 -8.99
N ASP A 89 7.08 -8.23 -9.25
CA ASP A 89 8.05 -8.04 -8.18
C ASP A 89 7.50 -7.10 -7.10
N ILE A 90 6.70 -6.13 -7.53
CA ILE A 90 6.12 -5.17 -6.60
C ILE A 90 5.03 -5.83 -5.75
N LEU A 91 4.27 -6.73 -6.36
CA LEU A 91 3.21 -7.42 -5.65
C LEU A 91 3.77 -8.33 -4.57
N LYS A 92 4.53 -9.34 -4.98
CA LYS A 92 5.13 -10.28 -4.04
C LYS A 92 5.78 -9.54 -2.87
N LEU A 93 6.42 -8.41 -3.18
CA LEU A 93 7.08 -7.62 -2.16
C LEU A 93 6.10 -7.18 -1.07
N LEU A 94 4.85 -6.93 -1.49
CA LEU A 94 3.82 -6.52 -0.56
C LEU A 94 3.37 -7.67 0.33
N ALA A 95 3.48 -8.89 -0.20
CA ALA A 95 3.10 -10.09 0.54
C ALA A 95 3.96 -10.26 1.79
N LEU A 96 5.24 -10.49 1.59
CA LEU A 96 6.17 -10.67 2.70
C LEU A 96 6.01 -9.56 3.74
N GLN A 97 6.25 -8.33 3.31
CA GLN A 97 6.13 -7.18 4.21
C GLN A 97 4.97 -7.37 5.17
N ALA A 98 3.76 -7.54 4.61
CA ALA A 98 2.57 -7.73 5.42
C ALA A 98 2.72 -8.93 6.35
N GLU A 99 3.02 -10.09 5.78
CA GLU A 99 3.19 -11.30 6.55
C GLU A 99 4.04 -11.05 7.79
N GLU A 100 5.05 -10.21 7.64
CA GLU A 100 5.94 -9.88 8.76
C GLU A 100 5.35 -8.76 9.62
N ASN A 101 4.63 -7.85 8.97
CA ASN A 101 4.01 -6.72 9.67
C ASN A 101 2.61 -7.10 10.15
N LEU A 102 2.34 -8.39 10.21
CA LEU A 102 1.04 -8.87 10.65
C LEU A 102 0.79 -8.50 12.11
N GLY A 103 -0.47 -8.25 12.45
CA GLY A 103 -0.82 -7.89 13.81
C GLY A 103 -0.86 -6.40 14.03
N MET A 104 -0.24 -5.66 13.10
CA MET A 104 -0.20 -4.20 13.19
C MET A 104 -0.39 -3.57 11.82
N VAL A 105 -1.15 -2.48 11.77
CA VAL A 105 -1.42 -1.77 10.52
C VAL A 105 -0.14 -1.64 9.70
N MET A 106 -0.21 -2.08 8.44
CA MET A 106 0.94 -2.01 7.55
C MET A 106 0.59 -1.24 6.28
N ILE A 107 -0.44 -0.41 6.37
CA ILE A 107 -0.88 0.40 5.23
C ILE A 107 0.15 1.47 4.89
N PHE A 108 0.68 2.13 5.92
CA PHE A 108 1.68 3.18 5.72
C PHE A 108 3.06 2.58 5.46
N THR A 109 3.32 1.42 6.06
CA THR A 109 4.59 0.74 5.90
C THR A 109 4.75 0.19 4.49
N LEU A 110 3.72 -0.49 3.99
CA LEU A 110 3.74 -1.05 2.65
C LEU A 110 4.15 0.00 1.63
N VAL A 111 3.31 1.02 1.48
CA VAL A 111 3.59 2.10 0.53
C VAL A 111 5.08 2.42 0.47
N THR A 112 5.67 2.63 1.64
CA THR A 112 7.09 2.94 1.72
C THR A 112 7.93 1.92 0.96
N ALA A 113 7.71 0.65 1.26
CA ALA A 113 8.44 -0.42 0.60
C ALA A 113 8.20 -0.42 -0.90
N VAL A 114 6.98 -0.08 -1.30
CA VAL A 114 6.62 -0.03 -2.71
C VAL A 114 7.36 1.10 -3.42
N GLN A 115 7.39 2.27 -2.79
CA GLN A 115 8.07 3.43 -3.37
C GLN A 115 9.52 3.12 -3.67
N GLU A 116 10.18 2.42 -2.75
CA GLU A 116 11.58 2.05 -2.92
C GLU A 116 11.76 1.15 -4.14
N LYS A 117 10.74 0.36 -4.44
CA LYS A 117 10.78 -0.56 -5.57
C LYS A 117 10.71 0.20 -6.88
N LEU A 118 9.79 1.17 -6.96
CA LEU A 118 9.62 1.96 -8.16
C LEU A 118 10.89 2.75 -8.48
N ASN A 119 11.51 3.32 -7.45
CA ASN A 119 12.73 4.09 -7.62
C ASN A 119 13.87 3.20 -8.11
N GLU A 120 13.79 1.91 -7.80
CA GLU A 120 14.82 0.96 -8.21
C GLU A 120 14.67 0.62 -9.70
N ILE A 121 13.44 0.42 -10.13
CA ILE A 121 13.17 0.09 -11.53
C ILE A 121 13.42 1.28 -12.43
N VAL A 122 12.85 2.43 -12.08
CA VAL A 122 13.01 3.64 -12.86
C VAL A 122 14.48 3.96 -13.08
N ASP A 123 15.33 3.46 -12.20
CA ASP A 123 16.77 3.68 -12.30
C ASP A 123 17.41 2.68 -13.25
N GLN A 124 16.73 1.56 -13.48
CA GLN A 124 17.23 0.53 -14.37
C GLN A 124 16.75 0.78 -15.80
N ILE A 125 15.76 1.63 -15.95
CA ILE A 125 15.20 1.95 -17.26
C ILE A 125 16.26 2.59 -18.16
N LYS A 126 17.35 3.04 -17.56
CA LYS A 126 18.44 3.67 -18.30
C LYS A 126 19.29 2.61 -19.01
N THR A 127 19.56 1.51 -18.31
CA THR A 127 20.36 0.43 -18.87
C THR A 127 19.57 -0.88 -18.91
N ARG A 128 18.25 -0.76 -18.83
CA ARG A 128 17.38 -1.94 -18.85
C ARG A 128 17.91 -2.99 -19.82
#